data_5LCI
#
_entry.id   5LCI
#
_entity_poly.entity_id   1
_entity_poly.type   'polypeptide(L)'
_entity_poly.pdbx_seq_one_letter_code
;GIDPFTQGSAGSGAIGPVEAAIRTKLEEALSPEVLELRNESGGHAVPPGSETHFRVAVVSSRFEGLSPLQRHRLVHAALA
EELGGPVHALAIQARTPAQWRENSQLDTSPPCLGGNKKTLGTP
;
_entity_poly.pdbx_strand_id   A
#
# COMPACT_ATOMS: atom_id res chain seq x y z
N PRO A 17 -0.12 -11.62 9.62
CA PRO A 17 -1.25 -10.89 9.06
C PRO A 17 -0.81 -9.97 7.93
N VAL A 18 -1.61 -9.88 6.87
CA VAL A 18 -1.18 -9.26 5.59
C VAL A 18 -0.76 -7.80 5.72
N GLU A 19 -1.17 -7.12 6.78
CA GLU A 19 -0.86 -5.72 7.05
C GLU A 19 0.56 -5.55 7.60
N ALA A 20 0.98 -6.47 8.47
CA ALA A 20 2.35 -6.61 8.93
C ALA A 20 3.27 -7.14 7.81
N ALA A 21 2.77 -8.06 6.98
CA ALA A 21 3.49 -8.58 5.82
C ALA A 21 3.71 -7.49 4.74
N ILE A 22 2.68 -6.74 4.34
CA ILE A 22 2.79 -5.66 3.34
C ILE A 22 3.64 -4.51 3.88
N ARG A 23 3.49 -4.13 5.15
CA ARG A 23 4.43 -3.23 5.85
C ARG A 23 5.87 -3.67 5.64
N THR A 24 6.21 -4.89 6.04
CA THR A 24 7.57 -5.45 5.90
C THR A 24 8.05 -5.51 4.44
N LYS A 25 7.23 -6.02 3.52
CA LYS A 25 7.52 -6.14 2.08
C LYS A 25 7.74 -4.78 1.43
N LEU A 26 6.92 -3.78 1.74
CA LEU A 26 7.07 -2.41 1.22
C LEU A 26 8.28 -1.70 1.84
N GLU A 27 8.64 -2.01 3.09
CA GLU A 27 9.90 -1.59 3.72
C GLU A 27 11.14 -2.27 3.13
N GLU A 28 11.01 -3.47 2.54
CA GLU A 28 12.03 -4.09 1.68
C GLU A 28 11.99 -3.53 0.22
N ALA A 29 10.85 -3.05 -0.27
CA ALA A 29 10.65 -2.67 -1.68
C ALA A 29 10.93 -1.20 -2.03
N LEU A 30 10.36 -0.24 -1.28
CA LEU A 30 10.31 1.17 -1.66
C LEU A 30 10.72 2.15 -0.57
N SER A 31 11.29 1.63 0.52
CA SER A 31 11.95 2.38 1.60
C SER A 31 11.07 3.55 2.13
N PRO A 32 9.89 3.27 2.71
CA PRO A 32 8.95 4.26 3.23
C PRO A 32 9.52 5.27 4.23
N GLU A 33 8.86 6.42 4.31
CA GLU A 33 8.80 7.24 5.51
C GLU A 33 7.72 6.74 6.47
N VAL A 34 6.50 6.49 5.96
CA VAL A 34 5.28 6.51 6.80
C VAL A 34 4.16 5.67 6.16
N LEU A 35 3.27 5.06 6.96
CA LEU A 35 2.10 4.32 6.47
C LEU A 35 0.85 4.48 7.36
N GLU A 36 -0.34 4.42 6.78
CA GLU A 36 -1.63 4.24 7.47
C GLU A 36 -2.56 3.36 6.63
N LEU A 37 -2.91 2.21 7.18
CA LEU A 37 -3.48 1.09 6.41
C LEU A 37 -4.54 0.28 7.20
N ARG A 38 -5.35 -0.55 6.53
CA ARG A 38 -6.50 -1.27 7.12
C ARG A 38 -6.95 -2.45 6.25
N ASN A 39 -7.36 -3.57 6.87
CA ASN A 39 -8.08 -4.64 6.18
C ASN A 39 -9.61 -4.48 6.24
N GLU A 40 -10.29 -4.63 5.09
CA GLU A 40 -11.75 -4.56 4.97
C GLU A 40 -12.37 -5.98 4.98
N SER A 41 -11.57 -7.00 4.69
CA SER A 41 -11.93 -8.42 4.55
C SER A 41 -12.72 -9.09 5.68
N GLY A 42 -12.78 -8.49 6.87
CA GLY A 42 -13.75 -8.89 7.92
C GLY A 42 -15.21 -8.61 7.53
N GLY A 43 -15.42 -7.96 6.38
CA GLY A 43 -16.69 -7.78 5.68
C GLY A 43 -17.15 -8.97 4.81
N HIS A 44 -16.35 -10.03 4.68
CA HIS A 44 -16.58 -11.12 3.71
C HIS A 44 -16.61 -12.52 4.36
N ALA A 45 -17.32 -13.45 3.72
CA ALA A 45 -17.49 -14.85 4.11
C ALA A 45 -16.25 -15.72 3.77
N VAL A 46 -15.05 -15.20 4.05
CA VAL A 46 -13.75 -15.79 3.69
C VAL A 46 -13.25 -16.77 4.76
N PRO A 47 -12.50 -17.83 4.39
CA PRO A 47 -12.09 -18.89 5.33
C PRO A 47 -11.16 -18.40 6.46
N PRO A 48 -10.96 -19.22 7.52
CA PRO A 48 -9.99 -18.93 8.58
C PRO A 48 -8.57 -18.73 8.04
N GLY A 49 -7.85 -17.76 8.60
CA GLY A 49 -6.52 -17.35 8.13
C GLY A 49 -6.53 -16.50 6.84
N SER A 50 -7.71 -16.13 6.34
CA SER A 50 -7.90 -15.31 5.14
C SER A 50 -8.10 -13.82 5.46
N GLU A 51 -7.35 -12.97 4.76
CA GLU A 51 -7.37 -11.51 4.83
C GLU A 51 -7.28 -10.96 3.38
N THR A 52 -8.34 -11.17 2.60
CA THR A 52 -8.34 -11.07 1.13
C THR A 52 -8.31 -9.63 0.58
N HIS A 53 -8.68 -8.67 1.43
CA HIS A 53 -9.28 -7.41 1.02
C HIS A 53 -8.71 -6.23 1.84
N PHE A 54 -8.12 -5.23 1.19
CA PHE A 54 -7.19 -4.30 1.89
C PHE A 54 -7.11 -2.85 1.35
N ARG A 55 -6.69 -1.94 2.24
CA ARG A 55 -6.45 -0.51 1.98
C ARG A 55 -5.11 -0.08 2.56
N VAL A 56 -4.37 0.75 1.82
CA VAL A 56 -3.08 1.32 2.23
C VAL A 56 -3.03 2.82 1.96
N ALA A 57 -2.37 3.53 2.86
CA ALA A 57 -1.75 4.83 2.57
C ALA A 57 -0.29 4.81 2.98
N VAL A 58 0.53 5.49 2.17
CA VAL A 58 1.96 5.41 2.24
C VAL A 58 2.57 6.79 1.94
N VAL A 59 3.60 7.16 2.68
CA VAL A 59 4.55 8.22 2.32
C VAL A 59 5.92 7.60 2.08
N SER A 60 6.53 7.95 0.94
CA SER A 60 7.93 7.62 0.64
C SER A 60 8.61 8.67 -0.24
N SER A 61 9.90 8.89 -0.02
CA SER A 61 10.79 9.68 -0.90
C SER A 61 10.93 9.09 -2.31
N ARG A 62 10.48 7.84 -2.53
CA ARG A 62 10.46 7.17 -3.84
C ARG A 62 9.30 7.57 -4.76
N PHE A 63 8.39 8.42 -4.29
CA PHE A 63 7.16 8.82 -4.97
C PHE A 63 7.20 10.26 -5.51
N GLU A 64 8.28 11.01 -5.33
CA GLU A 64 8.56 12.24 -6.06
C GLU A 64 9.29 12.07 -7.41
N GLY A 65 9.10 13.04 -8.32
CA GLY A 65 9.56 13.01 -9.72
C GLY A 65 8.47 12.60 -10.72
N LEU A 66 7.21 12.62 -10.28
CA LEU A 66 6.08 11.86 -10.83
C LEU A 66 4.77 12.65 -10.69
N SER A 67 3.82 12.48 -11.62
CA SER A 67 2.39 12.77 -11.39
C SER A 67 1.79 11.74 -10.39
N PRO A 68 0.73 12.08 -9.62
CA PRO A 68 0.06 11.14 -8.73
C PRO A 68 -0.52 9.93 -9.46
N LEU A 69 -1.16 10.14 -10.62
CA LEU A 69 -1.67 9.06 -11.48
C LEU A 69 -0.52 8.24 -12.08
N GLN A 70 0.54 8.90 -12.54
CA GLN A 70 1.75 8.26 -13.09
C GLN A 70 2.38 7.29 -12.07
N ARG A 71 2.60 7.74 -10.82
CA ARG A 71 3.17 6.89 -9.75
C ARG A 71 2.23 5.77 -9.32
N HIS A 72 0.93 6.02 -9.20
CA HIS A 72 -0.08 5.00 -8.94
C HIS A 72 -0.05 3.89 -10.01
N ARG A 73 -0.18 4.25 -11.30
CA ARG A 73 -0.04 3.31 -12.43
C ARG A 73 1.30 2.56 -12.39
N LEU A 74 2.37 3.21 -11.93
CA LEU A 74 3.67 2.55 -11.70
C LEU A 74 3.63 1.49 -10.58
N VAL A 75 3.01 1.75 -9.41
CA VAL A 75 2.88 0.71 -8.35
C VAL A 75 1.95 -0.43 -8.80
N HIS A 76 0.90 -0.09 -9.55
CA HIS A 76 -0.17 -1.00 -9.96
C HIS A 76 0.33 -1.98 -11.02
N ALA A 77 1.14 -1.51 -11.97
CA ALA A 77 1.78 -2.36 -12.98
C ALA A 77 3.11 -2.98 -12.55
N ALA A 78 3.98 -2.26 -11.83
CA ALA A 78 5.25 -2.84 -11.36
C ALA A 78 5.02 -3.81 -10.21
N LEU A 79 4.22 -3.41 -9.22
CA LEU A 79 4.28 -4.02 -7.88
C LEU A 79 3.04 -4.81 -7.51
N ALA A 80 2.30 -5.22 -8.52
CA ALA A 80 1.06 -5.98 -8.34
C ALA A 80 1.12 -7.18 -7.39
N GLU A 81 2.21 -7.96 -7.40
CA GLU A 81 2.42 -9.06 -6.46
C GLU A 81 3.02 -8.61 -5.12
N GLU A 82 3.66 -7.43 -5.06
CA GLU A 82 4.36 -6.93 -3.91
C GLU A 82 3.39 -6.19 -2.98
N LEU A 83 2.35 -5.56 -3.55
CA LEU A 83 1.14 -5.14 -2.88
C LEU A 83 0.14 -6.30 -2.69
N GLY A 84 -0.21 -7.02 -3.75
CA GLY A 84 -1.38 -7.89 -3.85
C GLY A 84 -1.07 -9.38 -3.89
N GLY A 85 0.03 -9.76 -3.23
CA GLY A 85 0.55 -11.13 -3.20
C GLY A 85 -0.36 -12.08 -2.43
N PRO A 86 -0.66 -11.78 -1.14
CA PRO A 86 -1.59 -12.54 -0.29
C PRO A 86 -3.00 -11.93 -0.21
N VAL A 87 -3.25 -10.88 -1.01
CA VAL A 87 -4.46 -10.03 -0.99
C VAL A 87 -5.01 -9.93 -2.40
N HIS A 88 -6.15 -10.58 -2.59
CA HIS A 88 -6.84 -10.72 -3.88
C HIS A 88 -7.56 -9.43 -4.34
N ALA A 89 -7.77 -8.47 -3.43
CA ALA A 89 -8.19 -7.09 -3.77
C ALA A 89 -7.61 -6.04 -2.81
N LEU A 90 -6.99 -4.99 -3.34
CA LEU A 90 -6.55 -3.84 -2.55
C LEU A 90 -6.48 -2.50 -3.29
N ALA A 91 -6.53 -1.41 -2.51
CA ALA A 91 -6.39 -0.03 -2.99
C ALA A 91 -5.32 0.80 -2.23
N ILE A 92 -4.58 1.69 -2.91
CA ILE A 92 -3.54 2.54 -2.32
C ILE A 92 -3.87 4.05 -2.38
N GLN A 93 -3.22 4.84 -1.51
CA GLN A 93 -2.88 6.26 -1.73
C GLN A 93 -1.39 6.50 -1.42
N ALA A 94 -0.64 7.06 -2.37
CA ALA A 94 0.81 7.27 -2.28
C ALA A 94 1.19 8.76 -2.23
N ARG A 95 2.04 9.12 -1.27
CA ARG A 95 2.34 10.51 -0.87
C ARG A 95 3.84 10.77 -0.67
N THR A 96 4.20 12.05 -0.60
CA THR A 96 5.55 12.56 -0.31
C THR A 96 5.62 13.23 1.08
N PRO A 97 6.78 13.18 1.75
CA PRO A 97 6.89 13.64 3.13
C PRO A 97 6.63 15.14 3.27
N ALA A 98 7.12 16.02 2.38
CA ALA A 98 6.82 17.45 2.51
C ALA A 98 5.31 17.76 2.43
N GLN A 99 4.53 17.03 1.62
CA GLN A 99 3.08 17.16 1.59
C GLN A 99 2.47 16.68 2.92
N TRP A 100 2.90 15.51 3.41
CA TRP A 100 2.38 14.92 4.67
C TRP A 100 2.72 15.76 5.92
N ARG A 101 3.92 16.35 5.94
CA ARG A 101 4.44 17.18 7.04
C ARG A 101 3.59 18.44 7.23
N GLU A 102 3.14 19.04 6.13
CA GLU A 102 2.35 20.26 6.15
C GLU A 102 0.84 20.00 6.28
N ASN A 103 0.21 19.32 5.32
CA ASN A 103 -1.27 19.30 5.20
C ASN A 103 -1.89 17.98 4.69
N SER A 104 -1.06 17.05 4.20
CA SER A 104 -1.35 16.07 3.13
C SER A 104 -1.61 16.68 1.73
N PRO A 17 0.78 -11.60 8.36
CA PRO A 17 -0.32 -11.04 7.57
C PRO A 17 0.16 -10.02 6.53
N VAL A 18 -0.68 -9.76 5.52
CA VAL A 18 -0.31 -9.02 4.29
C VAL A 18 0.17 -7.59 4.53
N GLU A 19 -0.26 -7.00 5.63
CA GLU A 19 0.02 -5.60 6.02
C GLU A 19 1.39 -5.47 6.66
N ALA A 20 1.62 -6.28 7.67
CA ALA A 20 2.94 -6.51 8.26
C ALA A 20 3.99 -6.89 7.18
N ALA A 21 3.57 -7.72 6.22
CA ALA A 21 4.37 -8.09 5.05
C ALA A 21 4.64 -6.89 4.14
N ILE A 22 3.64 -6.08 3.73
CA ILE A 22 3.88 -4.92 2.84
C ILE A 22 4.76 -3.87 3.52
N ARG A 23 4.57 -3.63 4.82
CA ARG A 23 5.42 -2.78 5.67
C ARG A 23 6.87 -3.23 5.53
N THR A 24 7.14 -4.48 5.88
CA THR A 24 8.49 -5.09 5.78
C THR A 24 9.07 -5.05 4.35
N LYS A 25 8.31 -5.51 3.36
CA LYS A 25 8.73 -5.66 1.95
C LYS A 25 9.01 -4.32 1.28
N LEU A 26 8.25 -3.28 1.58
CA LEU A 26 8.44 -1.94 1.01
C LEU A 26 9.53 -1.15 1.77
N GLU A 27 9.72 -1.37 3.08
CA GLU A 27 10.98 -0.97 3.75
C GLU A 27 12.22 -1.58 3.09
N GLU A 28 12.15 -2.83 2.65
CA GLU A 28 13.22 -3.49 1.91
C GLU A 28 13.34 -3.00 0.44
N ALA A 29 12.25 -2.60 -0.22
CA ALA A 29 12.27 -2.18 -1.62
C ALA A 29 12.60 -0.69 -1.89
N LEU A 30 11.87 0.26 -1.26
CA LEU A 30 11.84 1.66 -1.68
C LEU A 30 12.02 2.71 -0.57
N SER A 31 12.06 2.29 0.69
CA SER A 31 12.08 3.17 1.87
C SER A 31 10.86 4.13 1.97
N PRO A 32 9.78 3.69 2.61
CA PRO A 32 8.77 4.56 3.22
C PRO A 32 9.33 5.47 4.32
N GLU A 33 8.68 6.61 4.55
CA GLU A 33 8.59 7.21 5.89
C GLU A 33 7.39 6.63 6.61
N VAL A 34 6.22 6.80 5.96
CA VAL A 34 4.94 6.75 6.64
C VAL A 34 4.08 5.61 6.11
N LEU A 35 3.43 4.93 7.05
CA LEU A 35 2.71 3.70 6.79
C LEU A 35 1.52 3.59 7.76
N GLU A 36 0.29 3.64 7.23
CA GLU A 36 -0.94 3.38 8.02
C GLU A 36 -1.97 2.60 7.21
N LEU A 37 -2.41 1.44 7.69
CA LEU A 37 -3.16 0.46 6.88
C LEU A 37 -4.15 -0.46 7.64
N ARG A 38 -5.15 -1.00 6.93
CA ARG A 38 -6.12 -1.99 7.45
C ARG A 38 -6.65 -2.87 6.32
N ASN A 39 -6.71 -4.18 6.55
CA ASN A 39 -7.43 -5.07 5.64
C ASN A 39 -8.97 -4.88 5.77
N GLU A 40 -9.69 -4.97 4.65
CA GLU A 40 -11.12 -4.64 4.55
C GLU A 40 -12.03 -5.88 4.70
N SER A 41 -11.46 -7.06 4.47
CA SER A 41 -12.14 -8.33 4.23
C SER A 41 -13.08 -8.87 5.32
N GLY A 42 -13.01 -8.34 6.54
CA GLY A 42 -14.01 -8.63 7.59
C GLY A 42 -15.41 -8.06 7.30
N GLY A 43 -15.54 -7.19 6.29
CA GLY A 43 -16.81 -6.79 5.66
C GLY A 43 -17.40 -7.83 4.68
N HIS A 44 -16.77 -9.00 4.53
CA HIS A 44 -17.15 -10.12 3.67
C HIS A 44 -17.30 -11.41 4.49
N ALA A 45 -18.01 -12.41 3.95
CA ALA A 45 -18.35 -13.68 4.61
C ALA A 45 -17.19 -14.70 4.70
N VAL A 46 -15.96 -14.21 4.67
CA VAL A 46 -14.73 -15.01 4.46
C VAL A 46 -14.20 -15.64 5.76
N PRO A 47 -13.45 -16.76 5.70
CA PRO A 47 -12.93 -17.44 6.88
C PRO A 47 -12.02 -16.57 7.77
N PRO A 48 -11.82 -16.90 9.06
CA PRO A 48 -10.81 -16.24 9.90
C PRO A 48 -9.41 -16.43 9.29
N GLY A 49 -8.60 -15.37 9.31
CA GLY A 49 -7.32 -15.30 8.59
C GLY A 49 -7.43 -15.14 7.07
N SER A 50 -8.64 -14.93 6.52
CA SER A 50 -8.82 -14.68 5.09
C SER A 50 -8.62 -13.21 4.73
N GLU A 51 -7.62 -12.94 3.89
CA GLU A 51 -7.19 -11.60 3.49
C GLU A 51 -7.41 -11.42 1.98
N THR A 52 -8.68 -11.43 1.57
CA THR A 52 -9.09 -11.20 0.18
C THR A 52 -9.02 -9.72 -0.19
N HIS A 53 -9.09 -8.82 0.78
CA HIS A 53 -9.48 -7.43 0.60
C HIS A 53 -8.62 -6.51 1.46
N PHE A 54 -7.95 -5.52 0.87
CA PHE A 54 -6.84 -4.84 1.56
C PHE A 54 -6.70 -3.32 1.29
N ARG A 55 -6.61 -2.46 2.33
CA ARG A 55 -6.44 -1.00 2.14
C ARG A 55 -5.26 -0.39 2.90
N VAL A 56 -4.54 0.54 2.26
CA VAL A 56 -3.23 1.05 2.72
C VAL A 56 -3.08 2.56 2.49
N ALA A 57 -2.36 3.22 3.39
CA ALA A 57 -1.76 4.54 3.17
C ALA A 57 -0.23 4.42 3.22
N VAL A 58 0.44 4.81 2.12
CA VAL A 58 1.90 4.66 1.91
C VAL A 58 2.57 5.96 1.51
N VAL A 59 3.54 6.41 2.29
CA VAL A 59 4.17 7.72 2.07
C VAL A 59 5.71 7.61 2.13
N SER A 60 6.41 8.19 1.14
CA SER A 60 7.83 7.94 0.87
C SER A 60 8.45 9.08 0.05
N SER A 61 9.75 9.35 0.23
CA SER A 61 10.49 10.28 -0.64
C SER A 61 10.67 9.76 -2.08
N ARG A 62 10.33 8.49 -2.36
CA ARG A 62 10.39 7.90 -3.70
C ARG A 62 9.26 8.36 -4.64
N PHE A 63 8.14 8.88 -4.10
CA PHE A 63 6.93 9.20 -4.85
C PHE A 63 6.91 10.67 -5.35
N GLU A 64 8.08 11.26 -5.59
CA GLU A 64 8.25 12.65 -6.00
C GLU A 64 8.10 12.91 -7.50
N GLY A 65 7.35 13.96 -7.89
CA GLY A 65 7.51 14.68 -9.15
C GLY A 65 6.79 14.04 -10.35
N LEU A 66 6.71 12.71 -10.37
CA LEU A 66 5.79 11.93 -11.19
C LEU A 66 4.31 12.28 -10.92
N SER A 67 3.40 11.96 -11.85
CA SER A 67 1.95 12.08 -11.64
C SER A 67 1.44 11.06 -10.59
N PRO A 68 0.41 11.37 -9.79
CA PRO A 68 -0.18 10.42 -8.84
C PRO A 68 -0.67 9.13 -9.52
N LEU A 69 -1.35 9.24 -10.67
CA LEU A 69 -1.79 8.10 -11.49
C LEU A 69 -0.60 7.32 -12.08
N GLN A 70 0.41 8.03 -12.60
CA GLN A 70 1.66 7.46 -13.10
C GLN A 70 2.35 6.60 -12.02
N ARG A 71 2.46 7.12 -10.79
CA ARG A 71 2.94 6.43 -9.59
C ARG A 71 2.15 5.16 -9.26
N HIS A 72 0.82 5.28 -9.23
CA HIS A 72 -0.10 4.19 -8.95
C HIS A 72 0.07 3.07 -9.99
N ARG A 73 -0.06 3.38 -11.28
CA ARG A 73 0.16 2.45 -12.40
C ARG A 73 1.52 1.74 -12.31
N LEU A 74 2.60 2.51 -12.04
CA LEU A 74 3.96 1.99 -11.83
C LEU A 74 3.98 0.92 -10.73
N VAL A 75 3.63 1.26 -9.48
CA VAL A 75 3.79 0.31 -8.36
C VAL A 75 2.80 -0.87 -8.46
N HIS A 76 1.63 -0.66 -9.04
CA HIS A 76 0.59 -1.68 -9.25
C HIS A 76 0.99 -2.69 -10.33
N ALA A 77 1.69 -2.25 -11.38
CA ALA A 77 2.22 -3.13 -12.42
C ALA A 77 3.55 -3.79 -12.01
N ALA A 78 4.49 -3.02 -11.45
CA ALA A 78 5.78 -3.52 -10.98
C ALA A 78 5.62 -4.48 -9.81
N LEU A 79 4.85 -4.08 -8.79
CA LEU A 79 4.91 -4.74 -7.47
C LEU A 79 3.64 -5.48 -7.09
N ALA A 80 2.89 -5.84 -8.11
CA ALA A 80 1.64 -6.58 -8.00
C ALA A 80 1.67 -7.76 -7.02
N GLU A 81 2.78 -8.52 -6.99
CA GLU A 81 2.94 -9.67 -6.10
C GLU A 81 3.24 -9.26 -4.65
N GLU A 82 3.82 -8.08 -4.42
CA GLU A 82 4.22 -7.56 -3.14
C GLU A 82 3.07 -6.79 -2.47
N LEU A 83 2.35 -6.00 -3.27
CA LEU A 83 1.16 -5.25 -2.94
C LEU A 83 -0.07 -6.13 -2.72
N GLY A 84 -0.34 -7.04 -3.68
CA GLY A 84 -1.67 -7.63 -3.88
C GLY A 84 -1.63 -9.07 -4.37
N GLY A 85 -0.47 -9.69 -4.24
CA GLY A 85 -0.14 -11.00 -4.80
C GLY A 85 -1.04 -12.11 -4.27
N PRO A 86 -1.17 -12.25 -2.94
CA PRO A 86 -2.07 -13.21 -2.32
C PRO A 86 -3.50 -12.67 -2.11
N VAL A 87 -3.81 -11.50 -2.68
CA VAL A 87 -5.01 -10.69 -2.41
C VAL A 87 -5.94 -10.70 -3.63
N HIS A 88 -7.24 -10.40 -3.45
CA HIS A 88 -8.27 -10.43 -4.50
C HIS A 88 -8.72 -9.01 -4.90
N ALA A 89 -8.84 -8.09 -3.92
CA ALA A 89 -9.07 -6.66 -4.12
C ALA A 89 -8.27 -5.81 -3.13
N LEU A 90 -7.89 -4.60 -3.53
CA LEU A 90 -7.18 -3.65 -2.69
C LEU A 90 -7.19 -2.19 -3.18
N ALA A 91 -7.00 -1.23 -2.26
CA ALA A 91 -6.80 0.19 -2.58
C ALA A 91 -5.71 0.90 -1.72
N ILE A 92 -4.75 1.55 -2.39
CA ILE A 92 -3.78 2.47 -1.76
C ILE A 92 -4.20 3.95 -1.86
N GLN A 93 -3.76 4.74 -0.88
CA GLN A 93 -3.39 6.16 -1.07
C GLN A 93 -1.86 6.31 -0.99
N ALA A 94 -1.28 7.22 -1.77
CA ALA A 94 0.18 7.37 -1.93
C ALA A 94 0.64 8.84 -1.84
N ARG A 95 1.65 9.14 -1.00
CA ARG A 95 2.11 10.53 -0.75
C ARG A 95 3.63 10.68 -0.51
N THR A 96 4.10 11.91 -0.32
CA THR A 96 5.46 12.22 0.18
C THR A 96 5.47 12.72 1.65
N PRO A 97 6.62 12.64 2.35
CA PRO A 97 6.70 13.00 3.77
C PRO A 97 6.26 14.44 4.01
N ALA A 98 6.86 15.44 3.36
CA ALA A 98 6.53 16.83 3.69
C ALA A 98 5.10 17.26 3.29
N GLN A 99 4.40 16.57 2.37
CA GLN A 99 2.95 16.77 2.21
C GLN A 99 2.16 16.08 3.34
N TRP A 100 2.56 14.88 3.80
CA TRP A 100 2.03 14.35 5.08
C TRP A 100 2.23 15.33 6.24
N ARG A 101 3.37 16.02 6.31
CA ARG A 101 3.65 17.03 7.36
C ARG A 101 2.69 18.22 7.30
N GLU A 102 2.36 18.72 6.10
CA GLU A 102 1.43 19.84 5.91
C GLU A 102 -0.04 19.43 6.12
N ASN A 103 -0.61 18.56 5.28
CA ASN A 103 -2.03 18.18 5.34
C ASN A 103 -2.35 16.73 4.89
N SER A 104 -1.33 15.93 4.57
CA SER A 104 -1.45 14.69 3.76
C SER A 104 -2.10 14.87 2.37
N PRO A 17 -0.59 -11.18 10.20
CA PRO A 17 -1.52 -10.57 9.26
C PRO A 17 -0.80 -9.98 8.04
N VAL A 18 -1.53 -9.85 6.94
CA VAL A 18 -0.98 -9.27 5.71
C VAL A 18 -0.64 -7.77 5.83
N GLU A 19 -1.10 -7.11 6.91
CA GLU A 19 -0.74 -5.71 7.21
C GLU A 19 0.71 -5.62 7.68
N ALA A 20 1.07 -6.43 8.68
CA ALA A 20 2.45 -6.63 9.13
C ALA A 20 3.36 -7.14 7.99
N ALA A 21 2.85 -8.09 7.18
CA ALA A 21 3.59 -8.59 6.03
C ALA A 21 3.92 -7.47 5.01
N ILE A 22 2.97 -6.56 4.74
CA ILE A 22 3.23 -5.34 3.98
C ILE A 22 4.24 -4.44 4.71
N ARG A 23 4.07 -4.16 6.01
CA ARG A 23 4.96 -3.25 6.76
C ARG A 23 6.43 -3.65 6.57
N THR A 24 6.77 -4.90 6.89
CA THR A 24 8.16 -5.35 6.73
C THR A 24 8.58 -5.54 5.26
N LYS A 25 7.76 -6.09 4.35
CA LYS A 25 8.20 -6.28 2.96
C LYS A 25 8.35 -4.96 2.20
N LEU A 26 7.52 -3.94 2.46
CA LEU A 26 7.67 -2.62 1.86
C LEU A 26 8.79 -1.79 2.53
N GLU A 27 9.09 -1.98 3.83
CA GLU A 27 10.40 -1.54 4.36
C GLU A 27 11.58 -2.14 3.58
N GLU A 28 11.57 -3.44 3.31
CA GLU A 28 12.52 -4.12 2.45
C GLU A 28 12.55 -3.60 1.01
N ALA A 29 11.41 -3.19 0.44
CA ALA A 29 11.31 -2.80 -0.96
C ALA A 29 11.76 -1.35 -1.23
N LEU A 30 11.27 -0.36 -0.46
CA LEU A 30 11.55 1.06 -0.67
C LEU A 30 12.01 1.86 0.56
N SER A 31 12.02 1.25 1.75
CA SER A 31 12.33 1.89 3.05
C SER A 31 11.53 3.20 3.33
N PRO A 32 10.19 3.13 3.48
CA PRO A 32 9.26 4.28 3.51
C PRO A 32 9.54 5.43 4.49
N GLU A 33 8.80 6.53 4.38
CA GLU A 33 8.60 7.46 5.49
C GLU A 33 7.40 7.07 6.38
N VAL A 34 6.28 6.63 5.78
CA VAL A 34 5.24 5.93 6.54
C VAL A 34 4.71 4.74 5.78
N LEU A 35 3.99 3.90 6.52
CA LEU A 35 2.78 3.32 5.97
C LEU A 35 1.72 3.03 7.05
N GLU A 36 0.53 3.62 6.89
CA GLU A 36 -0.64 3.38 7.77
C GLU A 36 -1.79 2.83 6.96
N LEU A 37 -2.31 1.71 7.43
CA LEU A 37 -3.02 0.73 6.59
C LEU A 37 -4.16 0.00 7.31
N ARG A 38 -5.09 -0.62 6.56
CA ARG A 38 -6.36 -1.17 7.09
C ARG A 38 -6.94 -2.23 6.14
N ASN A 39 -7.39 -3.39 6.63
CA ASN A 39 -8.04 -4.39 5.77
C ASN A 39 -9.54 -4.13 5.61
N GLU A 40 -10.05 -4.29 4.37
CA GLU A 40 -11.47 -4.18 4.01
C GLU A 40 -12.21 -5.53 4.18
N SER A 41 -11.43 -6.61 4.27
CA SER A 41 -11.83 -8.02 4.38
C SER A 41 -12.59 -8.38 5.66
N GLY A 42 -12.59 -7.53 6.69
CA GLY A 42 -13.51 -7.66 7.82
C GLY A 42 -14.99 -7.45 7.44
N GLY A 43 -15.24 -6.84 6.27
CA GLY A 43 -16.58 -6.74 5.67
C GLY A 43 -17.03 -7.94 4.82
N HIS A 44 -16.17 -8.94 4.60
CA HIS A 44 -16.46 -10.13 3.78
C HIS A 44 -16.57 -11.39 4.64
N ALA A 45 -17.47 -12.30 4.28
CA ALA A 45 -17.78 -13.55 5.00
C ALA A 45 -16.73 -14.65 4.74
N VAL A 46 -15.45 -14.26 4.72
CA VAL A 46 -14.31 -15.14 4.44
C VAL A 46 -13.86 -15.87 5.72
N PRO A 47 -13.45 -17.15 5.65
CA PRO A 47 -13.15 -17.95 6.83
C PRO A 47 -11.95 -17.41 7.64
N PRO A 48 -11.86 -17.73 8.95
CA PRO A 48 -10.79 -17.24 9.82
C PRO A 48 -9.40 -17.57 9.28
N GLY A 49 -8.47 -16.62 9.42
CA GLY A 49 -7.13 -16.66 8.84
C GLY A 49 -7.04 -16.19 7.38
N SER A 50 -8.15 -16.07 6.65
CA SER A 50 -8.19 -15.46 5.32
C SER A 50 -8.35 -13.96 5.42
N GLU A 51 -7.46 -13.24 4.74
CA GLU A 51 -7.30 -11.78 4.75
C GLU A 51 -7.19 -11.33 3.28
N THR A 52 -8.35 -11.20 2.64
CA THR A 52 -8.51 -11.20 1.18
C THR A 52 -8.45 -9.82 0.53
N HIS A 53 -8.74 -8.77 1.30
CA HIS A 53 -9.21 -7.47 0.82
C HIS A 53 -8.53 -6.36 1.63
N PHE A 54 -7.81 -5.44 0.98
CA PHE A 54 -6.83 -4.60 1.69
C PHE A 54 -6.78 -3.11 1.31
N ARG A 55 -6.36 -2.23 2.23
CA ARG A 55 -6.12 -0.79 1.98
C ARG A 55 -4.80 -0.31 2.60
N VAL A 56 -4.00 0.48 1.87
CA VAL A 56 -2.74 1.07 2.38
C VAL A 56 -2.67 2.58 2.12
N ALA A 57 -2.24 3.34 3.12
CA ALA A 57 -1.73 4.71 2.92
C ALA A 57 -0.19 4.69 3.02
N VAL A 58 0.51 5.11 1.97
CA VAL A 58 1.98 5.04 1.88
C VAL A 58 2.60 6.40 1.55
N VAL A 59 3.71 6.75 2.19
CA VAL A 59 4.38 8.05 1.97
C VAL A 59 5.89 7.91 1.92
N SER A 60 6.47 8.47 0.84
CA SER A 60 7.92 8.47 0.58
C SER A 60 8.33 9.57 -0.42
N SER A 61 9.53 10.11 -0.27
CA SER A 61 10.14 11.05 -1.24
C SER A 61 10.63 10.37 -2.51
N ARG A 62 10.60 9.04 -2.62
CA ARG A 62 10.85 8.31 -3.87
C ARG A 62 9.84 8.64 -4.97
N PHE A 63 8.66 9.12 -4.60
CA PHE A 63 7.52 9.36 -5.48
C PHE A 63 7.48 10.80 -6.02
N GLU A 64 8.56 11.60 -5.88
CA GLU A 64 8.61 12.94 -6.44
C GLU A 64 9.03 12.98 -7.93
N GLY A 65 8.61 14.02 -8.67
CA GLY A 65 9.07 14.34 -10.03
C GLY A 65 8.10 13.98 -11.18
N LEU A 66 6.96 13.39 -10.82
CA LEU A 66 5.89 12.89 -11.67
C LEU A 66 4.53 13.13 -10.96
N SER A 67 3.43 12.87 -11.67
CA SER A 67 2.10 12.76 -11.03
C SER A 67 1.99 11.51 -10.16
N PRO A 68 1.35 11.59 -8.98
CA PRO A 68 0.93 10.43 -8.19
C PRO A 68 0.12 9.40 -8.99
N LEU A 69 -0.62 9.83 -10.03
CA LEU A 69 -1.44 8.95 -10.87
C LEU A 69 -0.61 8.14 -11.88
N GLN A 70 0.48 8.70 -12.41
CA GLN A 70 1.49 7.94 -13.17
C GLN A 70 2.25 6.98 -12.24
N ARG A 71 2.64 7.45 -11.06
CA ARG A 71 3.26 6.64 -9.99
C ARG A 71 2.41 5.38 -9.67
N HIS A 72 1.11 5.57 -9.41
CA HIS A 72 0.13 4.52 -9.19
C HIS A 72 0.03 3.57 -10.41
N ARG A 73 -0.15 4.10 -11.63
CA ARG A 73 -0.16 3.30 -12.87
C ARG A 73 1.07 2.40 -13.00
N LEU A 74 2.26 2.93 -12.71
CA LEU A 74 3.51 2.18 -12.72
C LEU A 74 3.55 1.09 -11.64
N VAL A 75 3.08 1.34 -10.42
CA VAL A 75 2.91 0.29 -9.38
C VAL A 75 1.88 -0.77 -9.80
N HIS A 76 0.81 -0.37 -10.47
CA HIS A 76 -0.32 -1.22 -10.84
C HIS A 76 0.04 -2.17 -11.99
N ALA A 77 0.78 -1.71 -13.00
CA ALA A 77 1.25 -2.54 -14.11
C ALA A 77 2.61 -3.23 -13.90
N ALA A 78 3.52 -2.66 -13.10
CA ALA A 78 4.80 -3.29 -12.79
C ALA A 78 4.73 -4.19 -11.56
N LEU A 79 4.05 -3.75 -10.50
CA LEU A 79 4.21 -4.35 -9.16
C LEU A 79 2.97 -5.05 -8.63
N ALA A 80 2.04 -5.34 -9.52
CA ALA A 80 0.84 -6.09 -9.14
C ALA A 80 1.14 -7.40 -8.40
N GLU A 81 2.24 -8.11 -8.69
CA GLU A 81 2.60 -9.33 -7.97
C GLU A 81 3.36 -9.05 -6.66
N GLU A 82 3.94 -7.86 -6.44
CA GLU A 82 4.57 -7.49 -5.22
C GLU A 82 3.52 -7.05 -4.18
N LEU A 83 2.65 -6.12 -4.58
CA LEU A 83 1.65 -5.51 -3.71
C LEU A 83 0.30 -6.23 -3.75
N GLY A 84 -0.13 -6.71 -4.93
CA GLY A 84 -1.34 -7.52 -5.09
C GLY A 84 -1.07 -9.02 -4.91
N GLY A 85 0.17 -9.40 -4.61
CA GLY A 85 0.58 -10.79 -4.42
C GLY A 85 -0.14 -11.52 -3.27
N PRO A 86 -0.14 -10.97 -2.04
CA PRO A 86 -0.66 -11.67 -0.86
C PRO A 86 -2.21 -11.62 -0.72
N VAL A 87 -2.90 -10.78 -1.49
CA VAL A 87 -4.32 -10.43 -1.40
C VAL A 87 -5.14 -10.97 -2.58
N HIS A 88 -6.47 -10.95 -2.47
CA HIS A 88 -7.42 -11.17 -3.58
C HIS A 88 -8.01 -9.85 -4.14
N ALA A 89 -7.99 -8.77 -3.35
CA ALA A 89 -8.16 -7.38 -3.81
C ALA A 89 -7.50 -6.36 -2.86
N LEU A 90 -7.18 -5.17 -3.37
CA LEU A 90 -6.67 -4.04 -2.61
C LEU A 90 -6.78 -2.66 -3.28
N ALA A 91 -6.68 -1.59 -2.48
CA ALA A 91 -6.44 -0.20 -2.93
C ALA A 91 -5.33 0.55 -2.13
N ILE A 92 -4.53 1.35 -2.83
CA ILE A 92 -3.46 2.20 -2.27
C ILE A 92 -3.79 3.70 -2.38
N GLN A 93 -3.20 4.51 -1.50
CA GLN A 93 -2.96 5.94 -1.74
C GLN A 93 -1.48 6.27 -1.45
N ALA A 94 -0.76 6.80 -2.44
CA ALA A 94 0.66 7.16 -2.34
C ALA A 94 0.89 8.68 -2.37
N ARG A 95 1.70 9.19 -1.42
CA ARG A 95 1.99 10.63 -1.19
C ARG A 95 3.47 10.87 -0.79
N THR A 96 3.83 12.14 -0.54
CA THR A 96 5.19 12.54 -0.08
C THR A 96 5.24 13.11 1.35
N PRO A 97 6.42 13.10 2.02
CA PRO A 97 6.52 13.49 3.44
C PRO A 97 6.01 14.88 3.78
N ALA A 98 6.41 15.94 3.06
CA ALA A 98 6.06 17.32 3.45
C ALA A 98 4.55 17.62 3.42
N GLN A 99 3.78 16.87 2.62
CA GLN A 99 2.31 16.86 2.63
C GLN A 99 1.76 15.91 3.70
N TRP A 100 2.35 14.73 3.96
CA TRP A 100 2.02 13.93 5.18
C TRP A 100 2.16 14.73 6.48
N ARG A 101 3.18 15.59 6.56
CA ARG A 101 3.43 16.46 7.72
C ARG A 101 2.34 17.52 7.87
N GLU A 102 1.85 18.03 6.74
CA GLU A 102 0.90 19.15 6.65
C GLU A 102 -0.57 18.72 6.80
N ASN A 103 -1.11 17.98 5.83
CA ASN A 103 -2.55 17.62 5.79
C ASN A 103 -2.86 16.26 5.11
N SER A 104 -1.81 15.49 4.77
CA SER A 104 -1.81 14.21 4.03
C SER A 104 -2.40 14.21 2.60
N PRO A 17 0.36 -11.30 9.59
CA PRO A 17 -0.65 -10.52 8.87
C PRO A 17 -0.05 -9.90 7.61
N VAL A 18 -0.78 -9.94 6.50
CA VAL A 18 -0.31 -9.43 5.19
C VAL A 18 0.07 -7.94 5.22
N GLU A 19 -0.53 -7.18 6.14
CA GLU A 19 -0.28 -5.75 6.33
C GLU A 19 1.12 -5.51 6.94
N ALA A 20 1.51 -6.35 7.90
CA ALA A 20 2.86 -6.40 8.45
C ALA A 20 3.89 -6.92 7.42
N ALA A 21 3.49 -7.92 6.61
CA ALA A 21 4.30 -8.36 5.47
C ALA A 21 4.55 -7.21 4.47
N ILE A 22 3.55 -6.35 4.18
CA ILE A 22 3.77 -5.11 3.42
C ILE A 22 4.77 -4.20 4.12
N ARG A 23 4.64 -3.94 5.43
CA ARG A 23 5.64 -3.11 6.14
C ARG A 23 7.07 -3.59 5.86
N THR A 24 7.34 -4.90 6.02
CA THR A 24 8.65 -5.49 5.70
C THR A 24 9.04 -5.37 4.21
N LYS A 25 8.14 -5.75 3.30
CA LYS A 25 8.41 -5.81 1.85
C LYS A 25 8.61 -4.43 1.22
N LEU A 26 7.85 -3.42 1.66
CA LEU A 26 7.95 -2.06 1.16
C LEU A 26 9.08 -1.27 1.84
N GLU A 27 9.44 -1.59 3.10
CA GLU A 27 10.77 -1.24 3.62
C GLU A 27 11.89 -1.78 2.71
N GLU A 28 11.82 -3.04 2.25
CA GLU A 28 12.79 -3.58 1.29
C GLU A 28 12.79 -2.81 -0.05
N ALA A 29 11.60 -2.47 -0.56
CA ALA A 29 11.42 -1.93 -1.92
C ALA A 29 11.74 -0.44 -2.12
N LEU A 30 11.26 0.47 -1.24
CA LEU A 30 11.41 1.92 -1.44
C LEU A 30 11.96 2.70 -0.25
N SER A 31 12.00 2.10 0.93
CA SER A 31 12.41 2.75 2.20
C SER A 31 11.51 3.94 2.61
N PRO A 32 10.22 3.72 2.97
CA PRO A 32 9.26 4.76 3.35
C PRO A 32 9.70 5.72 4.47
N GLU A 33 9.13 6.92 4.53
CA GLU A 33 8.96 7.61 5.82
C GLU A 33 7.78 7.00 6.58
N VAL A 34 6.68 6.80 5.85
CA VAL A 34 5.35 6.66 6.41
C VAL A 34 4.56 5.48 5.87
N LEU A 35 3.97 4.73 6.81
CA LEU A 35 2.95 3.71 6.58
C LEU A 35 1.80 3.91 7.58
N GLU A 36 0.54 3.96 7.11
CA GLU A 36 -0.62 3.61 7.92
C GLU A 36 -1.63 2.82 7.07
N LEU A 37 -1.91 1.59 7.50
CA LEU A 37 -2.62 0.60 6.68
C LEU A 37 -3.49 -0.40 7.45
N ARG A 38 -4.37 -1.11 6.73
CA ARG A 38 -5.39 -2.04 7.23
C ARG A 38 -5.74 -3.10 6.20
N ASN A 39 -6.06 -4.32 6.62
CA ASN A 39 -6.78 -5.29 5.79
C ASN A 39 -8.24 -5.45 6.28
N GLU A 40 -9.18 -4.99 5.46
CA GLU A 40 -10.63 -4.88 5.78
C GLU A 40 -11.34 -6.26 5.82
N SER A 41 -10.67 -7.28 5.28
CA SER A 41 -11.08 -8.68 5.11
C SER A 41 -11.63 -9.42 6.34
N GLY A 42 -11.62 -8.83 7.55
CA GLY A 42 -12.42 -9.35 8.66
C GLY A 42 -13.93 -9.15 8.47
N GLY A 43 -14.35 -8.20 7.62
CA GLY A 43 -15.70 -8.12 7.06
C GLY A 43 -15.88 -9.01 5.82
N HIS A 44 -16.79 -8.63 4.93
CA HIS A 44 -17.03 -9.26 3.61
C HIS A 44 -17.46 -10.75 3.63
N ALA A 45 -18.03 -11.23 2.53
CA ALA A 45 -18.57 -12.60 2.40
C ALA A 45 -17.46 -13.61 2.06
N VAL A 46 -16.50 -13.75 2.98
CA VAL A 46 -15.25 -14.52 2.82
C VAL A 46 -15.07 -15.55 3.94
N PRO A 47 -14.14 -16.52 3.82
CA PRO A 47 -13.81 -17.44 4.91
C PRO A 47 -13.15 -16.71 6.10
N PRO A 48 -13.49 -17.04 7.37
CA PRO A 48 -12.90 -16.39 8.53
C PRO A 48 -11.39 -16.64 8.64
N GLY A 49 -10.64 -15.58 8.93
CA GLY A 49 -9.18 -15.58 8.91
C GLY A 49 -8.55 -15.60 7.51
N SER A 50 -9.31 -15.42 6.42
CA SER A 50 -8.76 -15.21 5.08
C SER A 50 -8.46 -13.72 4.86
N GLU A 51 -7.20 -13.40 4.54
CA GLU A 51 -6.72 -12.04 4.29
C GLU A 51 -6.73 -11.76 2.77
N THR A 52 -7.81 -11.19 2.24
CA THR A 52 -8.07 -11.02 0.78
C THR A 52 -8.37 -9.56 0.37
N HIS A 53 -8.48 -8.64 1.35
CA HIS A 53 -9.06 -7.31 1.15
C HIS A 53 -8.22 -6.22 1.84
N PHE A 54 -7.74 -5.20 1.11
CA PHE A 54 -6.62 -4.37 1.58
C PHE A 54 -6.80 -2.85 1.39
N ARG A 55 -6.26 -2.04 2.30
CA ARG A 55 -6.27 -0.56 2.25
C ARG A 55 -4.97 0.01 2.86
N VAL A 56 -4.21 0.80 2.10
CA VAL A 56 -2.89 1.31 2.51
C VAL A 56 -2.75 2.81 2.32
N ALA A 57 -2.11 3.47 3.28
CA ALA A 57 -1.41 4.72 3.06
C ALA A 57 0.07 4.50 3.19
N VAL A 58 0.76 4.93 2.14
CA VAL A 58 2.17 4.84 1.97
C VAL A 58 2.65 6.20 1.50
N VAL A 59 3.63 6.72 2.20
CA VAL A 59 4.14 8.08 1.98
C VAL A 59 5.66 8.09 2.09
N SER A 60 6.28 8.80 1.15
CA SER A 60 7.69 8.64 0.82
C SER A 60 8.25 9.85 0.07
N SER A 61 9.50 10.21 0.37
CA SER A 61 10.31 11.15 -0.40
C SER A 61 10.48 10.77 -1.89
N ARG A 62 10.22 9.51 -2.27
CA ARG A 62 10.45 8.95 -3.61
C ARG A 62 9.27 9.05 -4.58
N PHE A 63 8.07 9.26 -4.06
CA PHE A 63 6.81 9.30 -4.80
C PHE A 63 6.52 10.68 -5.40
N GLU A 64 7.34 11.71 -5.11
CA GLU A 64 7.22 12.99 -5.80
C GLU A 64 7.95 13.05 -7.15
N GLY A 65 7.38 13.74 -8.14
CA GLY A 65 7.84 13.77 -9.53
C GLY A 65 7.13 12.74 -10.44
N LEU A 66 5.90 12.33 -10.08
CA LEU A 66 5.08 11.32 -10.74
C LEU A 66 3.60 11.73 -10.77
N SER A 67 2.90 11.53 -11.89
CA SER A 67 1.43 11.65 -11.99
C SER A 67 0.67 10.60 -11.14
N PRO A 68 -0.66 10.75 -10.92
CA PRO A 68 -1.45 9.81 -10.10
C PRO A 68 -1.56 8.42 -10.74
N LEU A 69 -2.08 8.29 -11.97
CA LEU A 69 -2.12 7.01 -12.67
C LEU A 69 -0.71 6.46 -12.92
N GLN A 70 0.28 7.31 -13.22
CA GLN A 70 1.69 6.93 -13.35
C GLN A 70 2.23 6.24 -12.09
N ARG A 71 2.10 6.84 -10.89
CA ARG A 71 2.60 6.23 -9.65
C ARG A 71 1.84 4.95 -9.27
N HIS A 72 0.52 4.96 -9.47
CA HIS A 72 -0.32 3.78 -9.27
C HIS A 72 0.12 2.62 -10.19
N ARG A 73 0.23 2.85 -11.51
CA ARG A 73 0.76 1.88 -12.49
C ARG A 73 2.16 1.40 -12.15
N LEU A 74 3.04 2.27 -11.64
CA LEU A 74 4.37 1.87 -11.15
C LEU A 74 4.24 0.82 -10.05
N VAL A 75 3.45 1.08 -9.00
CA VAL A 75 3.22 0.10 -7.93
C VAL A 75 2.55 -1.19 -8.44
N HIS A 76 1.61 -1.08 -9.36
CA HIS A 76 0.74 -2.14 -9.84
C HIS A 76 1.41 -3.07 -10.88
N ALA A 77 2.39 -2.56 -11.63
CA ALA A 77 3.28 -3.32 -12.52
C ALA A 77 4.55 -3.84 -11.83
N ALA A 78 5.22 -2.99 -11.04
CA ALA A 78 6.52 -3.31 -10.46
C ALA A 78 6.43 -4.00 -9.09
N LEU A 79 5.35 -3.81 -8.30
CA LEU A 79 5.16 -4.53 -7.02
C LEU A 79 4.01 -5.56 -7.09
N ALA A 80 3.64 -6.04 -8.28
CA ALA A 80 2.32 -6.64 -8.50
C ALA A 80 1.90 -7.81 -7.60
N GLU A 81 2.75 -8.81 -7.38
CA GLU A 81 2.45 -9.95 -6.50
C GLU A 81 2.77 -9.64 -5.02
N GLU A 82 3.57 -8.60 -4.77
CA GLU A 82 4.04 -8.17 -3.48
C GLU A 82 2.96 -7.33 -2.78
N LEU A 83 2.22 -6.52 -3.55
CA LEU A 83 1.03 -5.77 -3.14
C LEU A 83 -0.28 -6.55 -3.36
N GLY A 84 -0.45 -7.11 -4.56
CA GLY A 84 -1.75 -7.54 -5.10
C GLY A 84 -1.84 -9.04 -5.41
N GLY A 85 -0.80 -9.80 -5.06
CA GLY A 85 -0.78 -11.26 -5.26
C GLY A 85 -1.83 -11.99 -4.39
N PRO A 86 -1.72 -11.92 -3.05
CA PRO A 86 -2.55 -12.71 -2.15
C PRO A 86 -3.96 -12.14 -1.94
N VAL A 87 -4.16 -10.83 -2.11
CA VAL A 87 -5.41 -10.10 -1.98
C VAL A 87 -6.17 -10.08 -3.29
N HIS A 88 -7.47 -10.40 -3.23
CA HIS A 88 -8.35 -10.28 -4.39
C HIS A 88 -8.76 -8.81 -4.62
N ALA A 89 -8.78 -7.98 -3.56
CA ALA A 89 -9.07 -6.55 -3.63
C ALA A 89 -8.11 -5.73 -2.77
N LEU A 90 -7.79 -4.53 -3.24
CA LEU A 90 -6.90 -3.57 -2.60
C LEU A 90 -7.07 -2.13 -3.11
N ALA A 91 -6.82 -1.15 -2.24
CA ALA A 91 -6.62 0.26 -2.62
C ALA A 91 -5.43 0.90 -1.88
N ILE A 92 -4.59 1.64 -2.60
CA ILE A 92 -3.49 2.45 -2.03
C ILE A 92 -3.78 3.96 -2.10
N GLN A 93 -3.11 4.70 -1.23
CA GLN A 93 -2.85 6.14 -1.36
C GLN A 93 -1.32 6.36 -1.22
N ALA A 94 -0.68 6.88 -2.26
CA ALA A 94 0.78 6.98 -2.41
C ALA A 94 1.22 8.46 -2.51
N ARG A 95 1.76 9.03 -1.42
CA ARG A 95 1.85 10.49 -1.19
C ARG A 95 3.23 10.97 -0.64
N THR A 96 3.39 12.28 -0.36
CA THR A 96 4.67 12.92 0.04
C THR A 96 4.80 13.32 1.53
N PRO A 97 6.03 13.33 2.09
CA PRO A 97 6.24 13.88 3.43
C PRO A 97 5.86 15.35 3.55
N ALA A 98 6.09 16.19 2.52
CA ALA A 98 5.78 17.61 2.64
C ALA A 98 4.28 17.91 2.82
N GLN A 99 3.38 17.07 2.30
CA GLN A 99 1.95 17.17 2.61
C GLN A 99 1.57 16.41 3.91
N TRP A 100 2.19 15.25 4.20
CA TRP A 100 1.94 14.58 5.50
C TRP A 100 2.33 15.45 6.70
N ARG A 101 3.45 16.18 6.59
CA ARG A 101 4.08 16.95 7.68
C ARG A 101 3.38 18.29 7.96
N GLU A 102 2.84 18.91 6.91
CA GLU A 102 2.17 20.22 6.96
C GLU A 102 0.66 20.07 7.24
N ASN A 103 0.00 19.11 6.61
CA ASN A 103 -1.47 19.11 6.45
C ASN A 103 -2.14 17.74 6.71
N SER A 104 -1.35 16.65 6.73
CA SER A 104 -1.78 15.25 6.55
C SER A 104 -2.41 14.95 5.19
N PRO A 17 -0.03 -11.48 8.76
CA PRO A 17 -1.01 -10.58 8.19
C PRO A 17 -0.45 -9.86 6.96
N VAL A 18 -1.27 -9.75 5.90
CA VAL A 18 -0.88 -9.08 4.63
C VAL A 18 -0.31 -7.67 4.85
N GLU A 19 -0.69 -7.01 5.93
CA GLU A 19 -0.33 -5.63 6.25
C GLU A 19 1.08 -5.52 6.88
N ALA A 20 1.45 -6.54 7.65
CA ALA A 20 2.80 -6.74 8.15
C ALA A 20 3.76 -7.27 7.05
N ALA A 21 3.24 -8.07 6.11
CA ALA A 21 3.97 -8.52 4.92
C ALA A 21 4.40 -7.35 4.01
N ILE A 22 3.41 -6.54 3.56
CA ILE A 22 3.69 -5.33 2.77
C ILE A 22 4.60 -4.38 3.55
N ARG A 23 4.33 -4.13 4.84
CA ARG A 23 5.22 -3.30 5.66
C ARG A 23 6.69 -3.73 5.57
N THR A 24 6.97 -5.03 5.79
CA THR A 24 8.32 -5.60 5.68
C THR A 24 8.95 -5.43 4.28
N LYS A 25 8.22 -5.80 3.22
CA LYS A 25 8.76 -5.80 1.85
C LYS A 25 8.92 -4.37 1.29
N LEU A 26 8.12 -3.41 1.75
CA LEU A 26 8.23 -2.00 1.37
C LEU A 26 9.30 -1.26 2.18
N GLU A 27 9.55 -1.62 3.46
CA GLU A 27 10.77 -1.27 4.17
C GLU A 27 11.98 -1.67 3.34
N GLU A 28 12.03 -2.94 2.95
CA GLU A 28 13.11 -3.49 2.12
C GLU A 28 13.26 -2.73 0.78
N ALA A 29 12.14 -2.40 0.10
CA ALA A 29 12.16 -1.83 -1.24
C ALA A 29 12.46 -0.31 -1.33
N LEU A 30 11.74 0.54 -0.59
CA LEU A 30 11.65 1.98 -0.89
C LEU A 30 11.81 2.96 0.29
N SER A 31 12.14 2.44 1.48
CA SER A 31 12.26 3.19 2.74
C SER A 31 11.14 4.24 2.96
N PRO A 32 9.91 3.78 3.27
CA PRO A 32 8.75 4.64 3.52
C PRO A 32 8.98 5.67 4.62
N GLU A 33 8.24 6.78 4.56
CA GLU A 33 7.93 7.64 5.69
C GLU A 33 6.68 7.19 6.43
N VAL A 34 5.65 6.68 5.73
CA VAL A 34 4.55 5.95 6.38
C VAL A 34 4.17 4.75 5.55
N LEU A 35 3.47 3.85 6.21
CA LEU A 35 2.29 3.28 5.58
C LEU A 35 1.14 3.16 6.59
N GLU A 36 -0.02 3.75 6.25
CA GLU A 36 -1.22 3.78 7.09
C GLU A 36 -2.39 3.14 6.36
N LEU A 37 -2.73 1.98 6.87
CA LEU A 37 -3.42 0.93 6.12
C LEU A 37 -4.36 0.05 6.97
N ARG A 38 -5.38 -0.55 6.34
CA ARG A 38 -6.48 -1.27 7.00
C ARG A 38 -7.14 -2.31 6.09
N ASN A 39 -7.28 -3.54 6.56
CA ASN A 39 -8.02 -4.62 5.87
C ASN A 39 -9.36 -4.92 6.55
N GLU A 40 -10.47 -4.77 5.82
CA GLU A 40 -11.85 -4.99 6.29
C GLU A 40 -12.47 -6.34 5.84
N SER A 41 -11.68 -7.21 5.18
CA SER A 41 -12.10 -8.50 4.62
C SER A 41 -12.89 -9.42 5.56
N GLY A 42 -12.73 -9.35 6.90
CA GLY A 42 -13.53 -10.17 7.81
C GLY A 42 -15.02 -9.81 7.81
N GLY A 43 -15.38 -8.61 7.33
CA GLY A 43 -16.76 -8.19 7.04
C GLY A 43 -17.38 -8.88 5.82
N HIS A 44 -16.58 -9.53 4.97
CA HIS A 44 -17.03 -10.35 3.84
C HIS A 44 -17.38 -11.79 4.27
N ALA A 45 -17.38 -12.07 5.57
CA ALA A 45 -17.65 -13.38 6.19
C ALA A 45 -16.72 -14.50 5.68
N VAL A 46 -15.49 -14.15 5.26
CA VAL A 46 -14.49 -15.09 4.74
C VAL A 46 -13.87 -15.95 5.86
N PRO A 47 -13.37 -17.16 5.56
CA PRO A 47 -12.67 -17.99 6.55
C PRO A 47 -11.43 -17.32 7.15
N PRO A 48 -10.89 -17.84 8.27
CA PRO A 48 -9.54 -17.52 8.72
C PRO A 48 -8.47 -17.88 7.67
N GLY A 49 -7.31 -17.25 7.78
CA GLY A 49 -6.19 -17.26 6.82
C GLY A 49 -6.38 -16.31 5.63
N SER A 50 -7.61 -16.13 5.14
CA SER A 50 -7.93 -15.25 4.00
C SER A 50 -8.01 -13.79 4.44
N GLU A 51 -7.32 -12.93 3.70
CA GLU A 51 -7.35 -11.46 3.82
C GLU A 51 -7.49 -10.86 2.40
N THR A 52 -8.73 -10.75 1.92
CA THR A 52 -9.07 -10.52 0.51
C THR A 52 -9.12 -9.04 0.12
N HIS A 53 -9.11 -8.13 1.11
CA HIS A 53 -9.67 -6.79 0.98
C HIS A 53 -8.82 -5.74 1.70
N PHE A 54 -8.36 -4.69 1.03
CA PHE A 54 -7.34 -3.80 1.63
C PHE A 54 -7.46 -2.31 1.26
N ARG A 55 -7.28 -1.42 2.24
CA ARG A 55 -6.93 -0.01 2.06
C ARG A 55 -5.48 0.21 2.43
N VAL A 56 -4.77 0.98 1.62
CA VAL A 56 -3.38 1.40 1.94
C VAL A 56 -3.13 2.86 1.58
N ALA A 57 -2.56 3.61 2.52
CA ALA A 57 -1.91 4.88 2.22
C ALA A 57 -0.39 4.72 2.41
N VAL A 58 0.40 5.12 1.40
CA VAL A 58 1.86 5.04 1.42
C VAL A 58 2.47 6.42 1.14
N VAL A 59 3.49 6.80 1.90
CA VAL A 59 4.15 8.12 1.76
C VAL A 59 5.64 7.95 1.84
N SER A 60 6.33 8.48 0.82
CA SER A 60 7.80 8.31 0.67
C SER A 60 8.43 9.38 -0.22
N SER A 61 9.68 9.77 0.07
CA SER A 61 10.48 10.73 -0.71
C SER A 61 10.88 10.24 -2.11
N ARG A 62 10.53 9.00 -2.47
CA ARG A 62 10.74 8.41 -3.80
C ARG A 62 9.60 8.62 -4.80
N PHE A 63 8.41 8.97 -4.32
CA PHE A 63 7.19 9.16 -5.09
C PHE A 63 6.99 10.61 -5.56
N GLU A 64 7.86 11.53 -5.15
CA GLU A 64 7.87 12.91 -5.60
C GLU A 64 8.64 13.11 -6.92
N GLY A 65 8.05 13.84 -7.88
CA GLY A 65 8.57 14.04 -9.24
C GLY A 65 7.86 13.22 -10.32
N LEU A 66 6.76 12.55 -9.95
CA LEU A 66 5.96 11.62 -10.75
C LEU A 66 4.52 12.14 -10.88
N SER A 67 3.83 11.80 -11.98
CA SER A 67 2.37 11.95 -12.08
C SER A 67 1.64 11.01 -11.10
N PRO A 68 0.43 11.37 -10.63
CA PRO A 68 -0.44 10.49 -9.85
C PRO A 68 -0.72 9.16 -10.55
N LEU A 69 -1.23 9.20 -11.79
CA LEU A 69 -1.50 8.01 -12.59
C LEU A 69 -0.21 7.23 -12.91
N GLN A 70 0.89 7.93 -13.24
CA GLN A 70 2.20 7.33 -13.47
C GLN A 70 2.61 6.44 -12.28
N ARG A 71 2.61 6.97 -11.06
CA ARG A 71 3.11 6.27 -9.87
C ARG A 71 2.14 5.22 -9.33
N HIS A 72 0.84 5.44 -9.42
CA HIS A 72 -0.18 4.43 -9.08
C HIS A 72 -0.09 3.23 -10.05
N ARG A 73 -0.05 3.45 -11.38
CA ARG A 73 0.14 2.36 -12.35
C ARG A 73 1.50 1.64 -12.19
N LEU A 74 2.56 2.37 -11.79
CA LEU A 74 3.85 1.80 -11.38
C LEU A 74 3.69 0.83 -10.21
N VAL A 75 3.09 1.24 -9.09
CA VAL A 75 2.80 0.36 -7.94
C VAL A 75 1.97 -0.87 -8.36
N HIS A 76 1.01 -0.67 -9.24
CA HIS A 76 0.04 -1.70 -9.64
C HIS A 76 0.68 -2.79 -10.50
N ALA A 77 1.60 -2.45 -11.42
CA ALA A 77 2.35 -3.42 -12.22
C ALA A 77 3.65 -3.91 -11.57
N ALA A 78 4.40 -3.03 -10.89
CA ALA A 78 5.70 -3.37 -10.32
C ALA A 78 5.61 -3.94 -8.90
N LEU A 79 4.62 -3.56 -8.08
CA LEU A 79 4.59 -4.02 -6.67
C LEU A 79 3.60 -5.14 -6.38
N ALA A 80 2.85 -5.68 -7.34
CA ALA A 80 1.77 -6.62 -7.03
C ALA A 80 2.17 -7.85 -6.20
N GLU A 81 3.32 -8.50 -6.45
CA GLU A 81 3.77 -9.64 -5.63
C GLU A 81 4.22 -9.24 -4.22
N GLU A 82 4.74 -8.03 -4.05
CA GLU A 82 5.30 -7.53 -2.81
C GLU A 82 4.31 -6.75 -1.91
N LEU A 83 3.26 -6.18 -2.50
CA LEU A 83 1.95 -6.04 -1.87
C LEU A 83 1.42 -7.42 -1.43
N GLY A 84 1.48 -8.43 -2.31
CA GLY A 84 1.25 -9.84 -1.98
C GLY A 84 0.91 -10.70 -3.21
N GLY A 85 -0.12 -10.30 -3.95
CA GLY A 85 -0.67 -11.03 -5.10
C GLY A 85 -2.15 -11.37 -4.95
N PRO A 86 -2.55 -12.03 -3.86
CA PRO A 86 -3.87 -12.68 -3.75
C PRO A 86 -5.00 -11.81 -3.20
N VAL A 87 -4.75 -10.53 -2.84
CA VAL A 87 -5.81 -9.60 -2.44
C VAL A 87 -6.79 -9.39 -3.59
N HIS A 88 -8.04 -9.86 -3.41
CA HIS A 88 -9.09 -9.83 -4.43
C HIS A 88 -9.56 -8.39 -4.73
N ALA A 89 -9.58 -7.53 -3.70
CA ALA A 89 -9.86 -6.10 -3.80
C ALA A 89 -8.91 -5.24 -2.94
N LEU A 90 -8.61 -4.06 -3.45
CA LEU A 90 -7.92 -3.01 -2.74
C LEU A 90 -8.13 -1.60 -3.32
N ALA A 91 -7.86 -0.60 -2.50
CA ALA A 91 -7.69 0.81 -2.87
C ALA A 91 -6.43 1.41 -2.22
N ILE A 92 -5.64 2.15 -3.01
CA ILE A 92 -4.34 2.67 -2.61
C ILE A 92 -4.19 4.18 -2.86
N GLN A 93 -3.35 4.82 -2.05
CA GLN A 93 -2.94 6.22 -2.16
C GLN A 93 -1.43 6.37 -1.99
N ALA A 94 -0.71 6.87 -3.01
CA ALA A 94 0.73 7.20 -2.92
C ALA A 94 0.95 8.71 -2.80
N ARG A 95 1.80 9.16 -1.86
CA ARG A 95 1.96 10.59 -1.49
C ARG A 95 3.38 10.96 -0.98
N THR A 96 3.60 12.27 -0.76
CA THR A 96 4.90 12.86 -0.39
C THR A 96 5.07 13.12 1.12
N PRO A 97 6.31 13.03 1.64
CA PRO A 97 6.56 13.38 3.03
C PRO A 97 6.38 14.88 3.31
N ALA A 98 6.54 15.79 2.34
CA ALA A 98 6.29 17.22 2.60
C ALA A 98 4.81 17.54 2.90
N GLN A 99 3.85 16.88 2.25
CA GLN A 99 2.42 17.01 2.59
C GLN A 99 2.04 16.16 3.81
N TRP A 100 2.65 14.97 4.02
CA TRP A 100 2.42 14.20 5.25
C TRP A 100 2.97 14.92 6.49
N ARG A 101 4.13 15.58 6.40
CA ARG A 101 4.75 16.28 7.54
C ARG A 101 3.95 17.54 7.91
N GLU A 102 3.53 18.31 6.90
CA GLU A 102 2.90 19.62 7.05
C GLU A 102 1.39 19.54 7.36
N ASN A 103 0.64 18.57 6.82
CA ASN A 103 -0.80 18.42 7.11
C ASN A 103 -1.32 16.97 7.28
N SER A 104 -0.44 15.95 7.34
CA SER A 104 -0.83 14.52 7.38
C SER A 104 -1.81 14.16 6.25
N PRO A 17 -0.95 -10.43 9.90
CA PRO A 17 -1.78 -9.90 8.83
C PRO A 17 -0.98 -9.64 7.54
N VAL A 18 -1.71 -9.67 6.42
CA VAL A 18 -1.23 -9.20 5.10
C VAL A 18 -0.67 -7.78 5.16
N GLU A 19 -1.17 -6.97 6.09
CA GLU A 19 -0.76 -5.58 6.32
C GLU A 19 0.68 -5.50 6.91
N ALA A 20 1.06 -6.48 7.73
CA ALA A 20 2.39 -6.63 8.28
C ALA A 20 3.37 -7.32 7.31
N ALA A 21 2.86 -8.26 6.51
CA ALA A 21 3.61 -8.82 5.38
C ALA A 21 4.03 -7.71 4.38
N ILE A 22 3.05 -6.96 3.85
CA ILE A 22 3.33 -5.87 2.91
C ILE A 22 4.16 -4.76 3.54
N ARG A 23 3.91 -4.40 4.81
CA ARG A 23 4.83 -3.52 5.57
C ARG A 23 6.27 -3.99 5.41
N THR A 24 6.57 -5.26 5.72
CA THR A 24 7.94 -5.79 5.59
C THR A 24 8.49 -5.68 4.15
N LYS A 25 7.68 -6.07 3.15
CA LYS A 25 8.05 -6.02 1.73
C LYS A 25 8.31 -4.60 1.22
N LEU A 26 7.52 -3.62 1.65
CA LEU A 26 7.60 -2.22 1.21
C LEU A 26 8.66 -1.42 2.00
N GLU A 27 8.88 -1.75 3.28
CA GLU A 27 10.11 -1.41 4.01
C GLU A 27 11.34 -1.86 3.21
N GLU A 28 11.36 -3.09 2.67
CA GLU A 28 12.44 -3.56 1.81
C GLU A 28 12.51 -2.81 0.46
N ALA A 29 11.37 -2.54 -0.19
CA ALA A 29 11.33 -1.93 -1.52
C ALA A 29 11.86 -0.48 -1.53
N LEU A 30 11.27 0.40 -0.70
CA LEU A 30 11.57 1.85 -0.69
C LEU A 30 11.88 2.45 0.68
N SER A 31 11.62 1.72 1.77
CA SER A 31 11.76 2.19 3.16
C SER A 31 11.03 3.54 3.42
N PRO A 32 9.68 3.52 3.48
CA PRO A 32 8.80 4.72 3.51
C PRO A 32 9.07 5.81 4.56
N GLU A 33 8.39 6.95 4.43
CA GLU A 33 8.18 7.91 5.52
C GLU A 33 6.97 7.56 6.38
N VAL A 34 5.89 7.05 5.78
CA VAL A 34 4.82 6.37 6.52
C VAL A 34 4.35 5.11 5.80
N LEU A 35 3.62 4.30 6.55
CA LEU A 35 2.42 3.69 5.98
C LEU A 35 1.28 3.56 7.01
N GLU A 36 0.12 4.08 6.64
CA GLU A 36 -1.13 3.83 7.36
C GLU A 36 -2.07 3.00 6.50
N LEU A 37 -2.29 1.78 6.94
CA LEU A 37 -2.88 0.71 6.14
C LEU A 37 -3.73 -0.27 6.98
N ARG A 38 -4.63 -1.02 6.34
CA ARG A 38 -5.53 -1.96 7.01
C ARG A 38 -6.07 -3.01 6.04
N ASN A 39 -6.20 -4.23 6.53
CA ASN A 39 -6.99 -5.26 5.85
C ASN A 39 -8.46 -5.19 6.30
N GLU A 40 -9.29 -4.61 5.42
CA GLU A 40 -10.72 -4.39 5.65
C GLU A 40 -11.53 -5.69 5.65
N SER A 41 -10.93 -6.80 5.21
CA SER A 41 -11.50 -8.15 5.13
C SER A 41 -12.09 -8.73 6.42
N GLY A 42 -11.73 -8.20 7.59
CA GLY A 42 -12.42 -8.47 8.87
C GLY A 42 -13.86 -7.90 8.94
N GLY A 43 -14.31 -7.24 7.86
CA GLY A 43 -15.69 -6.85 7.59
C GLY A 43 -16.52 -7.93 6.89
N HIS A 44 -15.92 -9.01 6.37
CA HIS A 44 -16.53 -9.89 5.36
C HIS A 44 -16.69 -11.37 5.77
N ALA A 45 -16.31 -11.75 6.99
CA ALA A 45 -16.44 -13.13 7.53
C ALA A 45 -15.91 -14.21 6.56
N VAL A 46 -14.71 -13.96 6.04
CA VAL A 46 -14.01 -14.76 5.03
C VAL A 46 -13.27 -15.96 5.65
N PRO A 47 -12.88 -16.99 4.88
CA PRO A 47 -12.30 -18.24 5.40
C PRO A 47 -11.03 -18.08 6.27
N PRO A 48 -10.65 -19.08 7.09
CA PRO A 48 -9.47 -19.00 7.96
C PRO A 48 -8.17 -18.82 7.16
N GLY A 49 -7.45 -17.72 7.44
CA GLY A 49 -6.25 -17.31 6.72
C GLY A 49 -6.50 -16.61 5.37
N SER A 50 -7.75 -16.46 4.93
CA SER A 50 -8.12 -15.59 3.80
C SER A 50 -8.18 -14.14 4.27
N GLU A 51 -7.49 -13.26 3.56
CA GLU A 51 -7.38 -11.83 3.85
C GLU A 51 -7.67 -11.08 2.54
N THR A 52 -8.95 -11.08 2.13
CA THR A 52 -9.38 -10.88 0.73
C THR A 52 -9.33 -9.42 0.29
N HIS A 53 -9.27 -8.49 1.24
CA HIS A 53 -9.75 -7.12 1.09
C HIS A 53 -8.78 -6.14 1.75
N PHE A 54 -8.23 -5.17 1.01
CA PHE A 54 -7.04 -4.43 1.47
C PHE A 54 -6.98 -2.92 1.10
N ARG A 55 -6.45 -2.10 2.00
CA ARG A 55 -6.28 -0.64 1.81
C ARG A 55 -4.91 -0.16 2.31
N VAL A 56 -4.23 0.67 1.53
CA VAL A 56 -2.98 1.34 1.96
C VAL A 56 -2.97 2.85 1.71
N ALA A 57 -2.43 3.58 2.68
CA ALA A 57 -1.80 4.88 2.43
C ALA A 57 -0.32 4.84 2.74
N VAL A 58 0.46 5.30 1.78
CA VAL A 58 1.90 5.21 1.78
C VAL A 58 2.47 6.55 1.31
N VAL A 59 3.53 6.98 1.99
CA VAL A 59 4.17 8.29 1.74
C VAL A 59 5.69 8.16 1.82
N SER A 60 6.37 8.71 0.80
CA SER A 60 7.82 8.50 0.65
C SER A 60 8.55 9.58 -0.18
N SER A 61 9.80 9.88 0.20
CA SER A 61 10.75 10.69 -0.58
C SER A 61 11.27 10.01 -1.85
N ARG A 62 10.84 8.77 -2.15
CA ARG A 62 11.06 8.03 -3.41
C ARG A 62 9.87 8.10 -4.37
N PHE A 63 8.72 8.63 -3.93
CA PHE A 63 7.51 8.83 -4.74
C PHE A 63 7.42 10.25 -5.33
N GLU A 64 8.41 11.12 -5.07
CA GLU A 64 8.60 12.41 -5.73
C GLU A 64 9.42 12.39 -7.04
N GLY A 65 9.13 13.35 -7.92
CA GLY A 65 9.66 13.43 -9.29
C GLY A 65 8.72 12.84 -10.34
N LEU A 66 7.44 12.70 -10.00
CA LEU A 66 6.42 11.86 -10.63
C LEU A 66 5.08 12.62 -10.72
N SER A 67 4.24 12.27 -11.70
CA SER A 67 2.79 12.50 -11.67
C SER A 67 2.11 11.55 -10.66
N PRO A 68 1.01 11.94 -9.99
CA PRO A 68 0.24 11.06 -9.11
C PRO A 68 -0.17 9.73 -9.78
N LEU A 69 -0.78 9.81 -10.97
CA LEU A 69 -1.17 8.64 -11.77
C LEU A 69 0.06 7.82 -12.20
N GLN A 70 1.16 8.49 -12.55
CA GLN A 70 2.43 7.86 -12.92
C GLN A 70 3.02 7.02 -11.77
N ARG A 71 3.08 7.55 -10.53
CA ARG A 71 3.55 6.78 -9.37
C ARG A 71 2.62 5.64 -8.98
N HIS A 72 1.30 5.87 -9.03
CA HIS A 72 0.31 4.80 -8.86
C HIS A 72 0.55 3.66 -9.88
N ARG A 73 0.66 3.95 -11.18
CA ARG A 73 0.94 2.94 -12.22
C ARG A 73 2.26 2.22 -12.00
N LEU A 74 3.33 2.92 -11.59
CA LEU A 74 4.62 2.32 -11.25
C LEU A 74 4.52 1.32 -10.08
N VAL A 75 3.76 1.64 -9.03
CA VAL A 75 3.49 0.72 -7.90
C VAL A 75 2.65 -0.48 -8.34
N HIS A 76 1.65 -0.24 -9.18
CA HIS A 76 0.66 -1.23 -9.64
C HIS A 76 1.29 -2.22 -10.61
N ALA A 77 2.13 -1.75 -11.54
CA ALA A 77 2.78 -2.59 -12.54
C ALA A 77 4.06 -3.25 -12.02
N ALA A 78 4.82 -2.58 -11.14
CA ALA A 78 5.95 -3.24 -10.50
C ALA A 78 5.52 -4.23 -9.43
N LEU A 79 4.63 -3.83 -8.52
CA LEU A 79 4.60 -4.52 -7.23
C LEU A 79 3.42 -5.44 -7.02
N ALA A 80 2.62 -5.65 -8.05
CA ALA A 80 1.30 -6.27 -7.87
C ALA A 80 1.26 -7.53 -6.98
N GLU A 81 2.25 -8.40 -7.12
CA GLU A 81 2.34 -9.63 -6.33
C GLU A 81 2.50 -9.40 -4.83
N GLU A 82 3.25 -8.36 -4.44
CA GLU A 82 3.52 -8.02 -3.05
C GLU A 82 2.52 -7.02 -2.47
N LEU A 83 1.98 -6.15 -3.33
CA LEU A 83 0.84 -5.26 -3.07
C LEU A 83 -0.44 -6.03 -2.73
N GLY A 84 -0.70 -7.09 -3.47
CA GLY A 84 -2.08 -7.53 -3.70
C GLY A 84 -2.23 -8.87 -4.41
N GLY A 85 -1.13 -9.61 -4.50
CA GLY A 85 -1.03 -10.92 -5.16
C GLY A 85 -2.00 -11.94 -4.56
N PRO A 86 -2.03 -12.11 -3.21
CA PRO A 86 -2.99 -12.97 -2.51
C PRO A 86 -4.26 -12.23 -2.06
N VAL A 87 -4.59 -11.11 -2.72
CA VAL A 87 -5.67 -10.17 -2.35
C VAL A 87 -6.68 -10.07 -3.49
N HIS A 88 -7.98 -10.04 -3.17
CA HIS A 88 -9.08 -10.18 -4.12
C HIS A 88 -9.75 -8.83 -4.47
N ALA A 89 -9.76 -7.88 -3.53
CA ALA A 89 -10.10 -6.47 -3.74
C ALA A 89 -9.14 -5.56 -2.96
N LEU A 90 -8.67 -4.47 -3.56
CA LEU A 90 -7.81 -3.51 -2.91
C LEU A 90 -7.74 -2.09 -3.52
N ALA A 91 -7.35 -1.13 -2.68
CA ALA A 91 -6.96 0.22 -3.11
C ALA A 91 -5.70 0.76 -2.39
N ILE A 92 -4.81 1.44 -3.15
CA ILE A 92 -3.68 2.20 -2.60
C ILE A 92 -3.78 3.69 -2.91
N GLN A 93 -3.15 4.50 -2.05
CA GLN A 93 -2.85 5.91 -2.29
C GLN A 93 -1.38 6.19 -1.95
N ALA A 94 -0.62 6.69 -2.94
CA ALA A 94 0.83 6.92 -2.87
C ALA A 94 1.18 8.40 -2.99
N ARG A 95 1.76 8.99 -1.93
CA ARG A 95 1.97 10.43 -1.75
C ARG A 95 3.40 10.78 -1.26
N THR A 96 3.64 12.08 -1.07
CA THR A 96 4.95 12.67 -0.73
C THR A 96 5.02 13.24 0.71
N PRO A 97 6.21 13.24 1.33
CA PRO A 97 6.35 13.51 2.76
C PRO A 97 5.89 14.91 3.13
N ALA A 98 6.31 15.96 2.40
CA ALA A 98 5.96 17.33 2.79
C ALA A 98 4.45 17.62 2.73
N GLN A 99 3.67 16.95 1.87
CA GLN A 99 2.20 16.99 1.97
C GLN A 99 1.70 16.15 3.14
N TRP A 100 2.27 14.97 3.45
CA TRP A 100 1.91 14.26 4.71
C TRP A 100 2.17 15.09 5.98
N ARG A 101 3.18 15.98 5.96
CA ARG A 101 3.49 16.89 7.08
C ARG A 101 2.33 17.84 7.36
N GLU A 102 1.62 18.30 6.32
CA GLU A 102 0.43 19.14 6.47
C GLU A 102 -0.89 18.38 6.58
N ASN A 103 -1.34 17.73 5.48
CA ASN A 103 -2.69 17.19 5.32
C ASN A 103 -2.82 15.93 4.41
N SER A 104 -1.82 15.68 3.56
CA SER A 104 -1.99 15.34 2.13
C SER A 104 -2.79 16.40 1.34
N PRO A 17 0.17 -11.09 10.92
CA PRO A 17 -0.82 -10.59 9.97
C PRO A 17 -0.20 -10.12 8.64
N VAL A 18 -0.97 -10.11 7.56
CA VAL A 18 -0.48 -9.60 6.26
C VAL A 18 -0.12 -8.11 6.31
N GLU A 19 -0.58 -7.41 7.35
CA GLU A 19 -0.33 -5.99 7.59
C GLU A 19 1.11 -5.78 8.09
N ALA A 20 1.61 -6.69 8.94
CA ALA A 20 2.99 -6.73 9.37
C ALA A 20 3.89 -7.28 8.25
N ALA A 21 3.42 -8.30 7.51
CA ALA A 21 4.17 -8.82 6.37
C ALA A 21 4.40 -7.75 5.28
N ILE A 22 3.35 -7.00 4.90
CA ILE A 22 3.45 -5.91 3.91
C ILE A 22 4.27 -4.74 4.45
N ARG A 23 4.09 -4.35 5.73
CA ARG A 23 5.00 -3.39 6.40
C ARG A 23 6.48 -3.73 6.13
N THR A 24 6.88 -4.92 6.56
CA THR A 24 8.30 -5.32 6.47
C THR A 24 8.78 -5.51 5.02
N LYS A 25 8.00 -6.16 4.14
CA LYS A 25 8.41 -6.34 2.73
C LYS A 25 8.50 -5.01 1.97
N LEU A 26 7.65 -4.02 2.26
CA LEU A 26 7.71 -2.70 1.61
C LEU A 26 8.82 -1.81 2.20
N GLU A 27 9.18 -1.94 3.48
CA GLU A 27 10.43 -1.35 3.98
C GLU A 27 11.68 -1.96 3.33
N GLU A 28 11.68 -3.28 3.08
CA GLU A 28 12.72 -3.98 2.33
C GLU A 28 12.78 -3.50 0.85
N ALA A 29 11.63 -3.19 0.25
CA ALA A 29 11.49 -2.80 -1.16
C ALA A 29 11.86 -1.35 -1.50
N LEU A 30 11.32 -0.35 -0.77
CA LEU A 30 11.50 1.08 -1.07
C LEU A 30 11.97 1.94 0.11
N SER A 31 11.88 1.46 1.34
CA SER A 31 12.17 2.21 2.58
C SER A 31 11.34 3.52 2.74
N PRO A 32 10.04 3.42 3.12
CA PRO A 32 9.17 4.55 3.44
C PRO A 32 9.73 5.62 4.40
N GLU A 33 9.10 6.80 4.43
CA GLU A 33 9.02 7.65 5.62
C GLU A 33 8.04 7.04 6.64
N VAL A 34 6.85 6.64 6.17
CA VAL A 34 5.64 6.52 7.02
C VAL A 34 4.60 5.63 6.32
N LEU A 35 3.74 4.95 7.08
CA LEU A 35 2.55 4.27 6.55
C LEU A 35 1.43 4.10 7.60
N GLU A 36 0.18 4.02 7.14
CA GLU A 36 -1.01 3.72 7.94
C GLU A 36 -1.93 2.83 7.13
N LEU A 37 -2.29 1.67 7.64
CA LEU A 37 -2.86 0.56 6.86
C LEU A 37 -3.85 -0.33 7.65
N ARG A 38 -4.71 -1.08 6.95
CA ARG A 38 -5.81 -1.89 7.54
C ARG A 38 -6.31 -2.95 6.56
N ASN A 39 -6.75 -4.11 7.06
CA ASN A 39 -7.48 -5.10 6.29
C ASN A 39 -9.01 -4.90 6.34
N GLU A 40 -9.67 -5.06 5.19
CA GLU A 40 -11.11 -4.79 4.97
C GLU A 40 -11.92 -6.07 4.70
N SER A 41 -11.25 -7.21 4.55
CA SER A 41 -11.78 -8.56 4.28
C SER A 41 -12.76 -9.14 5.31
N GLY A 42 -12.90 -8.52 6.48
CA GLY A 42 -13.96 -8.85 7.43
C GLY A 42 -15.35 -8.48 6.87
N GLY A 43 -15.41 -7.62 5.86
CA GLY A 43 -16.61 -7.25 5.09
C GLY A 43 -16.79 -7.98 3.76
N HIS A 44 -16.20 -9.16 3.57
CA HIS A 44 -16.26 -9.93 2.32
C HIS A 44 -16.90 -11.32 2.47
N ALA A 45 -17.29 -11.92 1.34
CA ALA A 45 -17.98 -13.21 1.27
C ALA A 45 -16.98 -14.39 1.33
N VAL A 46 -16.18 -14.43 2.40
CA VAL A 46 -14.97 -15.25 2.57
C VAL A 46 -15.00 -16.15 3.81
N PRO A 47 -14.16 -17.19 3.89
CA PRO A 47 -13.95 -17.97 5.11
C PRO A 47 -13.59 -17.09 6.33
N PRO A 48 -13.99 -17.48 7.56
CA PRO A 48 -13.85 -16.66 8.74
C PRO A 48 -12.38 -16.28 9.01
N GLY A 49 -12.14 -15.00 9.27
CA GLY A 49 -10.82 -14.43 9.56
C GLY A 49 -9.89 -14.26 8.35
N SER A 50 -10.28 -14.70 7.14
CA SER A 50 -9.40 -14.73 5.97
C SER A 50 -8.97 -13.32 5.55
N GLU A 51 -7.65 -13.12 5.49
CA GLU A 51 -6.99 -11.83 5.21
C GLU A 51 -6.84 -11.60 3.69
N THR A 52 -7.95 -11.56 2.94
CA THR A 52 -7.89 -11.50 1.46
C THR A 52 -7.73 -10.07 0.91
N HIS A 53 -8.13 -9.07 1.70
CA HIS A 53 -8.57 -7.76 1.19
C HIS A 53 -8.01 -6.63 2.04
N PHE A 54 -7.34 -5.66 1.41
CA PHE A 54 -6.45 -4.75 2.13
C PHE A 54 -6.45 -3.28 1.64
N ARG A 55 -6.09 -2.34 2.53
CA ARG A 55 -5.79 -0.93 2.21
C ARG A 55 -4.48 -0.48 2.86
N VAL A 56 -3.61 0.16 2.08
CA VAL A 56 -2.38 0.83 2.55
C VAL A 56 -2.43 2.32 2.26
N ALA A 57 -2.07 3.15 3.25
CA ALA A 57 -1.56 4.51 3.00
C ALA A 57 -0.04 4.49 3.17
N VAL A 58 0.71 5.00 2.20
CA VAL A 58 2.18 4.92 2.14
C VAL A 58 2.81 6.26 1.80
N VAL A 59 3.87 6.62 2.53
CA VAL A 59 4.52 7.93 2.44
C VAL A 59 6.03 7.76 2.32
N SER A 60 6.63 8.33 1.26
CA SER A 60 8.04 8.11 0.90
C SER A 60 8.66 9.29 0.13
N SER A 61 9.95 9.57 0.36
CA SER A 61 10.73 10.56 -0.40
C SER A 61 10.95 10.17 -1.86
N ARG A 62 10.74 8.90 -2.23
CA ARG A 62 10.98 8.34 -3.58
C ARG A 62 9.97 8.78 -4.63
N PHE A 63 8.76 9.13 -4.22
CA PHE A 63 7.58 9.37 -5.07
C PHE A 63 7.59 10.78 -5.69
N GLU A 64 8.76 11.34 -5.93
CA GLU A 64 8.92 12.69 -6.47
C GLU A 64 8.84 12.80 -7.99
N GLY A 65 8.34 13.94 -8.51
CA GLY A 65 8.52 14.35 -9.90
C GLY A 65 7.70 13.59 -10.95
N LEU A 66 6.57 13.00 -10.53
CA LEU A 66 5.60 12.28 -11.36
C LEU A 66 4.18 12.61 -10.87
N SER A 67 3.19 12.55 -11.76
CA SER A 67 1.79 12.84 -11.42
C SER A 67 1.17 11.69 -10.58
N PRO A 68 0.24 11.95 -9.65
CA PRO A 68 -0.33 10.92 -8.78
C PRO A 68 -0.98 9.74 -9.52
N LEU A 69 -1.84 10.00 -10.50
CA LEU A 69 -2.49 8.96 -11.31
C LEU A 69 -1.46 8.18 -12.14
N GLN A 70 -0.47 8.87 -12.73
CA GLN A 70 0.66 8.28 -13.44
C GLN A 70 1.39 7.24 -12.56
N ARG A 71 1.75 7.60 -11.31
CA ARG A 71 2.47 6.66 -10.43
C ARG A 71 1.60 5.51 -9.95
N HIS A 72 0.34 5.78 -9.60
CA HIS A 72 -0.63 4.77 -9.21
C HIS A 72 -0.81 3.75 -10.35
N ARG A 73 -1.04 4.20 -11.60
CA ARG A 73 -1.09 3.34 -12.80
C ARG A 73 0.17 2.51 -12.95
N LEU A 74 1.36 3.10 -12.76
CA LEU A 74 2.64 2.37 -12.80
C LEU A 74 2.67 1.23 -11.76
N VAL A 75 2.38 1.51 -10.50
CA VAL A 75 2.35 0.49 -9.41
C VAL A 75 1.27 -0.58 -9.63
N HIS A 76 0.11 -0.19 -10.17
CA HIS A 76 -1.05 -1.05 -10.38
C HIS A 76 -0.85 -2.01 -11.56
N ALA A 77 -0.14 -1.59 -12.60
CA ALA A 77 0.19 -2.43 -13.75
C ALA A 77 1.49 -3.23 -13.56
N ALA A 78 2.57 -2.56 -13.14
CA ALA A 78 3.85 -3.20 -12.93
C ALA A 78 3.81 -4.11 -11.71
N LEU A 79 3.30 -3.61 -10.58
CA LEU A 79 3.61 -4.22 -9.27
C LEU A 79 2.41 -4.83 -8.58
N ALA A 80 1.43 -5.19 -9.39
CA ALA A 80 0.24 -5.90 -8.88
C ALA A 80 0.56 -7.20 -8.14
N GLU A 81 1.51 -7.99 -8.64
CA GLU A 81 1.90 -9.28 -8.06
C GLU A 81 2.86 -9.11 -6.89
N GLU A 82 3.53 -7.94 -6.74
CA GLU A 82 4.46 -7.63 -5.69
C GLU A 82 3.77 -7.03 -4.46
N LEU A 83 2.89 -6.05 -4.69
CA LEU A 83 2.11 -5.39 -3.65
C LEU A 83 0.90 -6.28 -3.27
N GLY A 84 0.29 -6.94 -4.25
CA GLY A 84 -0.55 -8.12 -4.06
C GLY A 84 0.25 -9.41 -3.89
N GLY A 85 1.43 -9.28 -3.30
CA GLY A 85 2.39 -10.34 -3.03
C GLY A 85 1.89 -11.28 -1.93
N PRO A 86 1.60 -10.74 -0.73
CA PRO A 86 0.98 -11.48 0.37
C PRO A 86 -0.55 -11.29 0.45
N VAL A 87 -1.19 -10.63 -0.54
CA VAL A 87 -2.60 -10.20 -0.50
C VAL A 87 -3.33 -10.52 -1.81
N HIS A 88 -4.57 -11.02 -1.76
CA HIS A 88 -5.39 -11.29 -2.96
C HIS A 88 -5.87 -10.01 -3.65
N ALA A 89 -6.38 -9.05 -2.89
CA ALA A 89 -6.99 -7.81 -3.38
C ALA A 89 -6.68 -6.63 -2.47
N LEU A 90 -6.34 -5.48 -3.04
CA LEU A 90 -5.95 -4.30 -2.28
C LEU A 90 -6.00 -2.96 -3.01
N ALA A 91 -6.06 -1.88 -2.23
CA ALA A 91 -5.97 -0.49 -2.67
C ALA A 91 -4.86 0.31 -1.94
N ILE A 92 -4.15 1.18 -2.67
CA ILE A 92 -3.09 2.06 -2.15
C ILE A 92 -3.49 3.55 -2.14
N GLN A 93 -2.85 4.32 -1.25
CA GLN A 93 -2.87 5.78 -1.21
C GLN A 93 -1.43 6.31 -1.03
N ALA A 94 -0.79 6.79 -2.10
CA ALA A 94 0.59 7.27 -2.07
C ALA A 94 0.71 8.76 -1.67
N ARG A 95 1.73 9.15 -0.90
CA ARG A 95 2.17 10.55 -0.68
C ARG A 95 3.69 10.74 -0.57
N THR A 96 4.13 11.98 -0.72
CA THR A 96 5.45 12.47 -0.28
C THR A 96 5.43 12.91 1.20
N PRO A 97 6.59 12.87 1.89
CA PRO A 97 6.63 13.29 3.28
C PRO A 97 6.22 14.75 3.45
N ALA A 98 6.58 15.69 2.58
CA ALA A 98 6.23 17.09 2.80
C ALA A 98 4.73 17.44 2.61
N GLN A 99 3.95 16.70 1.81
CA GLN A 99 2.48 16.79 1.85
C GLN A 99 1.90 16.04 3.06
N TRP A 100 2.56 14.96 3.52
CA TRP A 100 2.21 14.39 4.84
C TRP A 100 2.45 15.37 6.00
N ARG A 101 3.51 16.19 5.91
CA ARG A 101 3.79 17.30 6.85
C ARG A 101 2.68 18.34 6.82
N GLU A 102 2.23 18.71 5.61
CA GLU A 102 1.23 19.77 5.40
C GLU A 102 -0.19 19.38 5.86
N ASN A 103 -0.70 18.20 5.50
CA ASN A 103 -2.12 17.84 5.72
C ASN A 103 -2.37 16.36 6.10
N SER A 104 -1.32 15.52 6.18
CA SER A 104 -1.39 14.07 5.84
C SER A 104 -1.84 13.80 4.38
N PRO A 17 0.20 -11.74 9.01
CA PRO A 17 -0.81 -10.91 8.37
C PRO A 17 -0.19 -10.04 7.27
N VAL A 18 -0.94 -9.81 6.20
CA VAL A 18 -0.42 -9.21 4.96
C VAL A 18 0.02 -7.76 5.17
N GLU A 19 -0.46 -7.10 6.22
CA GLU A 19 -0.14 -5.71 6.58
C GLU A 19 1.20 -5.61 7.32
N ALA A 20 1.54 -6.64 8.10
CA ALA A 20 2.85 -6.80 8.72
C ALA A 20 3.91 -7.18 7.66
N ALA A 21 3.54 -8.09 6.76
CA ALA A 21 4.36 -8.42 5.60
C ALA A 21 4.63 -7.17 4.73
N ILE A 22 3.59 -6.41 4.34
CA ILE A 22 3.77 -5.23 3.49
C ILE A 22 4.56 -4.11 4.19
N ARG A 23 4.34 -3.88 5.50
CA ARG A 23 5.20 -3.01 6.33
C ARG A 23 6.67 -3.35 6.15
N THR A 24 7.03 -4.57 6.53
CA THR A 24 8.45 -4.98 6.55
C THR A 24 9.05 -5.06 5.13
N LYS A 25 8.29 -5.56 4.15
CA LYS A 25 8.71 -5.67 2.75
C LYS A 25 8.87 -4.32 2.05
N LEU A 26 7.97 -3.36 2.28
CA LEU A 26 8.06 -2.03 1.66
C LEU A 26 9.14 -1.17 2.33
N GLU A 27 9.38 -1.34 3.64
CA GLU A 27 10.60 -0.80 4.25
C GLU A 27 11.89 -1.40 3.65
N GLU A 28 11.93 -2.70 3.34
CA GLU A 28 13.01 -3.30 2.55
C GLU A 28 13.13 -2.70 1.14
N ALA A 29 12.00 -2.47 0.46
CA ALA A 29 11.94 -2.21 -0.98
C ALA A 29 12.16 -0.75 -1.41
N LEU A 30 11.52 0.23 -0.74
CA LEU A 30 11.45 1.62 -1.22
C LEU A 30 11.75 2.72 -0.18
N SER A 31 12.01 2.35 1.07
CA SER A 31 12.27 3.28 2.20
C SER A 31 11.16 4.33 2.45
N PRO A 32 9.98 3.93 2.97
CA PRO A 32 8.88 4.84 3.34
C PRO A 32 9.23 5.99 4.29
N GLU A 33 8.46 7.08 4.23
CA GLU A 33 8.33 8.06 5.31
C GLU A 33 7.14 7.76 6.22
N VAL A 34 6.02 7.27 5.66
CA VAL A 34 4.96 6.65 6.45
C VAL A 34 4.43 5.37 5.81
N LEU A 35 3.69 4.61 6.61
CA LEU A 35 2.47 3.99 6.12
C LEU A 35 1.39 3.84 7.20
N GLU A 36 0.18 4.30 6.90
CA GLU A 36 -1.05 4.08 7.68
C GLU A 36 -2.07 3.24 6.89
N LEU A 37 -2.46 2.09 7.41
CA LEU A 37 -3.18 1.06 6.63
C LEU A 37 -4.16 0.15 7.40
N ARG A 38 -5.16 -0.44 6.72
CA ARG A 38 -6.24 -1.27 7.33
C ARG A 38 -6.86 -2.28 6.34
N ASN A 39 -7.13 -3.50 6.79
CA ASN A 39 -7.82 -4.56 6.05
C ASN A 39 -9.29 -4.73 6.53
N GLU A 40 -10.22 -4.97 5.60
CA GLU A 40 -11.66 -5.13 5.85
C GLU A 40 -12.20 -6.57 5.60
N SER A 41 -11.34 -7.46 5.10
CA SER A 41 -11.57 -8.88 4.81
C SER A 41 -12.15 -9.78 5.92
N GLY A 42 -12.27 -9.27 7.14
CA GLY A 42 -13.07 -9.86 8.22
C GLY A 42 -14.59 -9.82 7.97
N GLY A 43 -15.05 -9.01 7.01
CA GLY A 43 -16.41 -9.09 6.43
C GLY A 43 -16.55 -10.24 5.43
N HIS A 44 -17.32 -10.02 4.37
CA HIS A 44 -17.27 -10.79 3.11
C HIS A 44 -17.64 -12.29 3.17
N ALA A 45 -18.16 -12.79 4.29
CA ALA A 45 -18.57 -14.19 4.52
C ALA A 45 -17.47 -15.24 4.22
N VAL A 46 -16.20 -14.86 4.35
CA VAL A 46 -15.04 -15.65 3.90
C VAL A 46 -14.51 -16.61 4.98
N PRO A 47 -14.15 -17.86 4.64
CA PRO A 47 -13.76 -18.90 5.59
C PRO A 47 -12.38 -18.67 6.23
N PRO A 48 -12.05 -19.32 7.37
CA PRO A 48 -10.86 -19.02 8.16
C PRO A 48 -9.53 -19.06 7.39
N GLY A 49 -8.66 -18.08 7.67
CA GLY A 49 -7.42 -17.81 6.92
C GLY A 49 -7.60 -16.92 5.69
N SER A 50 -8.85 -16.60 5.31
CA SER A 50 -9.13 -15.58 4.29
C SER A 50 -8.71 -14.20 4.77
N GLU A 51 -7.84 -13.56 4.00
CA GLU A 51 -7.23 -12.25 4.25
C GLU A 51 -7.12 -11.52 2.90
N THR A 52 -8.28 -11.28 2.28
CA THR A 52 -8.47 -11.09 0.81
C THR A 52 -8.54 -9.62 0.34
N HIS A 53 -8.67 -8.70 1.31
CA HIS A 53 -9.27 -7.38 1.12
C HIS A 53 -8.48 -6.33 1.92
N PHE A 54 -7.98 -5.28 1.27
CA PHE A 54 -6.98 -4.39 1.87
C PHE A 54 -7.07 -2.90 1.45
N ARG A 55 -6.68 -1.96 2.33
CA ARG A 55 -6.37 -0.56 1.92
C ARG A 55 -5.11 0.00 2.60
N VAL A 56 -4.40 0.88 1.89
CA VAL A 56 -3.16 1.53 2.36
C VAL A 56 -3.13 3.04 2.10
N ALA A 57 -2.54 3.78 3.03
CA ALA A 57 -1.96 5.10 2.77
C ALA A 57 -0.45 5.10 3.02
N VAL A 58 0.29 5.54 2.01
CA VAL A 58 1.72 5.41 1.93
C VAL A 58 2.33 6.70 1.39
N VAL A 59 3.44 7.12 1.99
CA VAL A 59 4.16 8.35 1.63
C VAL A 59 5.65 8.12 1.64
N SER A 60 6.31 8.49 0.54
CA SER A 60 7.75 8.28 0.36
C SER A 60 8.38 9.19 -0.71
N SER A 61 9.65 9.55 -0.53
CA SER A 61 10.47 10.22 -1.55
C SER A 61 10.76 9.34 -2.77
N ARG A 62 10.47 8.03 -2.71
CA ARG A 62 10.53 7.17 -3.89
C ARG A 62 9.41 7.45 -4.90
N PHE A 63 8.31 8.07 -4.45
CA PHE A 63 7.12 8.36 -5.24
C PHE A 63 7.12 9.79 -5.81
N GLU A 64 8.10 10.65 -5.46
CA GLU A 64 8.30 11.94 -6.10
C GLU A 64 9.17 11.90 -7.37
N GLY A 65 8.87 12.80 -8.32
CA GLY A 65 9.34 12.78 -9.72
C GLY A 65 8.25 12.42 -10.74
N LEU A 66 6.99 12.40 -10.29
CA LEU A 66 5.90 11.57 -10.82
C LEU A 66 4.52 12.21 -10.51
N SER A 67 3.59 12.22 -11.46
CA SER A 67 2.18 12.61 -11.25
C SER A 67 1.39 11.61 -10.38
N PRO A 68 0.19 11.95 -9.84
CA PRO A 68 -0.60 11.07 -8.98
C PRO A 68 -1.05 9.74 -9.61
N LEU A 69 -1.69 9.74 -10.79
CA LEU A 69 -2.05 8.48 -11.46
C LEU A 69 -0.78 7.74 -11.94
N GLN A 70 0.22 8.47 -12.43
CA GLN A 70 1.52 7.94 -12.85
C GLN A 70 2.22 7.16 -11.72
N ARG A 71 2.33 7.72 -10.50
CA ARG A 71 2.93 7.05 -9.33
C ARG A 71 2.05 5.90 -8.81
N HIS A 72 0.72 6.06 -8.82
CA HIS A 72 -0.22 4.97 -8.49
C HIS A 72 -0.02 3.77 -9.44
N ARG A 73 -0.08 3.97 -10.77
CA ARG A 73 0.16 2.90 -11.76
C ARG A 73 1.56 2.31 -11.66
N LEU A 74 2.59 3.11 -11.31
CA LEU A 74 3.93 2.59 -10.98
C LEU A 74 3.86 1.57 -9.83
N VAL A 75 3.23 1.94 -8.71
CA VAL A 75 3.01 1.02 -7.56
C VAL A 75 2.24 -0.25 -7.97
N HIS A 76 1.23 -0.11 -8.83
CA HIS A 76 0.32 -1.19 -9.26
C HIS A 76 1.00 -2.18 -10.22
N ALA A 77 1.94 -1.73 -11.05
CA ALA A 77 2.77 -2.55 -11.94
C ALA A 77 4.07 -3.08 -11.28
N ALA A 78 4.78 -2.23 -10.54
CA ALA A 78 6.08 -2.52 -9.93
C ALA A 78 5.96 -3.23 -8.58
N LEU A 79 4.92 -2.93 -7.78
CA LEU A 79 4.70 -3.66 -6.51
C LEU A 79 3.54 -4.68 -6.61
N ALA A 80 3.16 -5.13 -7.80
CA ALA A 80 1.94 -5.91 -8.03
C ALA A 80 1.79 -7.16 -7.14
N GLU A 81 2.83 -7.98 -7.02
CA GLU A 81 2.79 -9.20 -6.19
C GLU A 81 2.80 -8.85 -4.70
N GLU A 82 3.34 -7.69 -4.35
CA GLU A 82 3.70 -7.23 -3.03
C GLU A 82 2.51 -6.51 -2.37
N LEU A 83 1.73 -5.76 -3.15
CA LEU A 83 0.41 -5.23 -2.86
C LEU A 83 -0.68 -6.32 -2.89
N GLY A 84 -0.77 -7.08 -3.98
CA GLY A 84 -2.03 -7.76 -4.36
C GLY A 84 -1.86 -9.26 -4.65
N GLY A 85 -0.68 -9.79 -4.41
CA GLY A 85 -0.32 -11.20 -4.64
C GLY A 85 -1.28 -12.17 -3.94
N PRO A 86 -1.56 -11.97 -2.64
CA PRO A 86 -2.49 -12.78 -1.85
C PRO A 86 -3.84 -12.09 -1.54
N VAL A 87 -4.11 -10.91 -2.14
CA VAL A 87 -5.24 -10.01 -1.85
C VAL A 87 -6.00 -9.70 -3.13
N HIS A 88 -7.21 -10.25 -3.27
CA HIS A 88 -8.05 -10.12 -4.47
C HIS A 88 -8.68 -8.72 -4.65
N ALA A 89 -8.88 -7.96 -3.55
CA ALA A 89 -9.32 -6.56 -3.68
C ALA A 89 -8.54 -5.63 -2.77
N LEU A 90 -8.07 -4.52 -3.33
CA LEU A 90 -7.40 -3.48 -2.59
C LEU A 90 -7.45 -2.07 -3.18
N ALA A 91 -7.33 -1.07 -2.31
CA ALA A 91 -7.20 0.34 -2.70
C ALA A 91 -6.11 1.12 -1.93
N ILE A 92 -5.37 1.98 -2.65
CA ILE A 92 -4.21 2.70 -2.13
C ILE A 92 -4.29 4.21 -2.38
N GLN A 93 -3.62 5.00 -1.54
CA GLN A 93 -3.13 6.33 -1.93
C GLN A 93 -1.62 6.46 -1.66
N ALA A 94 -0.87 6.88 -2.67
CA ALA A 94 0.59 6.98 -2.67
C ALA A 94 1.04 8.43 -2.90
N ARG A 95 1.70 9.04 -1.92
CA ARG A 95 1.97 10.50 -1.85
C ARG A 95 3.44 10.81 -1.47
N THR A 96 3.82 12.09 -1.45
CA THR A 96 5.21 12.55 -1.21
C THR A 96 5.41 13.16 0.20
N PRO A 97 6.64 13.12 0.75
CA PRO A 97 6.87 13.67 2.09
C PRO A 97 6.72 15.20 2.14
N ALA A 98 7.08 15.96 1.10
CA ALA A 98 6.94 17.43 1.14
C ALA A 98 5.49 17.91 1.34
N GLN A 99 4.50 17.09 0.98
CA GLN A 99 3.11 17.28 1.40
C GLN A 99 2.79 16.61 2.75
N TRP A 100 3.23 15.36 3.03
CA TRP A 100 2.91 14.70 4.32
C TRP A 100 3.41 15.48 5.54
N ARG A 101 4.60 16.11 5.42
CA ARG A 101 5.22 16.95 6.46
C ARG A 101 4.22 17.96 7.02
N GLU A 102 3.38 18.52 6.15
CA GLU A 102 2.27 19.40 6.50
C GLU A 102 0.92 18.69 6.73
N ASN A 103 0.34 18.01 5.71
CA ASN A 103 -0.86 17.17 5.83
C ASN A 103 -0.92 15.91 4.92
N SER A 104 -0.34 15.97 3.71
CA SER A 104 -0.86 15.46 2.42
C SER A 104 -1.52 16.58 1.58
N PRO A 17 0.39 -11.42 8.77
CA PRO A 17 -0.67 -10.50 8.39
C PRO A 17 -0.22 -9.62 7.22
N VAL A 18 -1.16 -9.33 6.32
CA VAL A 18 -0.92 -8.74 4.99
C VAL A 18 -0.23 -7.37 5.06
N GLU A 19 -0.47 -6.66 6.14
CA GLU A 19 0.02 -5.30 6.35
C GLU A 19 1.45 -5.23 6.89
N ALA A 20 1.78 -6.22 7.71
CA ALA A 20 3.14 -6.51 8.14
C ALA A 20 4.00 -6.99 6.95
N ALA A 21 3.40 -7.83 6.08
CA ALA A 21 4.02 -8.24 4.82
C ALA A 21 4.30 -7.04 3.90
N ILE A 22 3.31 -6.18 3.59
CA ILE A 22 3.54 -5.03 2.69
C ILE A 22 4.52 -4.01 3.28
N ARG A 23 4.43 -3.69 4.58
CA ARG A 23 5.44 -2.91 5.31
C ARG A 23 6.85 -3.45 5.03
N THR A 24 7.04 -4.74 5.24
CA THR A 24 8.33 -5.43 4.98
C THR A 24 8.76 -5.39 3.50
N LYS A 25 7.88 -5.75 2.56
CA LYS A 25 8.18 -5.80 1.12
C LYS A 25 8.50 -4.41 0.54
N LEU A 26 7.82 -3.37 1.02
CA LEU A 26 8.04 -1.99 0.57
C LEU A 26 9.25 -1.35 1.30
N GLU A 27 9.62 -1.81 2.51
CA GLU A 27 10.96 -1.56 3.07
C GLU A 27 12.08 -2.33 2.34
N GLU A 28 11.78 -3.47 1.72
CA GLU A 28 12.68 -4.13 0.77
C GLU A 28 12.80 -3.35 -0.55
N ALA A 29 11.74 -2.66 -1.00
CA ALA A 29 11.80 -1.84 -2.21
C ALA A 29 12.39 -0.42 -2.02
N LEU A 30 11.80 0.44 -1.17
CA LEU A 30 12.08 1.90 -1.13
C LEU A 30 12.32 2.54 0.26
N SER A 31 11.87 1.91 1.35
CA SER A 31 11.80 2.47 2.71
C SER A 31 10.73 3.58 2.93
N PRO A 32 9.45 3.19 3.18
CA PRO A 32 8.33 4.10 3.51
C PRO A 32 8.51 5.05 4.69
N GLU A 33 7.82 6.21 4.67
CA GLU A 33 7.77 7.15 5.79
C GLU A 33 6.73 6.86 6.86
N VAL A 34 5.48 6.68 6.45
CA VAL A 34 4.37 6.74 7.45
C VAL A 34 3.74 5.42 7.82
N LEU A 35 4.07 4.43 7.02
CA LEU A 35 3.10 3.60 6.26
C LEU A 35 1.88 3.19 7.11
N GLU A 36 0.68 3.71 6.76
CA GLU A 36 -0.54 3.51 7.60
C GLU A 36 -1.73 2.90 6.84
N LEU A 37 -2.28 1.80 7.34
CA LEU A 37 -3.16 0.93 6.55
C LEU A 37 -4.19 0.08 7.33
N ARG A 38 -5.13 -0.53 6.60
CA ARG A 38 -6.18 -1.43 7.12
C ARG A 38 -6.57 -2.48 6.09
N ASN A 39 -6.87 -3.70 6.54
CA ASN A 39 -7.53 -4.72 5.72
C ASN A 39 -9.01 -4.86 6.14
N GLU A 40 -9.89 -4.87 5.15
CA GLU A 40 -11.35 -4.73 5.26
C GLU A 40 -12.08 -6.09 5.20
N SER A 41 -11.37 -7.14 4.81
CA SER A 41 -11.93 -8.43 4.40
C SER A 41 -12.74 -9.19 5.45
N GLY A 42 -12.60 -8.87 6.74
CA GLY A 42 -13.46 -9.45 7.78
C GLY A 42 -14.92 -8.99 7.66
N GLY A 43 -15.19 -7.92 6.91
CA GLY A 43 -16.53 -7.51 6.47
C GLY A 43 -17.11 -8.33 5.29
N HIS A 44 -16.38 -9.33 4.78
CA HIS A 44 -16.72 -10.11 3.57
C HIS A 44 -16.98 -11.61 3.85
N ALA A 45 -17.27 -11.96 5.11
CA ALA A 45 -17.57 -13.34 5.56
C ALA A 45 -16.50 -14.39 5.16
N VAL A 46 -15.23 -14.04 5.29
CA VAL A 46 -14.05 -14.81 4.82
C VAL A 46 -13.41 -15.65 5.94
N PRO A 47 -12.68 -16.74 5.62
CA PRO A 47 -12.08 -17.64 6.61
C PRO A 47 -11.02 -16.94 7.48
N PRO A 48 -10.74 -17.42 8.72
CA PRO A 48 -9.74 -16.82 9.58
C PRO A 48 -8.34 -16.85 8.94
N GLY A 49 -7.63 -15.72 9.01
CA GLY A 49 -6.33 -15.52 8.34
C GLY A 49 -6.40 -15.22 6.84
N SER A 50 -7.58 -15.25 6.22
CA SER A 50 -7.80 -14.73 4.86
C SER A 50 -7.97 -13.21 4.91
N GLU A 51 -7.33 -12.55 3.94
CA GLU A 51 -7.09 -11.10 3.91
C GLU A 51 -7.30 -10.56 2.48
N THR A 52 -8.50 -10.74 1.92
CA THR A 52 -8.79 -10.59 0.48
C THR A 52 -8.85 -9.14 0.03
N HIS A 53 -8.89 -8.21 1.00
CA HIS A 53 -9.42 -6.87 0.80
C HIS A 53 -8.58 -5.85 1.58
N PHE A 54 -7.99 -4.85 0.90
CA PHE A 54 -6.88 -4.09 1.50
C PHE A 54 -6.81 -2.60 1.10
N ARG A 55 -6.58 -1.70 2.06
CA ARG A 55 -6.63 -0.24 1.86
C ARG A 55 -5.46 0.47 2.58
N VAL A 56 -4.56 1.10 1.83
CA VAL A 56 -3.24 1.56 2.33
C VAL A 56 -2.98 3.05 2.07
N ALA A 57 -2.50 3.74 3.09
CA ALA A 57 -1.86 5.05 2.95
C ALA A 57 -0.34 4.87 2.86
N VAL A 58 0.17 5.03 1.64
CA VAL A 58 1.59 4.88 1.30
C VAL A 58 2.21 6.26 1.15
N VAL A 59 3.07 6.64 2.10
CA VAL A 59 3.67 7.97 2.08
C VAL A 59 5.15 7.87 2.39
N SER A 60 5.92 8.44 1.44
CA SER A 60 7.37 8.31 1.33
C SER A 60 8.00 9.47 0.55
N SER A 61 9.24 9.86 0.90
CA SER A 61 10.03 10.88 0.16
C SER A 61 10.32 10.48 -1.29
N ARG A 62 10.36 9.16 -1.57
CA ARG A 62 10.78 8.55 -2.84
C ARG A 62 9.88 8.85 -4.03
N PHE A 63 8.63 9.26 -3.82
CA PHE A 63 7.62 9.41 -4.86
C PHE A 63 7.72 10.75 -5.61
N GLU A 64 8.92 11.30 -5.71
CA GLU A 64 9.15 12.61 -6.32
C GLU A 64 9.25 12.61 -7.86
N GLY A 65 8.71 13.66 -8.50
CA GLY A 65 8.94 14.01 -9.91
C GLY A 65 8.07 13.31 -10.97
N LEU A 66 6.99 12.63 -10.59
CA LEU A 66 6.10 11.83 -11.43
C LEU A 66 4.62 12.02 -11.02
N SER A 67 3.70 11.74 -11.95
CA SER A 67 2.24 11.72 -11.70
C SER A 67 1.81 10.58 -10.75
N PRO A 68 0.84 10.81 -9.83
CA PRO A 68 0.29 9.77 -8.96
C PRO A 68 -0.21 8.54 -9.72
N LEU A 69 -1.00 8.72 -10.79
CA LEU A 69 -1.50 7.60 -11.60
C LEU A 69 -0.37 6.83 -12.30
N GLN A 70 0.65 7.54 -12.81
CA GLN A 70 1.83 6.95 -13.45
C GLN A 70 2.59 6.02 -12.48
N ARG A 71 2.87 6.50 -11.25
CA ARG A 71 3.54 5.66 -10.24
C ARG A 71 2.66 4.53 -9.70
N HIS A 72 1.37 4.77 -9.53
CA HIS A 72 0.40 3.74 -9.15
C HIS A 72 0.39 2.62 -10.20
N ARG A 73 0.25 2.93 -11.49
CA ARG A 73 0.36 1.96 -12.60
C ARG A 73 1.68 1.18 -12.57
N LEU A 74 2.81 1.88 -12.38
CA LEU A 74 4.12 1.22 -12.23
C LEU A 74 4.11 0.17 -11.12
N VAL A 75 3.66 0.55 -9.92
CA VAL A 75 3.55 -0.33 -8.74
C VAL A 75 2.54 -1.48 -8.95
N HIS A 76 1.47 -1.25 -9.70
CA HIS A 76 0.38 -2.19 -9.97
C HIS A 76 0.76 -3.24 -11.02
N ALA A 77 1.68 -2.92 -11.93
CA ALA A 77 2.31 -3.88 -12.83
C ALA A 77 3.55 -4.57 -12.23
N ALA A 78 4.50 -3.78 -11.74
CA ALA A 78 5.81 -4.24 -11.28
C ALA A 78 5.83 -4.79 -9.84
N LEU A 79 4.90 -4.38 -8.97
CA LEU A 79 4.84 -4.85 -7.57
C LEU A 79 3.63 -5.75 -7.25
N ALA A 80 2.87 -6.18 -8.26
CA ALA A 80 1.53 -6.75 -8.06
C ALA A 80 1.42 -7.88 -7.02
N GLU A 81 2.35 -8.84 -7.03
CA GLU A 81 2.33 -9.97 -6.11
C GLU A 81 2.66 -9.55 -4.67
N GLU A 82 3.40 -8.46 -4.50
CA GLU A 82 3.95 -7.95 -3.28
C GLU A 82 2.95 -7.01 -2.59
N LEU A 83 2.31 -6.13 -3.36
CA LEU A 83 1.16 -5.32 -2.98
C LEU A 83 -0.10 -6.12 -2.62
N GLY A 84 -0.47 -7.06 -3.50
CA GLY A 84 -1.86 -7.52 -3.62
C GLY A 84 -2.01 -8.94 -4.17
N GLY A 85 -0.92 -9.69 -4.13
CA GLY A 85 -0.85 -11.08 -4.59
C GLY A 85 -1.93 -11.97 -3.97
N PRO A 86 -2.09 -11.95 -2.63
CA PRO A 86 -3.12 -12.72 -1.94
C PRO A 86 -4.44 -11.92 -1.73
N VAL A 87 -4.66 -10.84 -2.49
CA VAL A 87 -5.67 -9.80 -2.23
C VAL A 87 -6.50 -9.51 -3.49
N HIS A 88 -7.73 -10.01 -3.51
CA HIS A 88 -8.65 -9.92 -4.66
C HIS A 88 -9.16 -8.49 -4.91
N ALA A 89 -9.16 -7.62 -3.89
CA ALA A 89 -9.47 -6.20 -4.02
C ALA A 89 -8.58 -5.31 -3.15
N LEU A 90 -8.05 -4.24 -3.71
CA LEU A 90 -7.25 -3.26 -2.99
C LEU A 90 -7.15 -1.86 -3.60
N ALA A 91 -6.86 -0.89 -2.73
CA ALA A 91 -6.48 0.47 -3.11
C ALA A 91 -5.28 1.02 -2.32
N ILE A 92 -4.40 1.77 -3.00
CA ILE A 92 -3.34 2.58 -2.38
C ILE A 92 -3.65 4.08 -2.54
N GLN A 93 -3.18 4.90 -1.61
CA GLN A 93 -3.14 6.36 -1.75
C GLN A 93 -1.71 6.85 -1.50
N ALA A 94 -1.02 7.32 -2.56
CA ALA A 94 0.36 7.81 -2.47
C ALA A 94 0.45 9.29 -2.03
N ARG A 95 1.39 9.59 -1.13
CA ARG A 95 1.77 10.98 -0.75
C ARG A 95 3.23 11.12 -0.31
N THR A 96 3.65 12.36 -0.03
CA THR A 96 5.01 12.71 0.37
C THR A 96 5.07 13.35 1.76
N PRO A 97 6.22 13.29 2.47
CA PRO A 97 6.26 13.57 3.90
C PRO A 97 5.80 14.98 4.24
N ALA A 98 6.40 16.03 3.68
CA ALA A 98 6.13 17.40 4.14
C ALA A 98 4.64 17.82 4.06
N GLN A 99 3.87 17.31 3.09
CA GLN A 99 2.41 17.49 3.04
C GLN A 99 1.67 16.52 3.99
N TRP A 100 2.12 15.28 4.14
CA TRP A 100 1.58 14.37 5.17
C TRP A 100 1.73 14.92 6.59
N ARG A 101 2.91 15.45 6.95
CA ARG A 101 3.20 15.91 8.33
C ARG A 101 2.42 17.18 8.72
N GLU A 102 2.15 18.03 7.73
CA GLU A 102 1.49 19.32 7.91
C GLU A 102 -0.05 19.25 7.80
N ASN A 103 -0.58 18.58 6.76
CA ASN A 103 -2.00 18.64 6.39
C ASN A 103 -2.64 17.32 5.92
N SER A 104 -1.87 16.22 5.78
CA SER A 104 -2.25 14.96 5.07
C SER A 104 -2.48 15.09 3.55
N PRO A 17 0.94 -11.78 9.34
CA PRO A 17 -0.22 -11.15 8.70
C PRO A 17 0.21 -10.17 7.60
N VAL A 18 -0.62 -9.98 6.55
CA VAL A 18 -0.22 -9.25 5.32
C VAL A 18 0.25 -7.82 5.58
N GLU A 19 -0.25 -7.18 6.64
CA GLU A 19 0.00 -5.78 6.97
C GLU A 19 1.37 -5.64 7.64
N ALA A 20 1.75 -6.62 8.45
CA ALA A 20 3.05 -6.72 9.11
C ALA A 20 4.15 -7.21 8.14
N ALA A 21 3.78 -8.13 7.24
CA ALA A 21 4.59 -8.54 6.10
C ALA A 21 4.89 -7.34 5.19
N ILE A 22 3.88 -6.56 4.78
CA ILE A 22 4.10 -5.33 3.99
C ILE A 22 4.91 -4.30 4.77
N ARG A 23 4.61 -4.04 6.05
CA ARG A 23 5.42 -3.16 6.92
C ARG A 23 6.91 -3.46 6.75
N THR A 24 7.26 -4.71 6.99
CA THR A 24 8.65 -5.21 6.97
C THR A 24 9.28 -5.25 5.57
N LYS A 25 8.60 -5.87 4.60
CA LYS A 25 9.10 -6.04 3.23
C LYS A 25 9.25 -4.69 2.53
N LEU A 26 8.31 -3.76 2.69
CA LEU A 26 8.42 -2.42 2.10
C LEU A 26 9.40 -1.54 2.85
N GLU A 27 9.60 -1.70 4.18
CA GLU A 27 10.79 -1.16 4.84
C GLU A 27 12.08 -1.57 4.13
N GLU A 28 12.23 -2.87 3.84
CA GLU A 28 13.40 -3.38 3.12
C GLU A 28 13.47 -2.92 1.65
N ALA A 29 12.33 -2.77 0.97
CA ALA A 29 12.27 -2.45 -0.45
C ALA A 29 12.57 -0.98 -0.78
N LEU A 30 11.99 -0.03 -0.03
CA LEU A 30 12.16 1.41 -0.28
C LEU A 30 12.51 2.30 0.93
N SER A 31 12.55 1.74 2.15
CA SER A 31 12.72 2.50 3.41
C SER A 31 11.78 3.73 3.51
N PRO A 32 10.44 3.53 3.65
CA PRO A 32 9.41 4.58 3.61
C PRO A 32 9.57 5.71 4.63
N GLU A 33 8.83 6.80 4.46
CA GLU A 33 8.50 7.71 5.56
C GLU A 33 7.36 7.19 6.42
N VAL A 34 6.26 6.69 5.82
CA VAL A 34 5.24 5.94 6.56
C VAL A 34 4.75 4.75 5.77
N LEU A 35 4.04 3.88 6.47
CA LEU A 35 2.84 3.30 5.87
C LEU A 35 1.80 2.97 6.94
N GLU A 36 0.62 3.60 6.85
CA GLU A 36 -0.48 3.40 7.79
C GLU A 36 -1.67 2.80 7.06
N LEU A 37 -2.05 1.62 7.50
CA LEU A 37 -2.81 0.66 6.73
C LEU A 37 -3.73 -0.22 7.58
N ARG A 38 -4.76 -0.81 6.97
CA ARG A 38 -5.83 -1.57 7.62
C ARG A 38 -6.39 -2.57 6.61
N ASN A 39 -6.71 -3.79 7.03
CA ASN A 39 -7.40 -4.72 6.15
C ASN A 39 -8.91 -4.42 6.10
N GLU A 40 -9.49 -4.53 4.91
CA GLU A 40 -10.94 -4.38 4.70
C GLU A 40 -11.67 -5.73 4.82
N SER A 41 -10.94 -6.81 4.55
CA SER A 41 -11.29 -8.24 4.56
C SER A 41 -11.86 -8.81 5.87
N GLY A 42 -11.90 -8.02 6.96
CA GLY A 42 -12.81 -8.29 8.08
C GLY A 42 -14.30 -8.11 7.74
N GLY A 43 -14.62 -7.38 6.67
CA GLY A 43 -15.91 -7.34 5.99
C GLY A 43 -16.02 -8.39 4.87
N HIS A 44 -16.86 -8.14 3.87
CA HIS A 44 -16.99 -8.91 2.62
C HIS A 44 -17.42 -10.38 2.72
N ALA A 45 -17.76 -10.98 1.57
CA ALA A 45 -18.13 -12.39 1.44
C ALA A 45 -16.90 -13.32 1.37
N VAL A 46 -15.97 -13.16 2.31
CA VAL A 46 -14.63 -13.81 2.35
C VAL A 46 -14.50 -14.76 3.55
N PRO A 47 -13.57 -15.73 3.53
CA PRO A 47 -13.33 -16.63 4.66
C PRO A 47 -12.83 -15.88 5.92
N PRO A 48 -13.20 -16.32 7.13
CA PRO A 48 -12.84 -15.65 8.37
C PRO A 48 -11.32 -15.69 8.61
N GLY A 49 -10.74 -14.55 8.94
CA GLY A 49 -9.29 -14.40 9.12
C GLY A 49 -8.51 -14.25 7.80
N SER A 50 -9.17 -14.29 6.63
CA SER A 50 -8.55 -13.94 5.36
C SER A 50 -8.33 -12.43 5.28
N GLU A 51 -7.33 -12.06 4.50
CA GLU A 51 -6.82 -10.71 4.27
C GLU A 51 -6.69 -10.42 2.77
N THR A 52 -7.64 -10.90 1.97
CA THR A 52 -7.66 -10.78 0.50
C THR A 52 -7.96 -9.34 0.06
N HIS A 53 -8.57 -8.57 0.97
CA HIS A 53 -9.04 -7.19 0.81
C HIS A 53 -8.28 -6.24 1.74
N PHE A 54 -7.63 -5.21 1.19
CA PHE A 54 -6.70 -4.35 1.94
C PHE A 54 -6.91 -2.85 1.69
N ARG A 55 -6.42 -2.00 2.61
CA ARG A 55 -6.44 -0.53 2.52
C ARG A 55 -5.12 0.02 3.04
N VAL A 56 -4.46 0.92 2.30
CA VAL A 56 -3.10 1.40 2.62
C VAL A 56 -2.92 2.89 2.33
N ALA A 57 -2.30 3.58 3.28
CA ALA A 57 -1.69 4.89 3.06
C ALA A 57 -0.17 4.73 3.07
N VAL A 58 0.53 5.20 2.03
CA VAL A 58 2.00 5.00 1.91
C VAL A 58 2.68 6.29 1.50
N VAL A 59 3.77 6.64 2.16
CA VAL A 59 4.43 7.95 1.94
C VAL A 59 5.94 7.82 1.93
N SER A 60 6.52 8.35 0.84
CA SER A 60 7.95 8.36 0.54
C SER A 60 8.26 9.42 -0.52
N SER A 61 9.43 10.06 -0.46
CA SER A 61 9.93 10.93 -1.53
C SER A 61 10.12 10.20 -2.87
N ARG A 62 10.13 8.86 -2.88
CA ARG A 62 10.14 8.03 -4.10
C ARG A 62 8.88 8.15 -4.96
N PHE A 63 7.78 8.60 -4.37
CA PHE A 63 6.46 8.77 -4.99
C PHE A 63 6.20 10.20 -5.50
N GLU A 64 7.24 11.02 -5.67
CA GLU A 64 7.14 12.40 -6.14
C GLU A 64 7.05 12.58 -7.66
N GLY A 65 6.45 13.69 -8.10
CA GLY A 65 6.55 14.31 -9.44
C GLY A 65 5.71 13.63 -10.53
N LEU A 66 5.57 12.32 -10.44
CA LEU A 66 4.62 11.51 -11.18
C LEU A 66 3.17 11.77 -10.70
N SER A 67 2.21 11.54 -11.59
CA SER A 67 0.77 11.59 -11.25
C SER A 67 0.43 10.45 -10.28
N PRO A 68 -0.58 10.59 -9.39
CA PRO A 68 -1.06 9.49 -8.56
C PRO A 68 -1.58 8.32 -9.41
N LEU A 69 -2.28 8.62 -10.50
CA LEU A 69 -2.83 7.67 -11.47
C LEU A 69 -1.69 6.94 -12.21
N GLN A 70 -0.70 7.69 -12.70
CA GLN A 70 0.55 7.20 -13.30
C GLN A 70 1.29 6.26 -12.33
N ARG A 71 1.52 6.71 -11.08
CA ARG A 71 2.13 5.95 -9.98
C ARG A 71 1.41 4.63 -9.73
N HIS A 72 0.10 4.67 -9.50
CA HIS A 72 -0.67 3.51 -9.10
C HIS A 72 -0.75 2.51 -10.25
N ARG A 73 -0.92 2.95 -11.51
CA ARG A 73 -0.74 2.09 -12.69
C ARG A 73 0.64 1.45 -12.77
N LEU A 74 1.71 2.17 -12.42
CA LEU A 74 3.06 1.63 -12.32
C LEU A 74 3.11 0.49 -11.28
N VAL A 75 2.60 0.69 -10.06
CA VAL A 75 2.48 -0.37 -9.04
C VAL A 75 1.65 -1.56 -9.55
N HIS A 76 0.54 -1.29 -10.22
CA HIS A 76 -0.46 -2.29 -10.58
C HIS A 76 -0.03 -3.13 -11.79
N ALA A 77 0.71 -2.57 -12.75
CA ALA A 77 1.27 -3.33 -13.87
C ALA A 77 2.68 -3.89 -13.65
N ALA A 78 3.53 -3.19 -12.90
CA ALA A 78 4.89 -3.63 -12.61
C ALA A 78 4.99 -4.47 -11.35
N LEU A 79 4.32 -4.05 -10.29
CA LEU A 79 4.58 -4.55 -8.93
C LEU A 79 3.39 -5.27 -8.31
N ALA A 80 2.43 -5.63 -9.15
CA ALA A 80 1.30 -6.42 -8.67
C ALA A 80 1.74 -7.70 -7.93
N GLU A 81 2.88 -8.32 -8.25
CA GLU A 81 3.36 -9.49 -7.50
C GLU A 81 4.12 -9.14 -6.21
N GLU A 82 4.64 -7.91 -6.07
CA GLU A 82 5.35 -7.45 -4.92
C GLU A 82 4.40 -7.01 -3.81
N LEU A 83 3.41 -6.18 -4.18
CA LEU A 83 2.37 -5.66 -3.27
C LEU A 83 1.02 -6.35 -3.37
N GLY A 84 0.62 -6.77 -4.57
CA GLY A 84 -0.63 -7.49 -4.78
C GLY A 84 -0.47 -8.99 -4.53
N GLY A 85 0.65 -9.36 -3.90
CA GLY A 85 1.03 -10.77 -3.69
C GLY A 85 -0.02 -11.55 -2.90
N PRO A 86 -0.36 -11.12 -1.67
CA PRO A 86 -1.21 -11.89 -0.76
C PRO A 86 -2.71 -11.50 -0.80
N VAL A 87 -3.06 -10.46 -1.56
CA VAL A 87 -4.38 -9.87 -1.76
C VAL A 87 -4.93 -10.19 -3.15
N HIS A 88 -6.25 -10.12 -3.28
CA HIS A 88 -6.93 -10.03 -4.56
C HIS A 88 -7.34 -8.56 -4.87
N ALA A 89 -7.63 -7.78 -3.82
CA ALA A 89 -8.00 -6.37 -3.88
C ALA A 89 -7.33 -5.55 -2.79
N LEU A 90 -6.97 -4.32 -3.15
CA LEU A 90 -6.47 -3.31 -2.25
C LEU A 90 -6.72 -1.89 -2.78
N ALA A 91 -7.09 -0.98 -1.89
CA ALA A 91 -7.06 0.45 -2.15
C ALA A 91 -5.80 1.07 -1.56
N ILE A 92 -5.05 1.83 -2.37
CA ILE A 92 -3.80 2.47 -1.99
C ILE A 92 -3.87 4.00 -2.17
N GLN A 93 -3.10 4.73 -1.36
CA GLN A 93 -2.77 6.13 -1.62
C GLN A 93 -1.27 6.36 -1.43
N ALA A 94 -0.52 6.59 -2.52
CA ALA A 94 0.95 6.68 -2.52
C ALA A 94 1.47 8.11 -2.78
N ARG A 95 2.13 8.69 -1.77
CA ARG A 95 2.17 10.14 -1.51
C ARG A 95 3.52 10.64 -0.94
N THR A 96 3.65 11.94 -0.68
CA THR A 96 4.95 12.58 -0.37
C THR A 96 5.12 13.05 1.10
N PRO A 97 6.37 13.03 1.62
CA PRO A 97 6.62 13.05 3.05
C PRO A 97 6.17 14.33 3.72
N ALA A 98 6.54 15.52 3.25
CA ALA A 98 6.07 16.74 3.89
C ALA A 98 4.57 17.03 3.62
N GLN A 99 3.93 16.36 2.64
CA GLN A 99 2.47 16.31 2.55
C GLN A 99 1.91 15.65 3.81
N TRP A 100 2.44 14.45 4.13
CA TRP A 100 2.06 13.71 5.34
C TRP A 100 2.37 14.49 6.63
N ARG A 101 3.51 15.19 6.67
CA ARG A 101 3.94 15.95 7.86
C ARG A 101 2.98 17.09 8.19
N GLU A 102 2.33 17.65 7.18
CA GLU A 102 1.38 18.75 7.35
C GLU A 102 -0.10 18.33 7.43
N ASN A 103 -0.71 17.86 6.33
CA ASN A 103 -2.08 17.31 6.35
C ASN A 103 -2.30 16.39 5.14
N SER A 104 -1.92 16.93 3.99
CA SER A 104 -1.87 16.29 2.67
C SER A 104 -1.16 17.25 1.70
N PRO A 17 -0.23 -10.62 11.27
CA PRO A 17 -1.12 -10.13 10.24
C PRO A 17 -0.37 -9.77 8.95
N VAL A 18 -1.04 -9.92 7.82
CA VAL A 18 -0.46 -9.61 6.49
C VAL A 18 -0.30 -8.11 6.28
N GLU A 19 -0.85 -7.29 7.17
CA GLU A 19 -0.62 -5.84 7.18
C GLU A 19 0.81 -5.52 7.67
N ALA A 20 1.30 -6.29 8.65
CA ALA A 20 2.67 -6.27 9.17
C ALA A 20 3.65 -7.04 8.24
N ALA A 21 3.15 -8.08 7.54
CA ALA A 21 3.89 -8.66 6.42
C ALA A 21 4.07 -7.68 5.24
N ILE A 22 3.04 -6.88 4.88
CA ILE A 22 3.19 -5.77 3.91
C ILE A 22 4.22 -4.77 4.43
N ARG A 23 4.13 -4.28 5.67
CA ARG A 23 5.13 -3.35 6.23
C ARG A 23 6.55 -3.87 6.01
N THR A 24 6.80 -5.11 6.40
CA THR A 24 8.07 -5.82 6.20
C THR A 24 8.53 -5.84 4.72
N LYS A 25 7.70 -6.39 3.81
CA LYS A 25 8.09 -6.58 2.40
C LYS A 25 8.12 -5.30 1.57
N LEU A 26 7.33 -4.27 1.92
CA LEU A 26 7.37 -2.96 1.29
C LEU A 26 8.50 -2.06 1.85
N GLU A 27 8.92 -2.24 3.11
CA GLU A 27 10.21 -1.72 3.58
C GLU A 27 11.37 -2.34 2.79
N GLU A 28 11.35 -3.66 2.53
CA GLU A 28 12.28 -4.30 1.60
C GLU A 28 12.16 -3.77 0.15
N ALA A 29 10.95 -3.48 -0.33
CA ALA A 29 10.70 -3.11 -1.72
C ALA A 29 11.07 -1.65 -2.09
N LEU A 30 10.68 -0.65 -1.29
CA LEU A 30 10.96 0.77 -1.57
C LEU A 30 11.50 1.60 -0.39
N SER A 31 11.51 1.08 0.84
CA SER A 31 11.89 1.80 2.07
C SER A 31 11.06 3.10 2.32
N PRO A 32 9.76 2.98 2.71
CA PRO A 32 8.87 4.11 2.99
C PRO A 32 9.38 5.08 4.07
N GLU A 33 8.97 6.35 4.01
CA GLU A 33 8.87 7.15 5.24
C GLU A 33 7.64 6.78 6.04
N VAL A 34 6.51 6.47 5.37
CA VAL A 34 5.20 6.44 6.03
C VAL A 34 4.33 5.32 5.45
N LEU A 35 3.56 4.69 6.32
CA LEU A 35 2.85 3.44 6.05
C LEU A 35 1.63 3.34 6.98
N GLU A 36 0.41 3.44 6.46
CA GLU A 36 -0.81 3.28 7.25
C GLU A 36 -1.91 2.56 6.47
N LEU A 37 -2.39 1.44 7.00
CA LEU A 37 -3.25 0.51 6.26
C LEU A 37 -4.24 -0.28 7.14
N ARG A 38 -5.29 -0.84 6.53
CA ARG A 38 -6.30 -1.71 7.15
C ARG A 38 -6.99 -2.56 6.09
N ASN A 39 -7.42 -3.77 6.43
CA ASN A 39 -8.17 -4.63 5.52
C ASN A 39 -9.68 -4.33 5.54
N GLU A 40 -10.33 -4.45 4.37
CA GLU A 40 -11.78 -4.30 4.17
C GLU A 40 -12.51 -5.66 4.33
N SER A 41 -11.76 -6.76 4.21
CA SER A 41 -12.16 -8.17 4.24
C SER A 41 -12.86 -8.64 5.54
N GLY A 42 -12.86 -7.84 6.61
CA GLY A 42 -13.76 -8.02 7.76
C GLY A 42 -15.25 -7.80 7.42
N GLY A 43 -15.52 -7.29 6.21
CA GLY A 43 -16.82 -7.19 5.54
C GLY A 43 -17.26 -8.42 4.75
N HIS A 44 -16.46 -9.50 4.72
CA HIS A 44 -16.76 -10.73 3.98
C HIS A 44 -16.77 -11.96 4.89
N ALA A 45 -17.52 -12.99 4.48
CA ALA A 45 -17.60 -14.30 5.14
C ALA A 45 -16.43 -15.25 4.81
N VAL A 46 -15.20 -14.73 4.76
CA VAL A 46 -13.98 -15.44 4.36
C VAL A 46 -13.49 -16.45 5.42
N PRO A 47 -12.74 -17.50 5.05
CA PRO A 47 -12.13 -18.43 6.01
C PRO A 47 -11.09 -17.73 6.93
N PRO A 48 -10.81 -18.26 8.13
CA PRO A 48 -9.86 -17.67 9.07
C PRO A 48 -8.43 -17.63 8.49
N GLY A 49 -7.75 -16.49 8.65
CA GLY A 49 -6.43 -16.22 8.05
C GLY A 49 -6.46 -15.78 6.58
N SER A 50 -7.64 -15.68 5.95
CA SER A 50 -7.82 -15.05 4.63
C SER A 50 -8.18 -13.57 4.77
N GLU A 51 -7.40 -12.71 4.12
CA GLU A 51 -7.57 -11.26 4.07
C GLU A 51 -7.63 -10.82 2.60
N THR A 52 -8.74 -11.15 1.94
CA THR A 52 -8.94 -11.03 0.49
C THR A 52 -8.89 -9.59 -0.02
N HIS A 53 -9.14 -8.63 0.86
CA HIS A 53 -9.64 -7.30 0.53
C HIS A 53 -8.93 -6.24 1.39
N PHE A 54 -8.24 -5.26 0.77
CA PHE A 54 -7.24 -4.45 1.49
C PHE A 54 -7.16 -2.97 1.09
N ARG A 55 -6.88 -2.08 2.06
CA ARG A 55 -6.79 -0.62 1.86
C ARG A 55 -5.49 -0.08 2.45
N VAL A 56 -4.69 0.64 1.65
CA VAL A 56 -3.31 1.04 2.04
C VAL A 56 -3.02 2.52 1.78
N ALA A 57 -2.18 3.12 2.63
CA ALA A 57 -1.44 4.35 2.35
C ALA A 57 0.07 4.10 2.45
N VAL A 58 0.81 4.47 1.41
CA VAL A 58 2.27 4.29 1.29
C VAL A 58 2.93 5.59 0.86
N VAL A 59 3.85 6.10 1.67
CA VAL A 59 4.42 7.43 1.48
C VAL A 59 5.96 7.36 1.46
N SER A 60 6.57 7.91 0.41
CA SER A 60 8.02 7.80 0.16
C SER A 60 8.52 8.90 -0.78
N SER A 61 9.79 9.27 -0.65
CA SER A 61 10.48 10.11 -1.65
C SER A 61 10.51 9.49 -3.05
N ARG A 62 10.27 8.17 -3.19
CA ARG A 62 10.13 7.49 -4.49
C ARG A 62 8.99 8.04 -5.35
N PHE A 63 8.00 8.68 -4.75
CA PHE A 63 6.79 9.17 -5.40
C PHE A 63 6.80 10.69 -5.67
N GLU A 64 7.95 11.36 -5.56
CA GLU A 64 8.10 12.80 -5.84
C GLU A 64 8.33 13.18 -7.30
N GLY A 65 7.97 14.42 -7.66
CA GLY A 65 8.34 15.09 -8.92
C GLY A 65 7.59 14.66 -10.18
N LEU A 66 6.68 13.69 -10.08
CA LEU A 66 5.79 13.16 -11.11
C LEU A 66 4.30 13.39 -10.78
N SER A 67 3.43 13.14 -11.75
CA SER A 67 1.97 13.19 -11.61
C SER A 67 1.42 12.18 -10.58
N PRO A 68 0.33 12.50 -9.85
CA PRO A 68 -0.34 11.54 -8.95
C PRO A 68 -0.75 10.25 -9.68
N LEU A 69 -1.26 10.38 -10.91
CA LEU A 69 -1.58 9.22 -11.76
C LEU A 69 -0.33 8.37 -12.03
N GLN A 70 0.84 8.99 -12.19
CA GLN A 70 2.08 8.30 -12.50
C GLN A 70 2.73 7.62 -11.27
N ARG A 71 2.63 8.18 -10.05
CA ARG A 71 3.01 7.42 -8.84
C ARG A 71 2.06 6.24 -8.58
N HIS A 72 0.76 6.42 -8.82
CA HIS A 72 -0.19 5.30 -8.76
C HIS A 72 0.12 4.23 -9.84
N ARG A 73 0.40 4.62 -11.09
CA ARG A 73 0.91 3.75 -12.16
C ARG A 73 2.18 2.98 -11.73
N LEU A 74 3.10 3.64 -11.03
CA LEU A 74 4.31 3.05 -10.45
C LEU A 74 3.94 1.93 -9.45
N VAL A 75 3.04 2.18 -8.49
CA VAL A 75 2.56 1.13 -7.56
C VAL A 75 1.85 -0.03 -8.28
N HIS A 76 1.06 0.30 -9.29
CA HIS A 76 0.16 -0.62 -9.99
C HIS A 76 0.92 -1.52 -10.98
N ALA A 77 2.03 -1.04 -11.55
CA ALA A 77 2.95 -1.84 -12.34
C ALA A 77 4.02 -2.54 -11.48
N ALA A 78 4.75 -1.80 -10.65
CA ALA A 78 5.93 -2.30 -9.96
C ALA A 78 5.67 -2.92 -8.59
N LEU A 79 4.50 -2.69 -7.95
CA LEU A 79 4.19 -3.36 -6.66
C LEU A 79 3.00 -4.31 -6.70
N ALA A 80 2.28 -4.51 -7.81
CA ALA A 80 1.02 -5.26 -7.75
C ALA A 80 1.16 -6.75 -7.36
N GLU A 81 2.26 -7.42 -7.69
CA GLU A 81 2.47 -8.83 -7.34
C GLU A 81 3.01 -9.01 -5.91
N GLU A 82 3.58 -7.95 -5.34
CA GLU A 82 4.10 -7.87 -4.00
C GLU A 82 3.01 -7.47 -3.00
N LEU A 83 2.35 -6.34 -3.27
CA LEU A 83 1.29 -5.74 -2.46
C LEU A 83 -0.04 -6.46 -2.67
N GLY A 84 -0.30 -6.98 -3.88
CA GLY A 84 -1.38 -7.95 -4.12
C GLY A 84 -0.94 -9.39 -3.89
N GLY A 85 0.21 -9.60 -3.25
CA GLY A 85 0.80 -10.91 -2.98
C GLY A 85 -0.02 -11.76 -2.00
N PRO A 86 -0.38 -11.19 -0.82
CA PRO A 86 -1.25 -11.84 0.16
C PRO A 86 -2.74 -11.43 0.05
N VAL A 87 -3.11 -10.68 -1.00
CA VAL A 87 -4.42 -9.99 -1.14
C VAL A 87 -5.03 -10.25 -2.53
N HIS A 88 -6.36 -10.40 -2.63
CA HIS A 88 -7.09 -10.62 -3.88
C HIS A 88 -7.57 -9.31 -4.56
N ALA A 89 -8.05 -8.35 -3.76
CA ALA A 89 -8.59 -7.06 -4.19
C ALA A 89 -8.15 -5.94 -3.25
N LEU A 90 -7.87 -4.75 -3.79
CA LEU A 90 -7.27 -3.66 -3.02
C LEU A 90 -7.38 -2.26 -3.63
N ALA A 91 -7.28 -1.25 -2.76
CA ALA A 91 -7.19 0.17 -3.11
C ALA A 91 -6.09 0.89 -2.30
N ILE A 92 -5.34 1.79 -2.95
CA ILE A 92 -4.10 2.37 -2.45
C ILE A 92 -4.08 3.91 -2.52
N GLN A 93 -3.27 4.54 -1.67
CA GLN A 93 -2.79 5.91 -1.84
C GLN A 93 -1.26 5.93 -1.86
N ALA A 94 -0.65 6.50 -2.91
CA ALA A 94 0.79 6.74 -3.00
C ALA A 94 1.08 8.24 -2.78
N ARG A 95 1.92 8.58 -1.80
CA ARG A 95 2.15 9.98 -1.37
C ARG A 95 3.64 10.32 -1.19
N THR A 96 3.99 11.60 -1.02
CA THR A 96 5.33 12.05 -0.60
C THR A 96 5.39 12.52 0.87
N PRO A 97 6.54 12.36 1.55
CA PRO A 97 6.67 12.68 2.97
C PRO A 97 6.35 14.15 3.26
N ALA A 98 6.81 15.12 2.47
CA ALA A 98 6.49 16.52 2.75
C ALA A 98 5.02 16.89 2.43
N GLN A 99 4.28 16.13 1.61
CA GLN A 99 2.82 16.29 1.53
C GLN A 99 2.18 15.78 2.84
N TRP A 100 2.61 14.60 3.32
CA TRP A 100 2.16 14.05 4.61
C TRP A 100 2.50 14.97 5.80
N ARG A 101 3.65 15.65 5.74
CA ARG A 101 4.15 16.56 6.78
C ARG A 101 3.14 17.68 7.01
N GLU A 102 2.52 18.19 5.95
CA GLU A 102 1.49 19.23 6.04
C GLU A 102 0.06 18.68 6.10
N ASN A 103 -0.47 18.19 4.97
CA ASN A 103 -1.72 17.41 4.86
C ASN A 103 -1.77 16.61 3.55
N SER A 104 -1.37 17.30 2.48
CA SER A 104 -1.57 17.03 1.04
C SER A 104 -0.76 18.05 0.21
N PRO A 17 0.96 -10.91 10.94
CA PRO A 17 0.08 -10.33 9.93
C PRO A 17 0.83 -9.94 8.63
N VAL A 18 0.22 -10.28 7.50
CA VAL A 18 0.79 -10.04 6.16
C VAL A 18 0.98 -8.56 5.82
N GLU A 19 0.27 -7.66 6.50
CA GLU A 19 0.41 -6.21 6.31
C GLU A 19 1.74 -5.68 6.89
N ALA A 20 2.18 -6.32 7.97
CA ALA A 20 3.46 -6.09 8.63
C ALA A 20 4.61 -6.87 7.94
N ALA A 21 4.30 -8.04 7.36
CA ALA A 21 5.22 -8.72 6.43
C ALA A 21 5.59 -7.85 5.21
N ILE A 22 4.59 -7.24 4.54
CA ILE A 22 4.88 -6.32 3.43
C ILE A 22 5.47 -4.99 3.90
N ARG A 23 5.02 -4.36 4.99
CA ARG A 23 5.76 -3.25 5.66
C ARG A 23 7.26 -3.53 5.68
N THR A 24 7.66 -4.66 6.25
CA THR A 24 9.06 -5.12 6.23
C THR A 24 9.65 -5.23 4.80
N LYS A 25 9.00 -5.93 3.86
CA LYS A 25 9.47 -6.06 2.44
C LYS A 25 9.59 -4.71 1.71
N LEU A 26 8.69 -3.77 1.97
CA LEU A 26 8.57 -2.46 1.33
C LEU A 26 9.60 -1.47 1.91
N GLU A 27 9.90 -1.55 3.22
CA GLU A 27 11.06 -0.86 3.80
C GLU A 27 12.38 -1.41 3.25
N GLU A 28 12.48 -2.73 3.03
CA GLU A 28 13.62 -3.40 2.40
C GLU A 28 13.75 -3.03 0.90
N ALA A 29 12.64 -2.77 0.21
CA ALA A 29 12.61 -2.44 -1.22
C ALA A 29 12.87 -0.96 -1.54
N LEU A 30 12.13 -0.01 -0.93
CA LEU A 30 12.22 1.42 -1.24
C LEU A 30 12.37 2.34 -0.01
N SER A 31 12.25 1.82 1.21
CA SER A 31 12.32 2.60 2.46
C SER A 31 11.36 3.82 2.48
N PRO A 32 10.03 3.62 2.64
CA PRO A 32 9.06 4.69 2.91
C PRO A 32 9.48 5.65 4.03
N GLU A 33 8.90 6.84 4.02
CA GLU A 33 8.74 7.65 5.22
C GLU A 33 7.50 7.24 6.01
N VAL A 34 6.44 6.80 5.31
CA VAL A 34 5.11 6.67 5.90
C VAL A 34 4.35 5.46 5.34
N LEU A 35 3.69 4.72 6.24
CA LEU A 35 2.97 3.48 5.94
C LEU A 35 1.83 3.30 6.95
N GLU A 36 0.57 3.33 6.50
CA GLU A 36 -0.60 3.12 7.37
C GLU A 36 -1.71 2.35 6.63
N LEU A 37 -2.11 1.20 7.17
CA LEU A 37 -2.94 0.22 6.45
C LEU A 37 -3.86 -0.66 7.32
N ARG A 38 -4.91 -1.24 6.73
CA ARG A 38 -5.88 -2.15 7.37
C ARG A 38 -6.41 -3.17 6.35
N ASN A 39 -6.84 -4.35 6.80
CA ASN A 39 -7.64 -5.26 6.01
C ASN A 39 -9.15 -5.09 6.30
N GLU A 40 -9.97 -5.11 5.26
CA GLU A 40 -11.42 -4.83 5.28
C GLU A 40 -12.30 -6.06 4.97
N SER A 41 -11.65 -7.19 4.68
CA SER A 41 -12.25 -8.49 4.35
C SER A 41 -13.27 -9.03 5.35
N GLY A 42 -13.26 -8.58 6.62
CA GLY A 42 -14.32 -8.92 7.58
C GLY A 42 -15.68 -8.31 7.25
N GLY A 43 -15.73 -7.31 6.35
CA GLY A 43 -16.95 -6.79 5.74
C GLY A 43 -17.57 -7.69 4.66
N HIS A 44 -16.91 -8.79 4.30
CA HIS A 44 -17.33 -9.78 3.30
C HIS A 44 -17.73 -11.08 4.00
N ALA A 45 -18.60 -11.88 3.37
CA ALA A 45 -19.17 -13.11 3.91
C ALA A 45 -18.19 -14.31 3.94
N VAL A 46 -16.89 -14.04 3.85
CA VAL A 46 -15.80 -15.03 3.69
C VAL A 46 -15.65 -15.93 4.92
N PRO A 47 -15.23 -17.20 4.77
CA PRO A 47 -15.06 -18.13 5.88
C PRO A 47 -13.80 -17.84 6.71
N PRO A 48 -13.75 -18.25 7.99
CA PRO A 48 -12.53 -18.21 8.80
C PRO A 48 -11.31 -18.82 8.09
N GLY A 49 -10.15 -18.23 8.36
CA GLY A 49 -8.92 -18.37 7.58
C GLY A 49 -8.76 -17.24 6.53
N SER A 50 -9.85 -16.72 5.97
CA SER A 50 -9.81 -15.76 4.87
C SER A 50 -9.34 -14.37 5.31
N GLU A 51 -8.65 -13.73 4.38
CA GLU A 51 -7.95 -12.46 4.53
C GLU A 51 -7.81 -11.78 3.13
N THR A 52 -8.94 -11.54 2.46
CA THR A 52 -9.01 -11.35 1.00
C THR A 52 -8.73 -9.92 0.54
N HIS A 53 -8.91 -8.93 1.41
CA HIS A 53 -9.36 -7.59 1.02
C HIS A 53 -8.66 -6.49 1.84
N PHE A 54 -8.07 -5.50 1.17
CA PHE A 54 -7.06 -4.63 1.79
C PHE A 54 -7.20 -3.13 1.46
N ARG A 55 -6.72 -2.27 2.37
CA ARG A 55 -6.59 -0.82 2.17
C ARG A 55 -5.27 -0.28 2.72
N VAL A 56 -4.52 0.47 1.90
CA VAL A 56 -3.14 0.90 2.22
C VAL A 56 -2.90 2.38 1.95
N ALA A 57 -2.11 3.02 2.80
CA ALA A 57 -1.44 4.28 2.51
C ALA A 57 0.09 4.08 2.52
N VAL A 58 0.75 4.47 1.43
CA VAL A 58 2.20 4.33 1.21
C VAL A 58 2.79 5.66 0.75
N VAL A 59 3.71 6.23 1.51
CA VAL A 59 4.23 7.58 1.25
C VAL A 59 5.76 7.60 1.32
N SER A 60 6.40 8.05 0.23
CA SER A 60 7.84 7.90 0.03
C SER A 60 8.47 9.00 -0.83
N SER A 61 9.76 9.26 -0.59
CA SER A 61 10.63 10.08 -1.46
C SER A 61 10.92 9.42 -2.82
N ARG A 62 10.65 8.13 -3.00
CA ARG A 62 10.71 7.47 -4.33
C ARG A 62 9.55 7.83 -5.26
N PHE A 63 8.47 8.41 -4.72
CA PHE A 63 7.28 8.80 -5.49
C PHE A 63 7.31 10.30 -5.88
N GLU A 64 8.50 10.91 -5.91
CA GLU A 64 8.68 12.33 -6.25
C GLU A 64 8.70 12.64 -7.75
N GLY A 65 8.32 13.87 -8.08
CA GLY A 65 8.70 14.53 -9.33
C GLY A 65 7.88 14.15 -10.57
N LEU A 66 7.02 13.14 -10.43
CA LEU A 66 5.98 12.69 -11.35
C LEU A 66 4.57 13.10 -10.84
N SER A 67 3.54 12.81 -11.62
CA SER A 67 2.13 13.04 -11.27
C SER A 67 1.59 12.08 -10.18
N PRO A 68 0.58 12.50 -9.37
CA PRO A 68 -0.27 11.61 -8.56
C PRO A 68 -0.73 10.34 -9.31
N LEU A 69 -1.20 10.52 -10.54
CA LEU A 69 -1.62 9.40 -11.40
C LEU A 69 -0.44 8.48 -11.71
N GLN A 70 0.74 9.03 -12.03
CA GLN A 70 1.93 8.25 -12.32
C GLN A 70 2.45 7.49 -11.08
N ARG A 71 2.41 8.04 -9.85
CA ARG A 71 2.78 7.28 -8.63
C ARG A 71 1.78 6.18 -8.28
N HIS A 72 0.48 6.43 -8.43
CA HIS A 72 -0.54 5.37 -8.34
C HIS A 72 -0.29 4.27 -9.38
N ARG A 73 -0.05 4.62 -10.65
CA ARG A 73 0.34 3.67 -11.70
C ARG A 73 1.67 2.95 -11.45
N LEU A 74 2.66 3.60 -10.81
CA LEU A 74 3.91 2.98 -10.35
C LEU A 74 3.59 1.84 -9.38
N VAL A 75 2.78 2.11 -8.35
CA VAL A 75 2.35 1.05 -7.41
C VAL A 75 1.57 -0.07 -8.13
N HIS A 76 0.69 0.29 -9.06
CA HIS A 76 -0.24 -0.64 -9.71
C HIS A 76 0.45 -1.52 -10.77
N ALA A 77 1.44 -1.01 -11.49
CA ALA A 77 2.21 -1.83 -12.43
C ALA A 77 3.37 -2.55 -11.73
N ALA A 78 4.20 -1.82 -11.00
CA ALA A 78 5.43 -2.38 -10.42
C ALA A 78 5.21 -3.10 -9.09
N LEU A 79 4.22 -2.69 -8.26
CA LEU A 79 4.04 -3.31 -6.93
C LEU A 79 2.78 -4.18 -6.83
N ALA A 80 2.01 -4.39 -7.90
CA ALA A 80 0.77 -5.17 -7.75
C ALA A 80 1.00 -6.61 -7.30
N GLU A 81 2.03 -7.32 -7.78
CA GLU A 81 2.37 -8.65 -7.24
C GLU A 81 3.09 -8.61 -5.88
N GLU A 82 3.70 -7.48 -5.50
CA GLU A 82 4.48 -7.34 -4.31
C GLU A 82 3.58 -7.01 -3.11
N LEU A 83 2.69 -6.03 -3.29
CA LEU A 83 1.71 -5.55 -2.32
C LEU A 83 0.35 -6.25 -2.44
N GLY A 84 -0.08 -6.58 -3.66
CA GLY A 84 -1.26 -7.43 -3.90
C GLY A 84 -0.93 -8.91 -3.78
N GLY A 85 0.30 -9.24 -3.36
CA GLY A 85 0.83 -10.61 -3.31
C GLY A 85 -0.04 -11.55 -2.48
N PRO A 86 -0.32 -11.22 -1.21
CA PRO A 86 -1.03 -12.12 -0.30
C PRO A 86 -2.56 -12.01 -0.35
N VAL A 87 -3.12 -11.04 -1.08
CA VAL A 87 -4.53 -10.66 -1.10
C VAL A 87 -5.22 -10.97 -2.45
N HIS A 88 -6.55 -10.98 -2.44
CA HIS A 88 -7.39 -11.08 -3.65
C HIS A 88 -7.82 -9.70 -4.19
N ALA A 89 -7.95 -8.70 -3.31
CA ALA A 89 -8.25 -7.32 -3.64
C ALA A 89 -7.58 -6.30 -2.70
N LEU A 90 -7.25 -5.13 -3.25
CA LEU A 90 -6.73 -4.00 -2.49
C LEU A 90 -6.93 -2.64 -3.17
N ALA A 91 -7.11 -1.60 -2.35
CA ALA A 91 -7.07 -0.19 -2.79
C ALA A 91 -6.04 0.63 -2.00
N ILE A 92 -5.34 1.54 -2.70
CA ILE A 92 -4.13 2.20 -2.21
C ILE A 92 -4.17 3.73 -2.35
N GLN A 93 -3.44 4.43 -1.47
CA GLN A 93 -3.07 5.83 -1.60
C GLN A 93 -1.53 5.96 -1.64
N ALA A 94 -0.96 6.35 -2.79
CA ALA A 94 0.49 6.57 -2.97
C ALA A 94 0.84 8.07 -2.97
N ARG A 95 1.72 8.53 -2.07
CA ARG A 95 2.00 9.98 -1.82
C ARG A 95 3.48 10.30 -1.49
N THR A 96 3.80 11.58 -1.26
CA THR A 96 5.12 12.06 -0.81
C THR A 96 5.09 12.77 0.57
N PRO A 97 6.23 12.85 1.29
CA PRO A 97 6.22 13.33 2.67
C PRO A 97 5.78 14.79 2.82
N ALA A 98 6.20 15.75 1.99
CA ALA A 98 5.86 17.16 2.23
C ALA A 98 4.36 17.48 2.04
N GLN A 99 3.61 16.64 1.32
CA GLN A 99 2.13 16.66 1.28
C GLN A 99 1.51 15.88 2.44
N TRP A 100 2.08 14.73 2.88
CA TRP A 100 1.63 14.15 4.16
C TRP A 100 1.81 15.12 5.35
N ARG A 101 2.92 15.89 5.36
CA ARG A 101 3.37 16.75 6.48
C ARG A 101 2.54 18.02 6.61
N GLU A 102 2.18 18.63 5.49
CA GLU A 102 1.34 19.82 5.46
C GLU A 102 -0.16 19.52 5.45
N ASN A 103 -0.59 18.38 4.90
CA ASN A 103 -1.98 18.21 4.50
C ASN A 103 -2.63 16.83 4.76
N SER A 104 -1.88 15.84 5.28
CA SER A 104 -2.20 14.39 5.39
C SER A 104 -2.57 13.66 4.09
N PRO A 17 0.77 -11.49 10.14
CA PRO A 17 -0.30 -11.12 9.21
C PRO A 17 0.25 -10.46 7.92
N VAL A 18 -0.58 -10.41 6.89
CA VAL A 18 -0.21 -9.83 5.58
C VAL A 18 0.04 -8.31 5.64
N GLU A 19 -0.30 -7.65 6.74
CA GLU A 19 -0.02 -6.21 6.94
C GLU A 19 1.42 -5.96 7.38
N ALA A 20 1.86 -6.76 8.34
CA ALA A 20 3.24 -6.87 8.77
C ALA A 20 4.15 -7.40 7.63
N ALA A 21 3.62 -8.26 6.76
CA ALA A 21 4.29 -8.62 5.51
C ALA A 21 4.47 -7.40 4.57
N ILE A 22 3.40 -6.66 4.28
CA ILE A 22 3.48 -5.41 3.50
C ILE A 22 4.47 -4.43 4.13
N ARG A 23 4.35 -4.15 5.43
CA ARG A 23 5.26 -3.26 6.18
C ARG A 23 6.72 -3.64 5.91
N THR A 24 7.10 -4.87 6.24
CA THR A 24 8.47 -5.38 6.07
C THR A 24 8.95 -5.27 4.61
N LYS A 25 8.13 -5.74 3.67
CA LYS A 25 8.49 -5.87 2.25
C LYS A 25 8.55 -4.52 1.54
N LEU A 26 7.58 -3.62 1.77
CA LEU A 26 7.62 -2.25 1.25
C LEU A 26 8.69 -1.37 1.91
N GLU A 27 9.04 -1.62 3.17
CA GLU A 27 10.21 -1.00 3.81
C GLU A 27 11.55 -1.53 3.26
N GLU A 28 11.59 -2.76 2.74
CA GLU A 28 12.68 -3.21 1.87
C GLU A 28 12.63 -2.62 0.43
N ALA A 29 11.45 -2.33 -0.13
CA ALA A 29 11.26 -2.05 -1.56
C ALA A 29 11.26 -0.58 -2.03
N LEU A 30 10.52 0.33 -1.36
CA LEU A 30 10.29 1.71 -1.84
C LEU A 30 10.78 2.83 -0.91
N SER A 31 11.63 2.43 0.03
CA SER A 31 12.31 3.25 1.05
C SER A 31 11.39 4.27 1.76
N PRO A 32 10.28 3.82 2.40
CA PRO A 32 9.20 4.68 2.89
C PRO A 32 9.59 5.78 3.89
N GLU A 33 8.71 6.78 4.02
CA GLU A 33 8.68 7.79 5.06
C GLU A 33 7.60 7.52 6.13
N VAL A 34 6.43 7.00 5.73
CA VAL A 34 5.46 6.41 6.70
C VAL A 34 5.43 4.89 6.60
N LEU A 35 4.56 4.26 7.40
CA LEU A 35 3.67 3.25 6.84
C LEU A 35 2.31 3.25 7.55
N GLU A 36 1.19 3.43 6.81
CA GLU A 36 -0.16 3.27 7.38
C GLU A 36 -1.03 2.35 6.52
N LEU A 37 -1.95 1.64 7.15
CA LEU A 37 -2.98 0.79 6.50
C LEU A 37 -4.22 0.59 7.38
N ARG A 38 -5.21 -0.10 6.82
CA ARG A 38 -6.11 -1.04 7.51
C ARG A 38 -6.43 -2.19 6.54
N ASN A 39 -6.48 -3.43 7.00
CA ASN A 39 -7.15 -4.49 6.23
C ASN A 39 -8.69 -4.28 6.22
N GLU A 40 -9.32 -4.56 5.07
CA GLU A 40 -10.76 -4.31 4.81
C GLU A 40 -11.61 -5.60 5.01
N SER A 41 -10.95 -6.75 4.87
CA SER A 41 -11.43 -8.13 4.98
C SER A 41 -12.13 -8.58 6.26
N GLY A 42 -12.19 -7.72 7.27
CA GLY A 42 -13.11 -7.89 8.41
C GLY A 42 -14.58 -7.75 8.01
N GLY A 43 -14.87 -7.10 6.87
CA GLY A 43 -16.13 -7.26 6.12
C GLY A 43 -16.15 -8.57 5.31
N HIS A 44 -16.94 -8.59 4.23
CA HIS A 44 -16.91 -9.60 3.16
C HIS A 44 -17.26 -11.06 3.55
N ALA A 45 -17.65 -11.85 2.55
CA ALA A 45 -18.14 -13.23 2.72
C ALA A 45 -16.98 -14.26 2.77
N VAL A 46 -15.99 -14.02 3.63
CA VAL A 46 -14.67 -14.67 3.58
C VAL A 46 -14.57 -15.97 4.41
N PRO A 47 -13.69 -16.92 4.03
CA PRO A 47 -13.31 -18.05 4.88
C PRO A 47 -12.71 -17.60 6.23
N PRO A 48 -12.85 -18.39 7.31
CA PRO A 48 -12.51 -17.97 8.65
C PRO A 48 -11.01 -17.63 8.79
N GLY A 49 -10.72 -16.40 9.22
CA GLY A 49 -9.37 -15.84 9.35
C GLY A 49 -8.69 -15.41 8.03
N SER A 50 -9.39 -15.40 6.89
CA SER A 50 -8.82 -15.03 5.59
C SER A 50 -8.77 -13.51 5.39
N GLU A 51 -7.57 -13.02 5.09
CA GLU A 51 -7.23 -11.60 4.89
C GLU A 51 -7.28 -11.23 3.39
N THR A 52 -8.45 -11.38 2.75
CA THR A 52 -8.58 -11.31 1.27
C THR A 52 -8.46 -9.89 0.70
N HIS A 53 -8.61 -8.90 1.57
CA HIS A 53 -9.06 -7.55 1.22
C HIS A 53 -8.31 -6.47 2.02
N PHE A 54 -7.69 -5.48 1.37
CA PHE A 54 -6.67 -4.65 2.04
C PHE A 54 -6.63 -3.16 1.60
N ARG A 55 -6.29 -2.22 2.51
CA ARG A 55 -6.16 -0.78 2.22
C ARG A 55 -4.89 -0.15 2.84
N VAL A 56 -3.91 0.24 2.02
CA VAL A 56 -2.61 0.83 2.43
C VAL A 56 -2.56 2.35 2.13
N ALA A 57 -1.89 3.11 2.98
CA ALA A 57 -1.37 4.45 2.72
C ALA A 57 0.17 4.46 2.82
N VAL A 58 0.81 4.81 1.70
CA VAL A 58 2.26 4.77 1.49
C VAL A 58 2.77 6.13 1.05
N VAL A 59 3.66 6.69 1.85
CA VAL A 59 4.23 8.03 1.67
C VAL A 59 5.75 7.92 1.73
N SER A 60 6.39 8.39 0.64
CA SER A 60 7.83 8.18 0.38
C SER A 60 8.42 9.27 -0.53
N SER A 61 9.69 9.62 -0.30
CA SER A 61 10.50 10.51 -1.18
C SER A 61 10.83 9.86 -2.53
N ARG A 62 10.62 8.56 -2.67
CA ARG A 62 10.73 7.81 -3.93
C ARG A 62 9.65 8.18 -4.95
N PHE A 63 8.58 8.85 -4.51
CA PHE A 63 7.45 9.28 -5.33
C PHE A 63 7.54 10.76 -5.78
N GLU A 64 8.74 11.35 -5.88
CA GLU A 64 8.93 12.73 -6.33
C GLU A 64 8.92 12.91 -7.87
N GLY A 65 8.52 14.10 -8.32
CA GLY A 65 8.75 14.63 -9.68
C GLY A 65 7.82 14.11 -10.77
N LEU A 66 7.39 12.85 -10.65
CA LEU A 66 6.33 12.20 -11.41
C LEU A 66 4.91 12.71 -11.01
N SER A 67 3.92 12.43 -11.86
CA SER A 67 2.49 12.69 -11.60
C SER A 67 1.90 11.82 -10.47
N PRO A 68 0.80 12.21 -9.80
CA PRO A 68 0.04 11.36 -8.88
C PRO A 68 -0.47 10.05 -9.53
N LEU A 69 -1.06 10.15 -10.73
CA LEU A 69 -1.53 8.98 -11.48
C LEU A 69 -0.35 8.11 -11.95
N GLN A 70 0.80 8.73 -12.23
CA GLN A 70 2.05 8.08 -12.64
C GLN A 70 2.74 7.32 -11.49
N ARG A 71 2.75 7.85 -10.26
CA ARG A 71 3.20 7.09 -9.05
C ARG A 71 2.25 5.94 -8.72
N HIS A 72 0.94 6.15 -8.86
CA HIS A 72 -0.04 5.06 -8.74
C HIS A 72 0.21 3.95 -9.77
N ARG A 73 0.34 4.28 -11.06
CA ARG A 73 0.74 3.35 -12.13
C ARG A 73 2.05 2.62 -11.81
N LEU A 74 3.04 3.29 -11.21
CA LEU A 74 4.29 2.65 -10.77
C LEU A 74 4.03 1.57 -9.71
N VAL A 75 3.30 1.89 -8.63
CA VAL A 75 2.94 0.89 -7.59
C VAL A 75 2.11 -0.26 -8.15
N HIS A 76 1.23 0.02 -9.09
CA HIS A 76 0.29 -0.94 -9.69
C HIS A 76 1.03 -1.89 -10.65
N ALA A 77 1.87 -1.38 -11.54
CA ALA A 77 2.65 -2.21 -12.43
C ALA A 77 3.73 -2.98 -11.66
N ALA A 78 4.49 -2.30 -10.79
CA ALA A 78 5.67 -2.89 -10.18
C ALA A 78 5.44 -3.62 -8.86
N LEU A 79 4.42 -3.30 -8.06
CA LEU A 79 4.15 -4.05 -6.83
C LEU A 79 2.83 -4.83 -6.81
N ALA A 80 1.93 -4.71 -7.80
CA ALA A 80 0.58 -5.28 -7.57
C ALA A 80 0.59 -6.81 -7.43
N GLU A 81 1.51 -7.51 -8.08
CA GLU A 81 1.59 -8.98 -8.01
C GLU A 81 2.36 -9.47 -6.78
N GLU A 82 3.13 -8.60 -6.12
CA GLU A 82 3.83 -8.83 -4.89
C GLU A 82 2.92 -8.58 -3.69
N LEU A 83 2.30 -7.40 -3.59
CA LEU A 83 1.41 -7.05 -2.46
C LEU A 83 -0.07 -7.44 -2.65
N GLY A 84 -0.54 -7.48 -3.90
CA GLY A 84 -1.77 -8.17 -4.31
C GLY A 84 -1.51 -9.63 -4.65
N GLY A 85 -0.44 -10.19 -4.09
CA GLY A 85 -0.11 -11.61 -4.13
C GLY A 85 -1.04 -12.41 -3.22
N PRO A 86 -0.95 -12.27 -1.89
CA PRO A 86 -1.78 -12.98 -0.91
C PRO A 86 -3.17 -12.35 -0.67
N VAL A 87 -3.42 -11.17 -1.25
CA VAL A 87 -4.67 -10.39 -1.18
C VAL A 87 -5.31 -10.39 -2.57
N HIS A 88 -6.63 -10.57 -2.63
CA HIS A 88 -7.40 -10.67 -3.86
C HIS A 88 -8.09 -9.34 -4.24
N ALA A 89 -8.34 -8.43 -3.29
CA ALA A 89 -8.69 -7.04 -3.62
C ALA A 89 -8.04 -6.02 -2.70
N LEU A 90 -7.53 -4.92 -3.26
CA LEU A 90 -6.85 -3.89 -2.50
C LEU A 90 -6.81 -2.49 -3.10
N ALA A 91 -6.68 -1.50 -2.22
CA ALA A 91 -6.42 -0.10 -2.53
C ALA A 91 -5.11 0.39 -1.89
N ILE A 92 -4.38 1.20 -2.66
CA ILE A 92 -3.20 1.95 -2.22
C ILE A 92 -3.45 3.44 -2.42
N GLN A 93 -3.00 4.28 -1.49
CA GLN A 93 -2.85 5.73 -1.69
C GLN A 93 -1.36 6.07 -1.61
N ALA A 94 -0.77 6.54 -2.72
CA ALA A 94 0.67 6.81 -2.85
C ALA A 94 0.95 8.33 -2.91
N ARG A 95 1.77 8.84 -1.98
CA ARG A 95 1.99 10.29 -1.78
C ARG A 95 3.42 10.63 -1.29
N THR A 96 3.71 11.92 -1.15
CA THR A 96 5.02 12.43 -0.71
C THR A 96 5.02 13.03 0.72
N PRO A 97 6.19 13.15 1.36
CA PRO A 97 6.28 13.55 2.75
C PRO A 97 5.57 14.87 3.07
N ALA A 98 5.86 16.00 2.42
CA ALA A 98 5.35 17.30 2.87
C ALA A 98 3.81 17.47 2.73
N GLN A 99 3.17 16.76 1.79
CA GLN A 99 1.71 16.65 1.71
C GLN A 99 1.15 15.71 2.79
N TRP A 100 1.85 14.61 3.12
CA TRP A 100 1.55 13.86 4.36
C TRP A 100 1.79 14.63 5.67
N ARG A 101 2.75 15.55 5.71
CA ARG A 101 2.96 16.46 6.85
C ARG A 101 1.74 17.37 7.04
N GLU A 102 1.16 17.84 5.94
CA GLU A 102 -0.03 18.69 5.93
C GLU A 102 -1.29 17.91 6.36
N ASN A 103 -1.75 16.90 5.60
CA ASN A 103 -2.50 15.76 6.17
C ASN A 103 -2.30 14.44 5.37
N SER A 104 -2.30 14.58 4.04
CA SER A 104 -2.04 13.57 3.02
C SER A 104 -1.93 14.25 1.64
N PRO A 17 0.69 -11.89 9.85
CA PRO A 17 -0.38 -11.11 9.23
C PRO A 17 0.13 -10.43 7.95
N VAL A 18 -0.70 -10.37 6.91
CA VAL A 18 -0.24 -9.90 5.59
C VAL A 18 0.02 -8.39 5.53
N GLU A 19 -0.42 -7.64 6.55
CA GLU A 19 -0.10 -6.22 6.73
C GLU A 19 1.36 -6.05 7.13
N ALA A 20 1.78 -6.72 8.20
CA ALA A 20 3.19 -6.92 8.56
C ALA A 20 4.03 -7.44 7.38
N ALA A 21 3.52 -8.42 6.63
CA ALA A 21 4.20 -8.96 5.45
C ALA A 21 4.47 -7.89 4.36
N ILE A 22 3.49 -7.03 4.03
CA ILE A 22 3.78 -5.92 3.11
C ILE A 22 4.62 -4.81 3.72
N ARG A 23 4.43 -4.43 4.99
CA ARG A 23 5.33 -3.48 5.69
C ARG A 23 6.80 -3.87 5.46
N THR A 24 7.15 -5.13 5.71
CA THR A 24 8.51 -5.64 5.45
C THR A 24 8.86 -5.67 3.95
N LYS A 25 7.97 -6.15 3.06
CA LYS A 25 8.26 -6.13 1.61
C LYS A 25 8.51 -4.71 1.07
N LEU A 26 7.73 -3.73 1.53
CA LEU A 26 7.79 -2.33 1.14
C LEU A 26 9.05 -1.64 1.69
N GLU A 27 9.46 -1.98 2.91
CA GLU A 27 10.76 -1.58 3.49
C GLU A 27 11.96 -2.20 2.75
N GLU A 28 11.84 -3.41 2.18
CA GLU A 28 12.83 -3.96 1.25
C GLU A 28 12.77 -3.28 -0.14
N ALA A 29 11.59 -2.85 -0.60
CA ALA A 29 11.38 -2.39 -1.97
C ALA A 29 11.67 -0.90 -2.21
N LEU A 30 11.01 0.03 -1.49
CA LEU A 30 10.82 1.42 -1.98
C LEU A 30 11.21 2.52 -0.98
N SER A 31 11.92 2.10 0.07
CA SER A 31 12.43 2.95 1.16
C SER A 31 11.37 3.91 1.74
N PRO A 32 10.33 3.38 2.42
CA PRO A 32 9.22 4.19 2.92
C PRO A 32 9.64 5.31 3.88
N GLU A 33 8.82 6.35 3.95
CA GLU A 33 8.71 7.23 5.11
C GLU A 33 7.76 6.61 6.15
N VAL A 34 6.55 6.27 5.70
CA VAL A 34 5.35 6.17 6.56
C VAL A 34 4.31 5.29 5.86
N LEU A 35 3.49 4.54 6.63
CA LEU A 35 2.39 3.75 6.07
C LEU A 35 1.26 3.48 7.08
N GLU A 36 0.03 3.43 6.57
CA GLU A 36 -1.20 3.21 7.33
C GLU A 36 -2.19 2.39 6.49
N LEU A 37 -2.79 1.37 7.07
CA LEU A 37 -3.62 0.45 6.27
C LEU A 37 -4.78 -0.20 7.05
N ARG A 38 -5.75 -0.71 6.30
CA ARG A 38 -6.99 -1.37 6.74
C ARG A 38 -7.21 -2.65 5.93
N ASN A 39 -7.72 -3.71 6.53
CA ASN A 39 -8.39 -4.78 5.82
C ASN A 39 -9.91 -4.75 6.03
N GLU A 40 -10.64 -5.08 4.96
CA GLU A 40 -12.12 -5.11 4.87
C GLU A 40 -12.67 -6.55 4.71
N SER A 41 -11.75 -7.51 4.55
CA SER A 41 -11.91 -8.97 4.56
C SER A 41 -12.59 -9.62 5.77
N GLY A 42 -12.89 -8.84 6.80
CA GLY A 42 -13.83 -9.21 7.87
C GLY A 42 -15.30 -9.30 7.40
N GLY A 43 -15.60 -8.78 6.21
CA GLY A 43 -16.79 -9.11 5.44
C GLY A 43 -16.58 -10.36 4.56
N HIS A 44 -17.11 -10.30 3.32
CA HIS A 44 -16.90 -11.27 2.24
C HIS A 44 -17.36 -12.72 2.52
N ALA A 45 -17.38 -13.58 1.50
CA ALA A 45 -17.78 -14.99 1.62
C ALA A 45 -16.67 -15.89 2.19
N VAL A 46 -15.69 -15.30 2.89
CA VAL A 46 -14.51 -15.95 3.48
C VAL A 46 -14.74 -16.24 4.98
N PRO A 47 -14.07 -17.25 5.56
CA PRO A 47 -14.15 -17.53 7.01
C PRO A 47 -13.58 -16.36 7.85
N PRO A 48 -13.93 -16.28 9.14
CA PRO A 48 -13.40 -15.26 10.05
C PRO A 48 -11.86 -15.29 10.15
N GLY A 49 -11.27 -14.14 10.48
CA GLY A 49 -9.82 -13.96 10.56
C GLY A 49 -9.10 -13.88 9.21
N SER A 50 -9.81 -13.83 8.08
CA SER A 50 -9.23 -13.73 6.74
C SER A 50 -8.77 -12.31 6.42
N GLU A 51 -7.88 -12.21 5.45
CA GLU A 51 -7.03 -11.05 5.14
C GLU A 51 -6.99 -10.73 3.63
N THR A 52 -8.01 -11.13 2.85
CA THR A 52 -7.98 -11.14 1.38
C THR A 52 -8.00 -9.75 0.75
N HIS A 53 -8.47 -8.76 1.50
CA HIS A 53 -9.13 -7.58 0.97
C HIS A 53 -8.71 -6.33 1.71
N PHE A 54 -8.17 -5.35 0.99
CA PHE A 54 -7.21 -4.43 1.61
C PHE A 54 -7.26 -2.99 1.07
N ARG A 55 -7.03 -2.03 1.96
CA ARG A 55 -6.87 -0.60 1.71
C ARG A 55 -5.55 -0.15 2.33
N VAL A 56 -4.61 0.37 1.53
CA VAL A 56 -3.26 0.71 2.02
C VAL A 56 -2.90 2.15 1.68
N ALA A 57 -2.28 2.85 2.62
CA ALA A 57 -1.68 4.17 2.38
C ALA A 57 -0.15 4.07 2.57
N VAL A 58 0.62 4.52 1.59
CA VAL A 58 2.09 4.43 1.59
C VAL A 58 2.72 5.77 1.22
N VAL A 59 3.52 6.31 2.14
CA VAL A 59 4.26 7.57 1.99
C VAL A 59 5.74 7.25 1.81
N SER A 60 6.32 7.70 0.70
CA SER A 60 7.76 7.57 0.39
C SER A 60 8.22 8.68 -0.55
N SER A 61 9.47 9.15 -0.38
CA SER A 61 10.11 10.10 -1.30
C SER A 61 10.21 9.58 -2.73
N ARG A 62 10.27 8.25 -2.93
CA ARG A 62 10.30 7.61 -4.25
C ARG A 62 9.03 7.81 -5.10
N PHE A 63 7.94 8.23 -4.46
CA PHE A 63 6.69 8.61 -5.10
C PHE A 63 6.64 10.10 -5.49
N GLU A 64 7.67 10.90 -5.20
CA GLU A 64 7.79 12.28 -5.65
C GLU A 64 8.40 12.46 -7.05
N GLY A 65 8.06 13.54 -7.74
CA GLY A 65 8.46 13.79 -9.14
C GLY A 65 7.46 13.26 -10.16
N LEU A 66 6.19 13.14 -9.76
CA LEU A 66 5.14 12.32 -10.34
C LEU A 66 3.77 13.01 -10.19
N SER A 67 2.88 12.80 -11.17
CA SER A 67 1.43 13.02 -11.00
C SER A 67 0.82 11.99 -10.02
N PRO A 68 -0.26 12.30 -9.28
CA PRO A 68 -0.92 11.37 -8.36
C PRO A 68 -1.31 10.02 -9.01
N LEU A 69 -1.97 10.06 -10.17
CA LEU A 69 -2.35 8.86 -10.92
C LEU A 69 -1.14 8.10 -11.49
N GLN A 70 -0.01 8.79 -11.65
CA GLN A 70 1.25 8.25 -12.18
C GLN A 70 2.11 7.57 -11.10
N ARG A 71 2.13 8.08 -9.86
CA ARG A 71 2.71 7.35 -8.69
C ARG A 71 1.84 6.15 -8.29
N HIS A 72 0.52 6.30 -8.39
CA HIS A 72 -0.42 5.17 -8.32
C HIS A 72 -0.12 4.13 -9.42
N ARG A 73 0.07 4.54 -10.69
CA ARG A 73 0.49 3.64 -11.79
C ARG A 73 1.83 2.96 -11.51
N LEU A 74 2.80 3.67 -10.91
CA LEU A 74 4.07 3.10 -10.45
C LEU A 74 3.82 1.94 -9.48
N VAL A 75 3.00 2.14 -8.44
CA VAL A 75 2.60 1.03 -7.54
C VAL A 75 1.92 -0.12 -8.29
N HIS A 76 1.04 0.19 -9.23
CA HIS A 76 0.15 -0.78 -9.88
C HIS A 76 0.82 -1.60 -10.99
N ALA A 77 1.89 -1.09 -11.61
CA ALA A 77 2.78 -1.86 -12.48
C ALA A 77 3.96 -2.49 -11.71
N ALA A 78 4.73 -1.67 -10.99
CA ALA A 78 6.00 -2.10 -10.41
C ALA A 78 5.84 -2.78 -9.04
N LEU A 79 4.82 -2.46 -8.23
CA LEU A 79 4.64 -3.13 -6.92
C LEU A 79 3.49 -4.15 -6.91
N ALA A 80 2.94 -4.51 -8.08
CA ALA A 80 1.78 -5.40 -8.12
C ALA A 80 1.99 -6.77 -7.48
N GLU A 81 3.15 -7.38 -7.65
CA GLU A 81 3.47 -8.69 -7.07
C GLU A 81 3.97 -8.58 -5.62
N GLU A 82 4.39 -7.39 -5.20
CA GLU A 82 4.96 -7.09 -3.92
C GLU A 82 3.88 -6.68 -2.90
N LEU A 83 2.88 -5.92 -3.37
CA LEU A 83 1.72 -5.47 -2.59
C LEU A 83 0.47 -6.34 -2.84
N GLY A 84 0.22 -6.76 -4.09
CA GLY A 84 -0.80 -7.77 -4.42
C GLY A 84 -0.25 -9.20 -4.31
N GLY A 85 0.89 -9.34 -3.64
CA GLY A 85 1.54 -10.62 -3.36
C GLY A 85 0.68 -11.40 -2.36
N PRO A 86 0.68 -11.01 -1.08
CA PRO A 86 -0.08 -11.65 -0.02
C PRO A 86 -1.52 -11.10 0.11
N VAL A 87 -2.02 -10.34 -0.88
CA VAL A 87 -3.37 -9.74 -0.90
C VAL A 87 -4.09 -10.02 -2.22
N HIS A 88 -5.39 -10.31 -2.18
CA HIS A 88 -6.22 -10.73 -3.33
C HIS A 88 -7.00 -9.58 -3.98
N ALA A 89 -7.48 -8.61 -3.20
CA ALA A 89 -8.10 -7.39 -3.71
C ALA A 89 -7.69 -6.14 -2.93
N LEU A 90 -7.64 -5.01 -3.61
CA LEU A 90 -6.90 -3.82 -3.16
C LEU A 90 -7.50 -2.48 -3.60
N ALA A 91 -7.28 -1.47 -2.76
CA ALA A 91 -7.07 -0.10 -3.21
C ALA A 91 -5.90 0.55 -2.45
N ILE A 92 -5.10 1.38 -3.12
CA ILE A 92 -3.93 2.03 -2.52
C ILE A 92 -4.01 3.56 -2.61
N GLN A 93 -3.26 4.24 -1.74
CA GLN A 93 -2.76 5.59 -1.96
C GLN A 93 -1.24 5.61 -1.92
N ALA A 94 -0.61 6.08 -2.99
CA ALA A 94 0.82 6.45 -3.00
C ALA A 94 0.95 7.95 -2.72
N ARG A 95 1.85 8.34 -1.82
CA ARG A 95 1.92 9.71 -1.25
C ARG A 95 3.37 10.16 -1.01
N THR A 96 3.61 11.46 -0.96
CA THR A 96 4.93 12.05 -0.67
C THR A 96 5.08 12.47 0.80
N PRO A 97 6.29 12.40 1.39
CA PRO A 97 6.48 12.98 2.70
C PRO A 97 6.24 14.49 2.66
N ALA A 98 6.62 15.25 1.64
CA ALA A 98 6.40 16.70 1.68
C ALA A 98 4.91 17.13 1.72
N GLN A 99 3.97 16.34 1.18
CA GLN A 99 2.54 16.53 1.50
C GLN A 99 2.27 16.05 2.95
N TRP A 100 2.63 14.80 3.32
CA TRP A 100 2.32 14.23 4.66
C TRP A 100 2.86 15.02 5.87
N ARG A 101 4.06 15.59 5.73
CA ARG A 101 4.80 16.38 6.73
C ARG A 101 4.03 17.65 7.08
N GLU A 102 3.57 18.36 6.06
CA GLU A 102 2.98 19.69 6.19
C GLU A 102 1.45 19.69 6.36
N ASN A 103 0.72 19.06 5.44
CA ASN A 103 -0.74 19.22 5.34
C ASN A 103 -1.53 17.95 4.92
N SER A 104 -0.83 16.89 4.52
CA SER A 104 -1.32 15.72 3.75
C SER A 104 -1.93 16.01 2.37
N PRO A 17 0.77 -11.65 10.29
CA PRO A 17 -0.39 -10.80 10.13
C PRO A 17 -0.25 -9.95 8.87
N VAL A 18 -1.30 -9.88 8.05
CA VAL A 18 -1.25 -9.40 6.66
C VAL A 18 -0.73 -7.96 6.52
N GLU A 19 -1.02 -7.10 7.49
CA GLU A 19 -0.69 -5.68 7.49
C GLU A 19 0.77 -5.45 7.91
N ALA A 20 1.30 -6.31 8.79
CA ALA A 20 2.71 -6.36 9.16
C ALA A 20 3.57 -7.04 8.07
N ALA A 21 3.00 -8.05 7.41
CA ALA A 21 3.59 -8.73 6.26
C ALA A 21 3.77 -7.75 5.09
N ILE A 22 2.72 -7.01 4.72
CA ILE A 22 2.79 -5.99 3.65
C ILE A 22 3.70 -4.82 4.04
N ARG A 23 3.61 -4.27 5.27
CA ARG A 23 4.60 -3.32 5.82
C ARG A 23 6.04 -3.76 5.55
N THR A 24 6.40 -4.97 5.95
CA THR A 24 7.77 -5.52 5.80
C THR A 24 8.16 -5.71 4.32
N LYS A 25 7.28 -6.34 3.54
CA LYS A 25 7.43 -6.65 2.11
C LYS A 25 7.66 -5.39 1.28
N LEU A 26 6.82 -4.39 1.50
CA LEU A 26 6.74 -3.16 0.76
C LEU A 26 7.69 -2.05 1.29
N GLU A 27 8.14 -2.13 2.56
CA GLU A 27 9.44 -1.57 2.98
C GLU A 27 10.55 -2.09 2.07
N GLU A 28 10.70 -3.41 1.96
CA GLU A 28 11.71 -4.07 1.14
C GLU A 28 11.48 -3.84 -0.38
N ALA A 29 10.27 -3.45 -0.79
CA ALA A 29 9.97 -2.96 -2.14
C ALA A 29 10.47 -1.53 -2.45
N LEU A 30 10.12 -0.50 -1.64
CA LEU A 30 10.29 0.90 -2.05
C LEU A 30 10.94 1.86 -1.03
N SER A 31 11.09 1.45 0.23
CA SER A 31 11.42 2.35 1.35
C SER A 31 10.38 3.50 1.53
N PRO A 32 9.28 3.26 2.27
CA PRO A 32 8.38 4.32 2.75
C PRO A 32 9.04 5.27 3.77
N GLU A 33 8.64 6.54 3.76
CA GLU A 33 8.68 7.36 4.96
C GLU A 33 7.51 7.03 5.90
N VAL A 34 6.35 6.68 5.32
CA VAL A 34 5.08 6.62 6.06
C VAL A 34 4.12 5.54 5.55
N LEU A 35 3.44 4.85 6.49
CA LEU A 35 2.41 3.83 6.31
C LEU A 35 1.26 4.10 7.30
N GLU A 36 0.02 4.21 6.83
CA GLU A 36 -1.16 3.96 7.65
C GLU A 36 -2.19 3.16 6.87
N LEU A 37 -2.57 2.01 7.39
CA LEU A 37 -3.23 0.96 6.62
C LEU A 37 -4.20 0.12 7.47
N ARG A 38 -5.10 -0.65 6.81
CA ARG A 38 -6.13 -1.47 7.45
C ARG A 38 -6.67 -2.48 6.44
N ASN A 39 -7.01 -3.68 6.89
CA ASN A 39 -7.64 -4.67 6.03
C ASN A 39 -9.14 -4.34 5.76
N GLU A 40 -9.62 -4.71 4.57
CA GLU A 40 -11.00 -4.44 4.10
C GLU A 40 -11.86 -5.73 4.09
N SER A 41 -11.20 -6.89 4.02
CA SER A 41 -11.77 -8.24 3.92
C SER A 41 -12.84 -8.68 4.94
N GLY A 42 -13.09 -7.92 6.01
CA GLY A 42 -14.27 -8.12 6.85
C GLY A 42 -15.59 -7.80 6.12
N GLY A 43 -15.53 -7.17 4.95
CA GLY A 43 -16.65 -6.97 4.03
C GLY A 43 -17.08 -8.23 3.23
N HIS A 44 -16.41 -9.37 3.39
CA HIS A 44 -16.59 -10.59 2.57
C HIS A 44 -16.77 -11.86 3.42
N ALA A 45 -17.52 -12.85 2.89
CA ALA A 45 -17.88 -14.11 3.54
C ALA A 45 -16.76 -15.17 3.50
N VAL A 46 -15.52 -14.74 3.77
CA VAL A 46 -14.27 -15.51 3.68
C VAL A 46 -14.13 -16.52 4.85
N PRO A 47 -13.37 -17.63 4.69
CA PRO A 47 -13.17 -18.63 5.75
C PRO A 47 -12.28 -18.12 6.90
N PRO A 48 -12.35 -18.71 8.11
CA PRO A 48 -11.74 -18.16 9.32
C PRO A 48 -10.21 -18.15 9.26
N GLY A 49 -9.65 -16.94 9.28
CA GLY A 49 -8.21 -16.67 9.12
C GLY A 49 -7.83 -16.14 7.73
N SER A 50 -8.74 -16.14 6.76
CA SER A 50 -8.55 -15.56 5.43
C SER A 50 -8.83 -14.05 5.46
N GLU A 51 -8.01 -13.32 4.70
CA GLU A 51 -7.86 -11.85 4.70
C GLU A 51 -7.52 -11.39 3.27
N THR A 52 -8.43 -11.60 2.32
CA THR A 52 -8.19 -11.49 0.87
C THR A 52 -7.93 -10.06 0.39
N HIS A 53 -8.35 -9.08 1.20
CA HIS A 53 -8.81 -7.77 0.74
C HIS A 53 -8.30 -6.64 1.65
N PHE A 54 -7.67 -5.59 1.11
CA PHE A 54 -6.85 -4.67 1.92
C PHE A 54 -6.84 -3.18 1.46
N ARG A 55 -6.52 -2.26 2.38
CA ARG A 55 -6.46 -0.79 2.17
C ARG A 55 -5.17 -0.20 2.76
N VAL A 56 -4.49 0.68 2.03
CA VAL A 56 -3.21 1.29 2.40
C VAL A 56 -3.19 2.80 2.14
N ALA A 57 -2.59 3.55 3.06
CA ALA A 57 -1.96 4.84 2.77
C ALA A 57 -0.44 4.66 2.81
N VAL A 58 0.24 5.03 1.72
CA VAL A 58 1.69 4.83 1.54
C VAL A 58 2.35 6.14 1.13
N VAL A 59 3.42 6.53 1.81
CA VAL A 59 4.05 7.84 1.57
C VAL A 59 5.56 7.70 1.46
N SER A 60 6.16 8.23 0.39
CA SER A 60 7.61 8.08 0.15
C SER A 60 8.20 9.17 -0.76
N SER A 61 9.48 9.51 -0.56
CA SER A 61 10.26 10.38 -1.44
C SER A 61 10.41 9.80 -2.86
N ARG A 62 10.18 8.50 -3.02
CA ARG A 62 10.18 7.82 -4.33
C ARG A 62 9.03 8.24 -5.26
N PHE A 63 8.01 8.90 -4.72
CA PHE A 63 6.79 9.26 -5.43
C PHE A 63 6.71 10.74 -5.79
N GLU A 64 7.68 11.59 -5.39
CA GLU A 64 7.77 12.97 -5.83
C GLU A 64 8.48 13.16 -7.18
N GLY A 65 7.98 14.10 -7.99
CA GLY A 65 8.43 14.34 -9.38
C GLY A 65 7.64 13.54 -10.41
N LEU A 66 6.47 13.03 -10.04
CA LEU A 66 5.57 12.19 -10.80
C LEU A 66 4.15 12.82 -10.86
N SER A 67 3.37 12.45 -11.87
CA SER A 67 1.93 12.74 -11.92
C SER A 67 1.12 11.75 -11.07
N PRO A 68 -0.10 12.06 -10.60
CA PRO A 68 -0.88 11.17 -9.72
C PRO A 68 -1.11 9.77 -10.28
N LEU A 69 -1.63 9.67 -11.52
CA LEU A 69 -1.82 8.38 -12.17
C LEU A 69 -0.48 7.76 -12.56
N GLN A 70 0.56 8.55 -12.88
CA GLN A 70 1.90 8.03 -13.14
C GLN A 70 2.42 7.20 -11.94
N ARG A 71 2.35 7.73 -10.71
CA ARG A 71 2.78 6.99 -9.51
C ARG A 71 1.83 5.84 -9.13
N HIS A 72 0.52 6.03 -9.21
CA HIS A 72 -0.44 4.95 -8.94
C HIS A 72 -0.28 3.79 -9.96
N ARG A 73 -0.24 4.08 -11.27
CA ARG A 73 0.00 3.10 -12.34
C ARG A 73 1.38 2.43 -12.23
N LEU A 74 2.42 3.15 -11.81
CA LEU A 74 3.73 2.56 -11.49
C LEU A 74 3.59 1.49 -10.41
N VAL A 75 3.01 1.85 -9.27
CA VAL A 75 2.78 0.88 -8.17
C VAL A 75 1.92 -0.33 -8.63
N HIS A 76 0.91 -0.11 -9.46
CA HIS A 76 -0.07 -1.12 -9.91
C HIS A 76 0.48 -2.04 -11.02
N ALA A 77 1.40 -1.55 -11.86
CA ALA A 77 2.09 -2.37 -12.86
C ALA A 77 3.39 -3.02 -12.35
N ALA A 78 4.20 -2.28 -11.60
CA ALA A 78 5.50 -2.72 -11.11
C ALA A 78 5.48 -3.37 -9.72
N LEU A 79 4.58 -2.96 -8.82
CA LEU A 79 4.54 -3.48 -7.45
C LEU A 79 3.29 -4.32 -7.13
N ALA A 80 2.42 -4.61 -8.11
CA ALA A 80 1.19 -5.35 -7.80
C ALA A 80 1.41 -6.75 -7.21
N GLU A 81 2.54 -7.42 -7.47
CA GLU A 81 2.87 -8.71 -6.86
C GLU A 81 3.55 -8.56 -5.49
N GLU A 82 4.11 -7.39 -5.17
CA GLU A 82 4.78 -7.09 -3.94
C GLU A 82 3.77 -6.64 -2.87
N LEU A 83 2.90 -5.66 -3.18
CA LEU A 83 1.68 -5.36 -2.47
C LEU A 83 0.70 -6.54 -2.44
N GLY A 84 0.42 -7.17 -3.60
CA GLY A 84 -0.39 -8.40 -3.72
C GLY A 84 0.36 -9.69 -3.40
N GLY A 85 1.34 -9.59 -2.51
CA GLY A 85 2.16 -10.69 -2.02
C GLY A 85 1.35 -11.57 -1.05
N PRO A 86 0.92 -11.02 0.09
CA PRO A 86 0.02 -11.70 1.03
C PRO A 86 -1.48 -11.40 0.80
N VAL A 87 -1.82 -10.65 -0.27
CA VAL A 87 -3.16 -10.09 -0.54
C VAL A 87 -3.66 -10.41 -1.96
N HIS A 88 -4.96 -10.69 -2.15
CA HIS A 88 -5.59 -10.89 -3.47
C HIS A 88 -6.01 -9.58 -4.13
N ALA A 89 -6.68 -8.70 -3.38
CA ALA A 89 -7.12 -7.37 -3.82
C ALA A 89 -6.82 -6.31 -2.78
N LEU A 90 -6.40 -5.14 -3.24
CA LEU A 90 -6.13 -4.00 -2.42
C LEU A 90 -6.22 -2.65 -3.14
N ALA A 91 -6.43 -1.59 -2.36
CA ALA A 91 -6.39 -0.22 -2.86
C ALA A 91 -5.46 0.71 -2.05
N ILE A 92 -4.74 1.59 -2.75
CA ILE A 92 -3.74 2.51 -2.20
C ILE A 92 -4.17 3.98 -2.27
N GLN A 93 -3.57 4.79 -1.41
CA GLN A 93 -3.37 6.22 -1.63
C GLN A 93 -1.87 6.55 -1.49
N ALA A 94 -1.20 6.90 -2.60
CA ALA A 94 0.26 7.10 -2.64
C ALA A 94 0.66 8.59 -2.62
N ARG A 95 1.35 9.03 -1.56
CA ARG A 95 1.63 10.45 -1.23
C ARG A 95 3.12 10.71 -0.91
N THR A 96 3.50 11.95 -0.57
CA THR A 96 4.91 12.35 -0.40
C THR A 96 5.21 12.96 0.99
N PRO A 97 6.45 12.81 1.48
CA PRO A 97 6.74 13.05 2.88
C PRO A 97 6.64 14.52 3.26
N ALA A 98 7.11 15.49 2.48
CA ALA A 98 7.02 16.89 2.91
C ALA A 98 5.55 17.35 3.11
N GLN A 99 4.60 16.89 2.27
CA GLN A 99 3.18 17.18 2.51
C GLN A 99 2.64 16.38 3.71
N TRP A 100 3.11 15.14 3.96
CA TRP A 100 2.80 14.50 5.24
C TRP A 100 3.35 15.30 6.45
N ARG A 101 4.56 15.85 6.35
CA ARG A 101 5.27 16.47 7.49
C ARG A 101 4.65 17.81 7.88
N GLU A 102 4.18 18.58 6.89
CA GLU A 102 3.51 19.86 7.11
C GLU A 102 1.99 19.74 7.37
N ASN A 103 1.28 18.80 6.73
CA ASN A 103 -0.19 18.77 6.75
C ASN A 103 -0.82 17.35 6.87
N SER A 104 -0.01 16.31 7.17
CA SER A 104 -0.40 14.87 7.13
C SER A 104 -1.15 14.47 5.85
N PRO A 17 0.49 -11.46 10.05
CA PRO A 17 -0.58 -10.91 9.21
C PRO A 17 -0.01 -10.11 8.03
N VAL A 18 -0.72 -10.15 6.91
CA VAL A 18 -0.27 -9.63 5.60
C VAL A 18 0.16 -8.15 5.61
N GLU A 19 -0.45 -7.39 6.50
CA GLU A 19 -0.34 -5.93 6.55
C GLU A 19 0.90 -5.47 7.32
N ALA A 20 1.15 -6.15 8.43
CA ALA A 20 2.43 -6.13 9.11
C ALA A 20 3.57 -6.66 8.21
N ALA A 21 3.31 -7.77 7.50
CA ALA A 21 4.26 -8.34 6.54
C ALA A 21 4.61 -7.35 5.42
N ILE A 22 3.64 -6.66 4.82
CA ILE A 22 3.91 -5.71 3.73
C ILE A 22 4.57 -4.42 4.22
N ARG A 23 4.19 -3.90 5.39
CA ARG A 23 4.95 -2.83 6.09
C ARG A 23 6.44 -3.20 6.14
N THR A 24 6.75 -4.36 6.72
CA THR A 24 8.13 -4.88 6.79
C THR A 24 8.79 -5.11 5.41
N LYS A 25 8.12 -5.77 4.46
CA LYS A 25 8.67 -6.03 3.12
C LYS A 25 8.96 -4.72 2.36
N LEU A 26 8.11 -3.71 2.49
CA LEU A 26 8.25 -2.46 1.74
C LEU A 26 9.26 -1.48 2.40
N GLU A 27 9.43 -1.55 3.73
CA GLU A 27 10.61 -1.04 4.44
C GLU A 27 11.91 -1.61 3.86
N GLU A 28 11.96 -2.94 3.69
CA GLU A 28 13.04 -3.67 3.08
C GLU A 28 13.18 -3.41 1.56
N ALA A 29 12.12 -2.98 0.86
CA ALA A 29 12.08 -2.81 -0.61
C ALA A 29 12.38 -1.42 -1.19
N LEU A 30 11.70 -0.34 -0.74
CA LEU A 30 11.68 0.94 -1.48
C LEU A 30 12.41 2.08 -0.78
N SER A 31 12.65 1.92 0.52
CA SER A 31 13.01 3.00 1.44
C SER A 31 11.86 4.04 1.60
N PRO A 32 10.91 3.76 2.51
CA PRO A 32 9.81 4.66 2.88
C PRO A 32 10.18 6.03 3.48
N GLU A 33 9.17 6.89 3.63
CA GLU A 33 8.98 7.65 4.86
C GLU A 33 8.08 6.86 5.83
N VAL A 34 6.88 6.45 5.40
CA VAL A 34 5.70 6.27 6.27
C VAL A 34 4.68 5.36 5.56
N LEU A 35 3.96 4.50 6.30
CA LEU A 35 2.91 3.62 5.78
C LEU A 35 1.80 3.41 6.83
N GLU A 36 0.54 3.64 6.48
CA GLU A 36 -0.62 3.41 7.35
C GLU A 36 -1.73 2.69 6.56
N LEU A 37 -2.10 1.52 7.03
CA LEU A 37 -2.89 0.57 6.26
C LEU A 37 -3.81 -0.31 7.11
N ARG A 38 -4.77 -0.97 6.46
CA ARG A 38 -5.77 -1.83 7.12
C ARG A 38 -6.34 -2.82 6.12
N ASN A 39 -6.35 -4.11 6.45
CA ASN A 39 -7.16 -5.09 5.73
C ASN A 39 -8.59 -5.16 6.33
N GLU A 40 -9.60 -5.08 5.46
CA GLU A 40 -11.02 -4.89 5.79
C GLU A 40 -11.88 -6.16 5.64
N SER A 41 -11.26 -7.28 5.25
CA SER A 41 -11.89 -8.58 4.94
C SER A 41 -12.76 -9.21 6.05
N GLY A 42 -12.71 -8.67 7.27
CA GLY A 42 -13.67 -8.97 8.34
C GLY A 42 -15.12 -8.53 8.03
N GLY A 43 -15.33 -7.68 7.02
CA GLY A 43 -16.66 -7.33 6.49
C GLY A 43 -17.22 -8.32 5.46
N HIS A 44 -16.55 -9.45 5.21
CA HIS A 44 -16.82 -10.35 4.07
C HIS A 44 -16.97 -11.82 4.49
N ALA A 45 -17.66 -12.60 3.65
CA ALA A 45 -17.77 -14.05 3.78
C ALA A 45 -16.47 -14.68 3.28
N VAL A 46 -15.57 -15.00 4.20
CA VAL A 46 -14.21 -15.52 3.93
C VAL A 46 -13.81 -16.53 5.02
N PRO A 47 -12.96 -17.53 4.73
CA PRO A 47 -12.48 -18.47 5.75
C PRO A 47 -11.79 -17.76 6.94
N PRO A 48 -11.98 -18.18 8.19
CA PRO A 48 -11.51 -17.44 9.36
C PRO A 48 -9.98 -17.37 9.41
N GLY A 49 -9.44 -16.15 9.39
CA GLY A 49 -8.00 -15.90 9.21
C GLY A 49 -7.58 -15.55 7.77
N SER A 50 -8.54 -15.41 6.86
CA SER A 50 -8.35 -14.85 5.52
C SER A 50 -8.22 -13.33 5.58
N GLU A 51 -7.51 -12.82 4.59
CA GLU A 51 -7.06 -11.43 4.47
C GLU A 51 -7.20 -10.99 3.00
N THR A 52 -8.42 -11.00 2.46
CA THR A 52 -8.69 -10.90 1.02
C THR A 52 -8.75 -9.46 0.50
N HIS A 53 -8.81 -8.48 1.40
CA HIS A 53 -9.46 -7.20 1.16
C HIS A 53 -8.69 -6.06 1.84
N PHE A 54 -8.27 -5.03 1.10
CA PHE A 54 -7.18 -4.17 1.58
C PHE A 54 -7.38 -2.66 1.31
N ARG A 55 -6.87 -1.82 2.22
CA ARG A 55 -6.68 -0.37 2.05
C ARG A 55 -5.27 0.02 2.54
N VAL A 56 -4.50 0.78 1.75
CA VAL A 56 -3.13 1.18 2.10
C VAL A 56 -2.88 2.65 1.79
N ALA A 57 -2.27 3.36 2.74
CA ALA A 57 -1.64 4.67 2.52
C ALA A 57 -0.12 4.50 2.58
N VAL A 58 0.59 5.00 1.56
CA VAL A 58 2.06 4.91 1.47
C VAL A 58 2.69 6.28 1.19
N VAL A 59 3.80 6.58 1.86
CA VAL A 59 4.47 7.88 1.80
C VAL A 59 5.98 7.68 1.65
N SER A 60 6.62 8.34 0.68
CA SER A 60 8.09 8.38 0.61
C SER A 60 8.59 9.55 -0.23
N SER A 61 9.78 10.08 0.09
CA SER A 61 10.46 11.09 -0.73
C SER A 61 10.93 10.52 -2.08
N ARG A 62 10.98 9.19 -2.21
CA ARG A 62 11.23 8.46 -3.47
C ARG A 62 10.16 8.71 -4.55
N PHE A 63 9.00 9.28 -4.16
CA PHE A 63 7.86 9.60 -5.01
C PHE A 63 7.78 11.09 -5.42
N GLU A 64 8.85 11.88 -5.32
CA GLU A 64 8.79 13.33 -5.58
C GLU A 64 8.68 13.72 -7.07
N GLY A 65 7.83 14.70 -7.36
CA GLY A 65 7.74 15.42 -8.65
C GLY A 65 7.03 14.69 -9.79
N LEU A 66 6.71 13.41 -9.65
CA LEU A 66 5.97 12.61 -10.62
C LEU A 66 4.47 12.95 -10.66
N SER A 67 3.75 12.33 -11.59
CA SER A 67 2.28 12.27 -11.56
C SER A 67 1.81 11.18 -10.58
N PRO A 68 0.77 11.42 -9.75
CA PRO A 68 0.19 10.37 -8.91
C PRO A 68 -0.30 9.16 -9.71
N LEU A 69 -0.86 9.38 -10.91
CA LEU A 69 -1.26 8.33 -11.84
C LEU A 69 -0.04 7.56 -12.38
N GLN A 70 1.04 8.25 -12.78
CA GLN A 70 2.31 7.64 -13.18
C GLN A 70 2.86 6.72 -12.06
N ARG A 71 2.83 7.18 -10.81
CA ARG A 71 3.19 6.40 -9.61
C ARG A 71 2.32 5.15 -9.43
N HIS A 72 1.00 5.33 -9.40
CA HIS A 72 0.02 4.27 -9.21
C HIS A 72 0.15 3.22 -10.33
N ARG A 73 0.26 3.66 -11.59
CA ARG A 73 0.55 2.81 -12.75
C ARG A 73 1.85 2.01 -12.59
N LEU A 74 2.90 2.64 -12.04
CA LEU A 74 4.14 1.93 -11.67
C LEU A 74 3.90 0.85 -10.60
N VAL A 75 3.04 1.08 -9.59
CA VAL A 75 2.63 0.01 -8.65
C VAL A 75 1.86 -1.11 -9.36
N HIS A 76 1.00 -0.76 -10.32
CA HIS A 76 0.09 -1.68 -10.99
C HIS A 76 0.84 -2.61 -11.95
N ALA A 77 1.78 -2.07 -12.73
CA ALA A 77 2.55 -2.87 -13.68
C ALA A 77 3.83 -3.48 -13.10
N ALA A 78 4.52 -2.82 -12.16
CA ALA A 78 5.67 -3.45 -11.51
C ALA A 78 5.24 -4.38 -10.38
N LEU A 79 4.35 -3.93 -9.50
CA LEU A 79 4.27 -4.52 -8.17
C LEU A 79 2.95 -5.22 -7.89
N ALA A 80 2.20 -5.50 -8.94
CA ALA A 80 0.93 -6.22 -8.79
C ALA A 80 1.07 -7.55 -8.02
N GLU A 81 2.16 -8.31 -8.19
CA GLU A 81 2.34 -9.55 -7.43
C GLU A 81 2.74 -9.32 -5.95
N GLU A 82 3.31 -8.16 -5.61
CA GLU A 82 3.85 -7.83 -4.31
C GLU A 82 2.79 -7.23 -3.38
N LEU A 83 2.02 -6.27 -3.92
CA LEU A 83 0.89 -5.61 -3.31
C LEU A 83 -0.41 -6.39 -3.49
N GLY A 84 -0.61 -6.97 -4.67
CA GLY A 84 -1.91 -7.46 -5.14
C GLY A 84 -2.03 -8.98 -5.18
N GLY A 85 -0.91 -9.68 -4.97
CA GLY A 85 -0.80 -11.14 -5.07
C GLY A 85 -1.75 -11.89 -4.13
N PRO A 86 -1.75 -11.59 -2.81
CA PRO A 86 -2.48 -12.39 -1.83
C PRO A 86 -3.94 -11.93 -1.57
N VAL A 87 -4.39 -10.82 -2.17
CA VAL A 87 -5.68 -10.14 -2.00
C VAL A 87 -6.52 -10.23 -3.28
N HIS A 88 -7.83 -10.16 -3.12
CA HIS A 88 -8.82 -10.12 -4.20
C HIS A 88 -9.49 -8.75 -4.33
N ALA A 89 -9.33 -7.86 -3.33
CA ALA A 89 -9.55 -6.43 -3.51
C ALA A 89 -8.52 -5.60 -2.72
N LEU A 90 -8.12 -4.46 -3.29
CA LEU A 90 -7.28 -3.46 -2.66
C LEU A 90 -7.40 -2.05 -3.25
N ALA A 91 -7.37 -1.03 -2.38
CA ALA A 91 -7.22 0.37 -2.77
C ALA A 91 -5.97 1.02 -2.15
N ILE A 92 -5.26 1.84 -2.92
CA ILE A 92 -4.01 2.52 -2.52
C ILE A 92 -4.12 4.05 -2.56
N GLN A 93 -3.34 4.74 -1.73
CA GLN A 93 -3.02 6.16 -1.85
C GLN A 93 -1.51 6.38 -1.71
N ALA A 94 -0.87 7.16 -2.58
CA ALA A 94 0.58 7.42 -2.55
C ALA A 94 0.88 8.92 -2.38
N ARG A 95 1.82 9.27 -1.48
CA ARG A 95 2.14 10.67 -1.11
C ARG A 95 3.64 10.89 -0.81
N THR A 96 3.99 12.17 -0.66
CA THR A 96 5.33 12.63 -0.28
C THR A 96 5.33 13.18 1.16
N PRO A 97 6.49 13.23 1.84
CA PRO A 97 6.51 13.46 3.27
C PRO A 97 6.01 14.84 3.68
N ALA A 98 6.48 15.94 3.11
CA ALA A 98 6.09 17.28 3.60
C ALA A 98 4.58 17.59 3.46
N GLN A 99 3.89 17.04 2.46
CA GLN A 99 2.42 17.13 2.38
C GLN A 99 1.70 16.11 3.27
N TRP A 100 2.29 14.92 3.53
CA TRP A 100 1.87 14.08 4.67
C TRP A 100 1.99 14.81 6.02
N ARG A 101 3.08 15.59 6.22
CA ARG A 101 3.27 16.38 7.47
C ARG A 101 2.11 17.36 7.66
N GLU A 102 1.76 18.04 6.58
CA GLU A 102 0.71 19.07 6.54
C GLU A 102 -0.71 18.49 6.73
N ASN A 103 -1.17 17.59 5.86
CA ASN A 103 -2.51 16.96 5.97
C ASN A 103 -2.62 15.50 5.47
N SER A 104 -1.69 15.05 4.61
CA SER A 104 -1.93 14.08 3.52
C SER A 104 -2.94 14.61 2.48
N PRO A 17 0.45 -11.86 8.71
CA PRO A 17 -0.43 -11.05 7.88
C PRO A 17 0.22 -10.49 6.60
N VAL A 18 -0.58 -10.34 5.55
CA VAL A 18 -0.19 -9.64 4.30
C VAL A 18 0.21 -8.18 4.52
N GLU A 19 -0.27 -7.58 5.61
CA GLU A 19 -0.01 -6.19 5.96
C GLU A 19 1.41 -6.02 6.53
N ALA A 20 1.85 -7.02 7.31
CA ALA A 20 3.22 -7.19 7.78
C ALA A 20 4.19 -7.55 6.66
N ALA A 21 3.79 -8.45 5.75
CA ALA A 21 4.55 -8.73 4.52
C ALA A 21 4.79 -7.44 3.70
N ILE A 22 3.76 -6.59 3.57
CA ILE A 22 3.92 -5.26 2.98
C ILE A 22 4.87 -4.38 3.78
N ARG A 23 4.71 -4.21 5.11
CA ARG A 23 5.62 -3.36 5.91
C ARG A 23 7.09 -3.71 5.64
N THR A 24 7.46 -4.98 5.86
CA THR A 24 8.84 -5.42 5.68
C THR A 24 9.31 -5.24 4.22
N LYS A 25 8.55 -5.75 3.23
CA LYS A 25 9.01 -5.72 1.82
C LYS A 25 9.02 -4.32 1.21
N LEU A 26 8.05 -3.44 1.50
CA LEU A 26 8.05 -2.07 0.99
C LEU A 26 9.11 -1.21 1.71
N GLU A 27 9.41 -1.47 2.98
CA GLU A 27 10.54 -0.81 3.66
C GLU A 27 11.90 -1.24 3.13
N GLU A 28 12.05 -2.49 2.64
CA GLU A 28 13.16 -2.90 1.77
C GLU A 28 13.15 -2.17 0.41
N ALA A 29 12.00 -2.11 -0.28
CA ALA A 29 11.88 -1.74 -1.69
C ALA A 29 12.03 -0.25 -2.02
N LEU A 30 11.41 0.63 -1.23
CA LEU A 30 11.51 2.10 -1.37
C LEU A 30 11.79 2.86 -0.06
N SER A 31 11.70 2.19 1.09
CA SER A 31 12.05 2.77 2.40
C SER A 31 11.18 4.02 2.72
N PRO A 32 9.85 3.87 2.91
CA PRO A 32 8.88 4.91 3.25
C PRO A 32 9.26 5.97 4.29
N GLU A 33 8.47 7.05 4.35
CA GLU A 33 8.26 7.85 5.54
C GLU A 33 7.07 7.42 6.39
N VAL A 34 5.99 6.92 5.78
CA VAL A 34 4.98 6.18 6.54
C VAL A 34 4.49 4.97 5.78
N LEU A 35 3.90 4.04 6.53
CA LEU A 35 2.69 3.41 6.02
C LEU A 35 1.68 3.04 7.11
N GLU A 36 0.49 3.63 6.97
CA GLU A 36 -0.68 3.36 7.82
C GLU A 36 -1.72 2.63 6.98
N LEU A 37 -1.97 1.39 7.36
CA LEU A 37 -2.59 0.39 6.49
C LEU A 37 -3.49 -0.60 7.25
N ARG A 38 -4.47 -1.19 6.56
CA ARG A 38 -5.61 -1.88 7.18
C ARG A 38 -6.24 -2.89 6.24
N ASN A 39 -6.68 -4.03 6.76
CA ASN A 39 -7.57 -4.95 6.05
C ASN A 39 -9.07 -4.66 6.28
N GLU A 40 -9.84 -4.74 5.20
CA GLU A 40 -11.29 -4.42 5.12
C GLU A 40 -12.16 -5.69 5.18
N SER A 41 -11.52 -6.84 4.91
CA SER A 41 -12.09 -8.17 4.69
C SER A 41 -13.01 -8.75 5.77
N GLY A 42 -12.96 -8.30 7.02
CA GLY A 42 -13.94 -8.67 8.04
C GLY A 42 -15.35 -8.09 7.80
N GLY A 43 -15.49 -7.17 6.85
CA GLY A 43 -16.77 -6.72 6.31
C GLY A 43 -17.51 -7.76 5.45
N HIS A 44 -16.90 -8.90 5.14
CA HIS A 44 -17.35 -9.85 4.11
C HIS A 44 -17.56 -11.27 4.70
N ALA A 45 -18.34 -12.12 4.02
CA ALA A 45 -18.84 -13.40 4.53
C ALA A 45 -17.84 -14.57 4.38
N VAL A 46 -16.55 -14.26 4.61
CA VAL A 46 -15.36 -15.07 4.28
C VAL A 46 -14.91 -15.99 5.44
N PRO A 47 -14.11 -17.05 5.19
CA PRO A 47 -13.61 -17.94 6.24
C PRO A 47 -12.74 -17.22 7.29
N PRO A 48 -12.67 -17.68 8.55
CA PRO A 48 -11.83 -17.07 9.57
C PRO A 48 -10.34 -17.06 9.16
N GLY A 49 -9.65 -15.97 9.49
CA GLY A 49 -8.25 -15.72 9.12
C GLY A 49 -8.05 -15.25 7.67
N SER A 50 -9.12 -15.10 6.88
CA SER A 50 -9.03 -14.65 5.49
C SER A 50 -8.75 -13.17 5.39
N GLU A 51 -7.80 -12.83 4.53
CA GLU A 51 -7.34 -11.48 4.25
C GLU A 51 -7.53 -11.21 2.74
N THR A 52 -8.81 -11.14 2.30
CA THR A 52 -9.19 -11.01 0.88
C THR A 52 -9.07 -9.57 0.37
N HIS A 53 -9.12 -8.59 1.27
CA HIS A 53 -9.57 -7.23 0.98
C HIS A 53 -8.72 -6.22 1.76
N PHE A 54 -8.05 -5.29 1.07
CA PHE A 54 -6.93 -4.55 1.66
C PHE A 54 -6.87 -3.03 1.35
N ARG A 55 -6.25 -2.25 2.24
CA ARG A 55 -6.11 -0.78 2.14
C ARG A 55 -4.74 -0.34 2.64
N VAL A 56 -4.10 0.61 1.95
CA VAL A 56 -2.86 1.26 2.41
C VAL A 56 -2.97 2.78 2.30
N ALA A 57 -2.35 3.47 3.25
CA ALA A 57 -1.83 4.81 3.06
C ALA A 57 -0.31 4.83 3.26
N VAL A 58 0.37 5.39 2.27
CA VAL A 58 1.79 5.33 2.12
C VAL A 58 2.29 6.70 1.67
N VAL A 59 3.41 7.09 2.25
CA VAL A 59 4.05 8.39 2.01
C VAL A 59 5.56 8.21 1.93
N SER A 60 6.12 8.72 0.85
CA SER A 60 7.54 8.57 0.49
C SER A 60 7.99 9.66 -0.48
N SER A 61 9.22 10.13 -0.33
CA SER A 61 9.85 11.07 -1.27
C SER A 61 9.94 10.53 -2.69
N ARG A 62 9.92 9.19 -2.85
CA ARG A 62 9.95 8.51 -4.15
C ARG A 62 8.70 8.77 -5.01
N PHE A 63 7.58 9.18 -4.40
CA PHE A 63 6.31 9.40 -5.08
C PHE A 63 6.18 10.85 -5.63
N GLU A 64 7.27 11.63 -5.65
CA GLU A 64 7.27 13.01 -6.13
C GLU A 64 7.44 13.21 -7.66
N GLY A 65 6.89 14.31 -8.16
CA GLY A 65 7.21 14.98 -9.43
C GLY A 65 6.60 14.32 -10.67
N LEU A 66 6.46 13.01 -10.65
CA LEU A 66 5.62 12.23 -11.54
C LEU A 66 4.12 12.48 -11.26
N SER A 67 3.26 12.09 -12.20
CA SER A 67 1.81 12.03 -11.97
C SER A 67 1.48 10.94 -10.94
N PRO A 68 0.51 11.12 -10.02
CA PRO A 68 0.12 10.09 -9.06
C PRO A 68 -0.33 8.78 -9.73
N LEU A 69 -1.01 8.88 -10.88
CA LEU A 69 -1.49 7.76 -11.69
C LEU A 69 -0.32 6.99 -12.31
N GLN A 70 0.69 7.71 -12.81
CA GLN A 70 1.95 7.19 -13.34
C GLN A 70 2.71 6.42 -12.25
N ARG A 71 2.77 6.96 -11.03
CA ARG A 71 3.30 6.32 -9.81
C ARG A 71 2.52 5.04 -9.46
N HIS A 72 1.19 5.09 -9.47
CA HIS A 72 0.30 3.96 -9.18
C HIS A 72 0.57 2.81 -10.18
N ARG A 73 0.48 3.05 -11.49
CA ARG A 73 0.84 2.10 -12.54
C ARG A 73 2.26 1.52 -12.37
N LEU A 74 3.25 2.37 -12.06
CA LEU A 74 4.64 1.94 -11.82
C LEU A 74 4.71 0.90 -10.69
N VAL A 75 4.22 1.24 -9.50
CA VAL A 75 4.28 0.35 -8.32
C VAL A 75 3.42 -0.92 -8.50
N HIS A 76 2.30 -0.84 -9.21
CA HIS A 76 1.40 -1.96 -9.51
C HIS A 76 1.99 -2.90 -10.58
N ALA A 77 2.85 -2.42 -11.49
CA ALA A 77 3.61 -3.27 -12.41
C ALA A 77 4.89 -3.84 -11.76
N ALA A 78 5.61 -3.01 -11.00
CA ALA A 78 6.88 -3.36 -10.36
C ALA A 78 6.69 -4.21 -9.10
N LEU A 79 5.69 -3.92 -8.26
CA LEU A 79 5.48 -4.63 -6.98
C LEU A 79 4.26 -5.57 -7.02
N ALA A 80 3.82 -6.02 -8.19
CA ALA A 80 2.48 -6.58 -8.38
C ALA A 80 2.08 -7.69 -7.38
N GLU A 81 2.87 -8.74 -7.27
CA GLU A 81 2.60 -9.86 -6.36
C GLU A 81 2.92 -9.52 -4.89
N GLU A 82 3.71 -8.47 -4.66
CA GLU A 82 4.24 -8.04 -3.40
C GLU A 82 3.24 -7.10 -2.69
N LEU A 83 2.48 -6.33 -3.47
CA LEU A 83 1.36 -5.48 -3.07
C LEU A 83 0.03 -6.24 -3.01
N GLY A 84 -0.30 -6.96 -4.08
CA GLY A 84 -1.67 -7.39 -4.39
C GLY A 84 -1.76 -8.83 -4.87
N GLY A 85 -0.66 -9.57 -4.74
CA GLY A 85 -0.57 -10.99 -5.12
C GLY A 85 -1.49 -11.89 -4.29
N PRO A 86 -1.36 -11.90 -2.95
CA PRO A 86 -2.15 -12.77 -2.07
C PRO A 86 -3.52 -12.19 -1.68
N VAL A 87 -3.98 -11.13 -2.35
CA VAL A 87 -5.16 -10.32 -1.98
C VAL A 87 -6.13 -10.21 -3.17
N HIS A 88 -7.43 -10.45 -2.94
CA HIS A 88 -8.47 -10.47 -3.99
C HIS A 88 -8.97 -9.08 -4.40
N ALA A 89 -8.95 -8.09 -3.49
CA ALA A 89 -9.23 -6.68 -3.79
C ALA A 89 -8.42 -5.74 -2.88
N LEU A 90 -7.99 -4.59 -3.40
CA LEU A 90 -7.27 -3.58 -2.63
C LEU A 90 -7.26 -2.15 -3.20
N ALA A 91 -7.01 -1.18 -2.30
CA ALA A 91 -6.81 0.24 -2.60
C ALA A 91 -5.56 0.84 -1.93
N ILE A 92 -4.70 1.56 -2.66
CA ILE A 92 -3.63 2.38 -2.07
C ILE A 92 -3.95 3.89 -2.12
N GLN A 93 -3.35 4.64 -1.19
CA GLN A 93 -3.27 6.11 -1.20
C GLN A 93 -1.78 6.49 -1.08
N ALA A 94 -1.25 7.34 -1.96
CA ALA A 94 0.20 7.47 -2.20
C ALA A 94 0.65 8.94 -2.34
N ARG A 95 1.31 9.47 -1.30
CA ARG A 95 1.69 10.90 -1.15
C ARG A 95 3.18 11.09 -0.81
N THR A 96 3.60 12.34 -0.58
CA THR A 96 4.98 12.76 -0.26
C THR A 96 5.13 13.28 1.20
N PRO A 97 6.33 13.22 1.81
CA PRO A 97 6.49 13.57 3.22
C PRO A 97 6.19 15.05 3.51
N ALA A 98 6.61 16.00 2.67
CA ALA A 98 6.40 17.41 2.97
C ALA A 98 4.91 17.82 3.06
N GLN A 99 4.00 17.05 2.43
CA GLN A 99 2.55 17.15 2.67
C GLN A 99 2.08 16.29 3.86
N TRP A 100 2.58 15.05 4.07
CA TRP A 100 2.21 14.27 5.28
C TRP A 100 2.54 15.02 6.58
N ARG A 101 3.66 15.75 6.60
CA ARG A 101 4.14 16.51 7.78
C ARG A 101 3.17 17.64 8.15
N GLU A 102 2.35 18.10 7.21
CA GLU A 102 1.20 18.95 7.49
C GLU A 102 -0.07 18.10 7.73
N ASN A 103 -0.64 17.46 6.70
CA ASN A 103 -1.55 16.31 6.86
C ASN A 103 -1.53 15.35 5.66
N SER A 104 -1.58 15.92 4.45
CA SER A 104 -1.68 15.35 3.08
C SER A 104 -2.49 16.34 2.20
N PRO A 17 0.56 -11.63 9.19
CA PRO A 17 -0.49 -11.27 8.23
C PRO A 17 0.07 -10.48 7.02
N VAL A 18 -0.71 -10.38 5.93
CA VAL A 18 -0.24 -9.70 4.69
C VAL A 18 0.15 -8.24 4.94
N GLU A 19 -0.36 -7.64 6.01
CA GLU A 19 -0.15 -6.23 6.34
C GLU A 19 1.25 -5.99 6.92
N ALA A 20 1.73 -6.95 7.72
CA ALA A 20 3.09 -7.00 8.20
C ALA A 20 4.06 -7.50 7.10
N ALA A 21 3.62 -8.42 6.24
CA ALA A 21 4.41 -8.84 5.08
C ALA A 21 4.67 -7.68 4.10
N ILE A 22 3.64 -6.91 3.73
CA ILE A 22 3.79 -5.73 2.85
C ILE A 22 4.56 -4.61 3.53
N ARG A 23 4.38 -4.38 4.84
CA ARG A 23 5.31 -3.51 5.61
C ARG A 23 6.75 -3.91 5.32
N THR A 24 7.12 -5.16 5.62
CA THR A 24 8.49 -5.68 5.40
C THR A 24 8.98 -5.54 3.96
N LYS A 25 8.15 -5.89 2.96
CA LYS A 25 8.51 -5.86 1.53
C LYS A 25 8.71 -4.45 1.00
N LEU A 26 7.89 -3.48 1.41
CA LEU A 26 7.97 -2.09 0.96
C LEU A 26 9.04 -1.29 1.72
N GLU A 27 9.25 -1.61 3.00
CA GLU A 27 10.43 -1.21 3.76
C GLU A 27 11.71 -1.63 3.03
N GLU A 28 11.83 -2.90 2.61
CA GLU A 28 13.00 -3.38 1.87
C GLU A 28 13.08 -2.76 0.45
N ALA A 29 11.94 -2.49 -0.21
CA ALA A 29 11.94 -1.98 -1.58
C ALA A 29 12.29 -0.49 -1.74
N LEU A 30 11.53 0.44 -1.16
CA LEU A 30 11.40 1.80 -1.71
C LEU A 30 11.70 2.94 -0.73
N SER A 31 12.05 2.56 0.50
CA SER A 31 12.32 3.44 1.64
C SER A 31 11.23 4.50 1.86
N PRO A 32 10.06 4.12 2.43
CA PRO A 32 8.96 5.03 2.72
C PRO A 32 9.31 6.21 3.65
N GLU A 33 8.40 7.16 3.79
CA GLU A 33 8.25 7.97 4.98
C GLU A 33 7.14 7.48 5.91
N VAL A 34 6.09 6.86 5.38
CA VAL A 34 5.16 6.07 6.19
C VAL A 34 4.73 4.78 5.52
N LEU A 35 4.16 3.90 6.34
CA LEU A 35 3.05 3.10 5.85
C LEU A 35 2.03 2.71 6.93
N GLU A 36 0.79 3.21 6.77
CA GLU A 36 -0.34 2.99 7.68
C GLU A 36 -1.49 2.29 6.97
N LEU A 37 -1.89 1.13 7.45
CA LEU A 37 -2.71 0.18 6.66
C LEU A 37 -3.64 -0.76 7.46
N ARG A 38 -4.62 -1.39 6.78
CA ARG A 38 -5.59 -2.33 7.39
C ARG A 38 -6.24 -3.22 6.33
N ASN A 39 -6.74 -4.39 6.74
CA ASN A 39 -7.57 -5.25 5.92
C ASN A 39 -9.09 -5.02 6.10
N GLU A 40 -9.83 -5.17 5.00
CA GLU A 40 -11.24 -4.78 4.84
C GLU A 40 -12.21 -5.98 4.91
N SER A 41 -11.67 -7.21 4.79
CA SER A 41 -12.40 -8.46 4.59
C SER A 41 -13.32 -8.91 5.73
N GLY A 42 -13.24 -8.30 6.90
CA GLY A 42 -14.23 -8.49 7.98
C GLY A 42 -15.62 -7.94 7.61
N GLY A 43 -15.70 -7.10 6.58
CA GLY A 43 -16.94 -6.70 5.91
C GLY A 43 -17.41 -7.63 4.77
N HIS A 44 -16.80 -8.81 4.63
CA HIS A 44 -17.12 -9.84 3.64
C HIS A 44 -17.44 -11.19 4.33
N ALA A 45 -18.22 -12.05 3.66
CA ALA A 45 -18.65 -13.35 4.16
C ALA A 45 -17.54 -14.41 4.03
N VAL A 46 -16.40 -14.19 4.68
CA VAL A 46 -15.16 -14.99 4.58
C VAL A 46 -14.81 -15.67 5.91
N PRO A 47 -14.06 -16.80 5.90
CA PRO A 47 -13.55 -17.43 7.12
C PRO A 47 -12.71 -16.47 7.98
N PRO A 48 -12.70 -16.59 9.31
CA PRO A 48 -11.86 -15.74 10.16
C PRO A 48 -10.37 -15.90 9.80
N GLY A 49 -9.68 -14.77 9.67
CA GLY A 49 -8.29 -14.72 9.22
C GLY A 49 -8.11 -14.94 7.70
N SER A 50 -9.18 -14.94 6.90
CA SER A 50 -9.07 -14.89 5.43
C SER A 50 -8.83 -13.44 4.98
N GLU A 51 -7.69 -13.20 4.34
CA GLU A 51 -7.20 -11.85 4.02
C GLU A 51 -7.41 -11.53 2.54
N THR A 52 -8.67 -11.55 2.07
CA THR A 52 -9.04 -11.36 0.66
C THR A 52 -8.92 -9.90 0.21
N HIS A 53 -9.04 -8.96 1.16
CA HIS A 53 -9.49 -7.60 0.89
C HIS A 53 -8.66 -6.59 1.69
N PHE A 54 -8.04 -5.62 1.02
CA PHE A 54 -6.95 -4.85 1.65
C PHE A 54 -6.93 -3.34 1.35
N ARG A 55 -6.42 -2.53 2.29
CA ARG A 55 -6.28 -1.06 2.19
C ARG A 55 -4.94 -0.58 2.74
N VAL A 56 -4.30 0.35 2.03
CA VAL A 56 -2.98 0.90 2.43
C VAL A 56 -2.89 2.41 2.25
N ALA A 57 -2.27 3.10 3.20
CA ALA A 57 -1.74 4.46 2.99
C ALA A 57 -0.21 4.40 2.95
N VAL A 58 0.39 4.85 1.84
CA VAL A 58 1.84 4.91 1.65
C VAL A 58 2.29 6.30 1.26
N VAL A 59 3.40 6.75 1.82
CA VAL A 59 3.96 8.07 1.54
C VAL A 59 5.47 7.96 1.47
N SER A 60 6.06 8.52 0.40
CA SER A 60 7.52 8.46 0.16
C SER A 60 7.99 9.59 -0.74
N SER A 61 9.22 10.07 -0.53
CA SER A 61 9.88 11.03 -1.42
C SER A 61 10.12 10.47 -2.83
N ARG A 62 10.18 9.14 -2.96
CA ARG A 62 10.30 8.42 -4.25
C ARG A 62 9.09 8.59 -5.19
N PHE A 63 8.01 9.22 -4.72
CA PHE A 63 6.80 9.49 -5.47
C PHE A 63 6.65 10.96 -5.91
N GLU A 64 7.66 11.82 -5.70
CA GLU A 64 7.69 13.15 -6.32
C GLU A 64 8.20 13.15 -7.78
N GLY A 65 7.77 14.13 -8.57
CA GLY A 65 8.30 14.44 -9.90
C GLY A 65 7.50 13.89 -11.09
N LEU A 66 6.34 13.27 -10.85
CA LEU A 66 5.52 12.54 -11.80
C LEU A 66 4.03 12.62 -11.41
N SER A 67 3.13 12.31 -12.35
CA SER A 67 1.67 12.27 -12.17
C SER A 67 1.20 11.31 -11.06
N PRO A 68 0.07 11.58 -10.37
CA PRO A 68 -0.58 10.66 -9.44
C PRO A 68 -0.81 9.26 -10.02
N LEU A 69 -1.29 9.15 -11.26
CA LEU A 69 -1.47 7.85 -11.92
C LEU A 69 -0.13 7.18 -12.25
N GLN A 70 0.96 7.94 -12.42
CA GLN A 70 2.31 7.42 -12.70
C GLN A 70 3.05 6.95 -11.43
N ARG A 71 2.80 7.53 -10.25
CA ARG A 71 3.24 6.96 -8.95
C ARG A 71 2.42 5.74 -8.54
N HIS A 72 1.10 5.76 -8.73
CA HIS A 72 0.23 4.60 -8.58
C HIS A 72 0.72 3.47 -9.51
N ARG A 73 0.94 3.74 -10.80
CA ARG A 73 1.56 2.80 -11.77
C ARG A 73 2.93 2.29 -11.30
N LEU A 74 3.80 3.13 -10.74
CA LEU A 74 5.08 2.71 -10.16
C LEU A 74 4.84 1.61 -9.10
N VAL A 75 4.01 1.89 -8.09
CA VAL A 75 3.70 0.91 -7.02
C VAL A 75 3.01 -0.36 -7.58
N HIS A 76 2.05 -0.18 -8.47
CA HIS A 76 1.14 -1.20 -9.00
C HIS A 76 1.88 -2.17 -9.92
N ALA A 77 2.70 -1.66 -10.85
CA ALA A 77 3.45 -2.46 -11.81
C ALA A 77 4.80 -2.96 -11.25
N ALA A 78 5.51 -2.18 -10.42
CA ALA A 78 6.80 -2.60 -9.87
C ALA A 78 6.66 -3.40 -8.57
N LEU A 79 5.54 -3.31 -7.82
CA LEU A 79 5.34 -4.14 -6.61
C LEU A 79 4.12 -5.08 -6.71
N ALA A 80 3.68 -5.52 -7.89
CA ALA A 80 2.35 -6.15 -8.08
C ALA A 80 2.06 -7.37 -7.19
N GLU A 81 3.00 -8.32 -7.10
CA GLU A 81 2.81 -9.52 -6.27
C GLU A 81 3.03 -9.21 -4.79
N GLU A 82 3.77 -8.14 -4.48
CA GLU A 82 4.23 -7.75 -3.18
C GLU A 82 3.14 -6.93 -2.45
N LEU A 83 2.37 -6.14 -3.19
CA LEU A 83 1.12 -5.53 -2.79
C LEU A 83 -0.04 -6.54 -2.75
N GLY A 84 -0.26 -7.26 -3.86
CA GLY A 84 -1.60 -7.70 -4.24
C GLY A 84 -1.66 -9.08 -4.88
N GLY A 85 -0.58 -9.83 -4.75
CA GLY A 85 -0.46 -11.21 -5.27
C GLY A 85 -1.38 -12.18 -4.52
N PRO A 86 -1.19 -12.36 -3.20
CA PRO A 86 -2.03 -13.20 -2.36
C PRO A 86 -3.30 -12.47 -1.87
N VAL A 87 -3.82 -11.52 -2.66
CA VAL A 87 -4.90 -10.59 -2.27
C VAL A 87 -5.91 -10.44 -3.42
N HIS A 88 -7.19 -10.67 -3.15
CA HIS A 88 -8.25 -10.77 -4.18
C HIS A 88 -8.83 -9.40 -4.57
N ALA A 89 -8.86 -8.46 -3.62
CA ALA A 89 -9.10 -7.04 -3.86
C ALA A 89 -8.21 -6.18 -2.93
N LEU A 90 -7.79 -5.02 -3.42
CA LEU A 90 -7.12 -4.00 -2.64
C LEU A 90 -7.15 -2.58 -3.24
N ALA A 91 -6.97 -1.59 -2.37
CA ALA A 91 -6.76 -0.18 -2.75
C ALA A 91 -5.62 0.49 -1.95
N ILE A 92 -4.84 1.34 -2.63
CA ILE A 92 -3.72 2.10 -2.05
C ILE A 92 -3.87 3.61 -2.27
N GLN A 93 -3.49 4.39 -1.25
CA GLN A 93 -3.26 5.82 -1.35
C GLN A 93 -1.74 6.06 -1.39
N ALA A 94 -1.20 6.69 -2.44
CA ALA A 94 0.25 6.92 -2.61
C ALA A 94 0.56 8.41 -2.75
N ARG A 95 1.29 8.98 -1.77
CA ARG A 95 1.50 10.43 -1.61
C ARG A 95 2.94 10.82 -1.22
N THR A 96 3.18 12.12 -1.02
CA THR A 96 4.51 12.69 -0.73
C THR A 96 4.70 13.16 0.74
N PRO A 97 5.95 13.14 1.24
CA PRO A 97 6.22 13.45 2.63
C PRO A 97 5.88 14.90 2.99
N ALA A 98 6.17 15.91 2.15
CA ALA A 98 5.92 17.30 2.54
C ALA A 98 4.44 17.65 2.78
N GLN A 99 3.50 16.89 2.19
CA GLN A 99 2.06 16.94 2.53
C GLN A 99 1.71 16.04 3.74
N TRP A 100 2.29 14.83 3.85
CA TRP A 100 2.08 14.02 5.08
C TRP A 100 2.55 14.75 6.35
N ARG A 101 3.69 15.46 6.26
CA ARG A 101 4.31 16.26 7.34
C ARG A 101 3.44 17.45 7.76
N GLU A 102 2.68 18.00 6.81
CA GLU A 102 1.84 19.17 7.00
C GLU A 102 0.49 18.79 7.63
N ASN A 103 -0.29 17.87 7.02
CA ASN A 103 -1.62 17.51 7.57
C ASN A 103 -2.03 16.03 7.48
N SER A 104 -1.09 15.09 7.28
CA SER A 104 -1.36 13.66 6.97
C SER A 104 -2.22 13.41 5.70
N PRO A 17 0.93 -12.88 8.56
CA PRO A 17 -0.30 -12.18 8.18
C PRO A 17 0.06 -11.08 7.20
N VAL A 18 -0.70 -10.98 6.11
CA VAL A 18 -0.21 -10.27 4.91
C VAL A 18 -0.10 -8.76 5.07
N GLU A 19 -0.68 -8.16 6.11
CA GLU A 19 -0.52 -6.74 6.42
C GLU A 19 0.84 -6.46 7.08
N ALA A 20 1.28 -7.34 7.97
CA ALA A 20 2.62 -7.35 8.56
C ALA A 20 3.69 -7.75 7.52
N ALA A 21 3.35 -8.68 6.62
CA ALA A 21 4.16 -8.95 5.44
C ALA A 21 4.30 -7.69 4.57
N ILE A 22 3.23 -6.91 4.36
CA ILE A 22 3.34 -5.61 3.67
C ILE A 22 4.27 -4.66 4.41
N ARG A 23 4.16 -4.52 5.74
CA ARG A 23 5.12 -3.70 6.54
C ARG A 23 6.55 -4.04 6.15
N THR A 24 6.93 -5.29 6.38
CA THR A 24 8.32 -5.74 6.18
C THR A 24 8.77 -5.75 4.71
N LYS A 25 7.93 -6.21 3.77
CA LYS A 25 8.29 -6.33 2.34
C LYS A 25 8.32 -4.98 1.63
N LEU A 26 7.44 -4.04 1.98
CA LEU A 26 7.51 -2.66 1.47
C LEU A 26 8.67 -1.91 2.14
N GLU A 27 9.00 -2.18 3.40
CA GLU A 27 10.25 -1.71 4.03
C GLU A 27 11.50 -2.24 3.30
N GLU A 28 11.50 -3.47 2.78
CA GLU A 28 12.56 -3.98 1.89
C GLU A 28 12.58 -3.23 0.54
N ALA A 29 11.41 -3.01 -0.08
CA ALA A 29 11.28 -2.56 -1.47
C ALA A 29 11.49 -1.04 -1.69
N LEU A 30 11.00 -0.18 -0.80
CA LEU A 30 11.22 1.27 -0.83
C LEU A 30 11.57 1.92 0.53
N SER A 31 11.52 1.17 1.64
CA SER A 31 11.69 1.70 3.01
C SER A 31 10.89 3.00 3.29
N PRO A 32 9.54 2.92 3.35
CA PRO A 32 8.63 4.06 3.51
C PRO A 32 8.92 4.97 4.72
N GLU A 33 8.45 6.22 4.69
CA GLU A 33 8.27 7.01 5.90
C GLU A 33 6.97 6.68 6.64
N VAL A 34 5.90 6.29 5.93
CA VAL A 34 4.76 5.65 6.59
C VAL A 34 4.20 4.52 5.76
N LEU A 35 3.49 3.67 6.48
CA LEU A 35 2.18 3.25 5.99
C LEU A 35 1.17 3.15 7.14
N GLU A 36 0.00 3.73 6.91
CA GLU A 36 -1.20 3.51 7.71
C GLU A 36 -2.27 2.83 6.87
N LEU A 37 -2.79 1.74 7.37
CA LEU A 37 -3.61 0.84 6.53
C LEU A 37 -4.79 0.19 7.27
N ARG A 38 -5.74 -0.29 6.46
CA ARG A 38 -6.98 -0.95 6.86
C ARG A 38 -7.20 -2.14 5.92
N ASN A 39 -7.61 -3.30 6.43
CA ASN A 39 -8.12 -4.36 5.57
C ASN A 39 -9.65 -4.19 5.44
N GLU A 40 -10.11 -3.98 4.20
CA GLU A 40 -11.52 -3.86 3.84
C GLU A 40 -12.24 -5.22 3.91
N SER A 41 -11.45 -6.29 3.95
CA SER A 41 -11.82 -7.69 3.95
C SER A 41 -12.80 -8.14 5.04
N GLY A 42 -13.04 -7.35 6.09
CA GLY A 42 -14.14 -7.62 7.03
C GLY A 42 -15.52 -7.46 6.38
N GLY A 43 -15.61 -6.79 5.23
CA GLY A 43 -16.81 -6.57 4.41
C GLY A 43 -17.13 -7.66 3.37
N HIS A 44 -16.57 -8.89 3.50
CA HIS A 44 -16.66 -9.94 2.47
C HIS A 44 -17.17 -11.32 2.94
N ALA A 45 -17.53 -11.48 4.22
CA ALA A 45 -17.87 -12.75 4.87
C ALA A 45 -16.80 -13.87 4.68
N VAL A 46 -15.51 -13.50 4.69
CA VAL A 46 -14.37 -14.43 4.56
C VAL A 46 -13.98 -15.04 5.92
N PRO A 47 -13.25 -16.17 5.97
CA PRO A 47 -12.93 -16.87 7.22
C PRO A 47 -12.15 -16.02 8.23
N PRO A 48 -12.28 -16.29 9.55
CA PRO A 48 -11.40 -15.70 10.55
C PRO A 48 -9.95 -16.11 10.28
N GLY A 49 -9.04 -15.14 10.35
CA GLY A 49 -7.64 -15.26 9.92
C GLY A 49 -7.37 -14.98 8.44
N SER A 50 -8.38 -14.82 7.58
CA SER A 50 -8.22 -14.42 6.18
C SER A 50 -8.35 -12.90 6.00
N GLU A 51 -7.31 -12.28 5.43
CA GLU A 51 -7.33 -10.87 4.99
C GLU A 51 -7.16 -10.85 3.46
N THR A 52 -8.25 -10.77 2.70
CA THR A 52 -8.23 -10.79 1.23
C THR A 52 -7.99 -9.43 0.60
N HIS A 53 -8.35 -8.35 1.30
CA HIS A 53 -8.79 -7.09 0.71
C HIS A 53 -8.23 -5.89 1.48
N PHE A 54 -7.55 -4.97 0.80
CA PHE A 54 -6.67 -4.01 1.47
C PHE A 54 -6.74 -2.55 0.99
N ARG A 55 -6.84 -1.63 1.93
CA ARG A 55 -6.72 -0.17 1.77
C ARG A 55 -5.42 0.30 2.44
N VAL A 56 -4.44 0.77 1.67
CA VAL A 56 -3.16 1.26 2.22
C VAL A 56 -3.01 2.75 1.97
N ALA A 57 -2.63 3.49 3.00
CA ALA A 57 -2.06 4.84 2.86
C ALA A 57 -0.58 4.79 3.17
N VAL A 58 0.23 5.41 2.31
CA VAL A 58 1.64 5.15 2.25
C VAL A 58 2.36 6.42 1.82
N VAL A 59 3.49 6.70 2.46
CA VAL A 59 4.35 7.85 2.14
C VAL A 59 5.79 7.42 2.03
N SER A 60 6.42 7.85 0.93
CA SER A 60 7.80 7.55 0.61
C SER A 60 8.43 8.62 -0.27
N SER A 61 9.70 8.95 0.00
CA SER A 61 10.53 9.77 -0.89
C SER A 61 10.70 9.18 -2.30
N ARG A 62 10.48 7.88 -2.47
CA ARG A 62 10.60 7.20 -3.78
C ARG A 62 9.43 7.49 -4.72
N PHE A 63 8.26 7.84 -4.19
CA PHE A 63 7.04 8.05 -4.95
C PHE A 63 6.94 9.46 -5.59
N GLU A 64 8.04 10.22 -5.65
CA GLU A 64 8.02 11.61 -6.11
C GLU A 64 8.11 11.82 -7.64
N GLY A 65 7.47 12.89 -8.15
CA GLY A 65 7.61 13.40 -9.53
C GLY A 65 6.55 12.95 -10.55
N LEU A 66 5.34 12.59 -10.13
CA LEU A 66 4.29 12.00 -10.97
C LEU A 66 2.92 12.62 -10.68
N SER A 67 1.96 12.51 -11.61
CA SER A 67 0.53 12.67 -11.30
C SER A 67 -0.01 11.48 -10.47
N PRO A 68 -0.94 11.64 -9.51
CA PRO A 68 -1.43 10.54 -8.65
C PRO A 68 -1.97 9.31 -9.39
N LEU A 69 -2.66 9.47 -10.53
CA LEU A 69 -3.08 8.33 -11.38
C LEU A 69 -1.89 7.61 -12.02
N GLN A 70 -0.99 8.34 -12.67
CA GLN A 70 0.30 7.84 -13.20
C GLN A 70 1.08 7.07 -12.11
N ARG A 71 1.21 7.66 -10.91
CA ARG A 71 1.80 7.06 -9.70
C ARG A 71 1.17 5.72 -9.35
N HIS A 72 -0.15 5.69 -9.17
CA HIS A 72 -0.86 4.50 -8.69
C HIS A 72 -0.75 3.37 -9.73
N ARG A 73 -0.96 3.71 -11.01
CA ARG A 73 -0.73 2.82 -12.15
C ARG A 73 0.70 2.28 -12.20
N LEU A 74 1.72 3.10 -11.85
CA LEU A 74 3.10 2.64 -11.68
C LEU A 74 3.27 1.67 -10.52
N VAL A 75 2.62 1.85 -9.37
CA VAL A 75 2.64 0.81 -8.31
C VAL A 75 2.02 -0.51 -8.80
N HIS A 76 0.95 -0.40 -9.60
CA HIS A 76 0.16 -1.54 -10.07
C HIS A 76 0.83 -2.29 -11.23
N ALA A 77 1.69 -1.63 -12.01
CA ALA A 77 2.58 -2.24 -12.99
C ALA A 77 3.92 -2.67 -12.39
N ALA A 78 4.68 -1.71 -11.84
CA ALA A 78 6.06 -1.93 -11.39
C ALA A 78 6.13 -2.64 -10.03
N LEU A 79 5.18 -2.46 -9.10
CA LEU A 79 5.23 -3.17 -7.81
C LEU A 79 4.33 -4.40 -7.79
N ALA A 80 3.82 -4.87 -8.93
CA ALA A 80 2.70 -5.79 -8.95
C ALA A 80 2.93 -7.10 -8.19
N GLU A 81 4.10 -7.73 -8.30
CA GLU A 81 4.34 -8.99 -7.60
C GLU A 81 4.80 -8.77 -6.15
N GLU A 82 5.24 -7.57 -5.82
CA GLU A 82 5.77 -7.15 -4.55
C GLU A 82 4.65 -6.64 -3.62
N LEU A 83 3.73 -5.81 -4.12
CA LEU A 83 2.55 -5.35 -3.37
C LEU A 83 1.28 -6.11 -3.73
N GLY A 84 1.08 -6.48 -5.01
CA GLY A 84 -0.05 -7.32 -5.39
C GLY A 84 0.28 -8.80 -5.16
N GLY A 85 1.37 -9.07 -4.46
CA GLY A 85 1.83 -10.42 -4.17
C GLY A 85 0.88 -11.18 -3.24
N PRO A 86 0.71 -10.74 -1.98
CA PRO A 86 0.02 -11.53 -0.96
C PRO A 86 -1.45 -11.12 -0.71
N VAL A 87 -1.89 -9.93 -1.15
CA VAL A 87 -3.26 -9.43 -1.09
C VAL A 87 -4.05 -9.92 -2.32
N HIS A 88 -5.35 -10.19 -2.18
CA HIS A 88 -6.21 -10.70 -3.27
C HIS A 88 -6.97 -9.57 -3.98
N ALA A 89 -7.22 -8.45 -3.28
CA ALA A 89 -7.46 -7.14 -3.88
C ALA A 89 -6.91 -6.01 -3.01
N LEU A 90 -6.70 -4.84 -3.62
CA LEU A 90 -6.28 -3.63 -2.94
C LEU A 90 -6.75 -2.31 -3.58
N ALA A 91 -6.68 -1.24 -2.79
CA ALA A 91 -6.61 0.15 -3.22
C ALA A 91 -5.51 0.88 -2.41
N ILE A 92 -4.77 1.78 -3.05
CA ILE A 92 -3.69 2.56 -2.43
C ILE A 92 -3.98 4.07 -2.43
N GLN A 93 -3.33 4.77 -1.50
CA GLN A 93 -3.20 6.23 -1.44
C GLN A 93 -1.72 6.56 -1.21
N ALA A 94 -0.99 6.86 -2.29
CA ALA A 94 0.47 6.91 -2.30
C ALA A 94 1.03 8.33 -2.50
N ARG A 95 1.87 8.76 -1.54
CA ARG A 95 2.17 10.16 -1.24
C ARG A 95 3.65 10.40 -0.93
N THR A 96 4.03 11.67 -0.81
CA THR A 96 5.40 12.15 -0.53
C THR A 96 5.57 12.71 0.90
N PRO A 97 6.75 12.52 1.53
CA PRO A 97 6.89 12.58 2.98
C PRO A 97 6.45 13.91 3.56
N ALA A 98 6.98 15.04 3.09
CA ALA A 98 6.60 16.34 3.65
C ALA A 98 5.11 16.71 3.43
N GLN A 99 4.44 16.12 2.44
CA GLN A 99 2.99 16.30 2.25
C GLN A 99 2.19 15.45 3.24
N TRP A 100 2.66 14.23 3.59
CA TRP A 100 2.14 13.53 4.79
C TRP A 100 2.34 14.38 6.04
N ARG A 101 3.52 15.01 6.18
CA ARG A 101 3.88 15.81 7.36
C ARG A 101 2.98 17.04 7.54
N GLU A 102 2.60 17.69 6.45
CA GLU A 102 1.74 18.87 6.45
C GLU A 102 0.24 18.54 6.53
N ASN A 103 -0.30 17.76 5.59
CA ASN A 103 -1.76 17.67 5.34
C ASN A 103 -2.30 16.27 5.00
N SER A 104 -1.44 15.34 4.55
CA SER A 104 -1.85 14.13 3.79
C SER A 104 -2.57 14.48 2.48
N PRO A 17 1.62 -12.46 7.69
CA PRO A 17 0.43 -11.81 7.16
C PRO A 17 0.81 -10.73 6.15
N VAL A 18 -0.06 -10.45 5.16
CA VAL A 18 0.25 -9.57 4.02
C VAL A 18 0.69 -8.17 4.44
N GLU A 19 0.22 -7.68 5.58
CA GLU A 19 0.41 -6.29 6.02
C GLU A 19 1.80 -6.05 6.65
N ALA A 20 2.28 -7.04 7.41
CA ALA A 20 3.65 -7.13 7.87
C ALA A 20 4.61 -7.38 6.68
N ALA A 21 4.21 -8.28 5.77
CA ALA A 21 5.01 -8.61 4.60
C ALA A 21 5.20 -7.39 3.69
N ILE A 22 4.14 -6.66 3.36
CA ILE A 22 4.22 -5.45 2.52
C ILE A 22 4.98 -4.34 3.25
N ARG A 23 4.73 -4.13 4.55
CA ARG A 23 5.55 -3.24 5.42
C ARG A 23 7.04 -3.46 5.14
N THR A 24 7.52 -4.68 5.31
CA THR A 24 8.96 -4.97 5.13
C THR A 24 9.43 -4.95 3.66
N LYS A 25 8.66 -5.52 2.72
CA LYS A 25 9.02 -5.50 1.28
C LYS A 25 9.08 -4.08 0.71
N LEU A 26 8.20 -3.17 1.13
CA LEU A 26 8.17 -1.79 0.65
C LEU A 26 9.17 -0.88 1.37
N GLU A 27 9.49 -1.15 2.65
CA GLU A 27 10.70 -0.63 3.27
C GLU A 27 11.94 -0.96 2.42
N GLU A 28 12.06 -2.21 1.97
CA GLU A 28 13.15 -2.67 1.13
C GLU A 28 13.12 -2.05 -0.29
N ALA A 29 11.92 -1.81 -0.84
CA ALA A 29 11.75 -1.35 -2.22
C ALA A 29 11.93 0.16 -2.44
N LEU A 30 11.25 1.03 -1.67
CA LEU A 30 11.07 2.44 -2.03
C LEU A 30 11.35 3.45 -0.91
N SER A 31 11.98 2.97 0.16
CA SER A 31 12.50 3.77 1.28
C SER A 31 11.47 4.81 1.80
N PRO A 32 10.32 4.32 2.32
CA PRO A 32 9.24 5.16 2.86
C PRO A 32 9.65 5.94 4.11
N GLU A 33 9.03 7.10 4.32
CA GLU A 33 8.93 7.77 5.61
C GLU A 33 7.77 7.21 6.45
N VAL A 34 6.69 6.78 5.78
CA VAL A 34 5.40 6.54 6.43
C VAL A 34 4.62 5.36 5.85
N LEU A 35 3.90 4.65 6.73
CA LEU A 35 3.25 3.37 6.42
C LEU A 35 2.07 3.12 7.39
N GLU A 36 0.83 3.16 6.89
CA GLU A 36 -0.39 2.88 7.67
C GLU A 36 -1.44 2.15 6.83
N LEU A 37 -1.86 0.97 7.27
CA LEU A 37 -2.62 0.03 6.43
C LEU A 37 -3.58 -0.91 7.20
N ARG A 38 -4.50 -1.58 6.49
CA ARG A 38 -5.61 -2.36 7.05
C ARG A 38 -5.97 -3.52 6.14
N ASN A 39 -6.34 -4.67 6.70
CA ASN A 39 -7.12 -5.66 6.00
C ASN A 39 -8.63 -5.41 6.21
N GLU A 40 -9.34 -5.31 5.09
CA GLU A 40 -10.68 -4.72 4.99
C GLU A 40 -11.79 -5.79 4.94
N SER A 41 -11.41 -7.05 4.75
CA SER A 41 -12.32 -8.15 4.47
C SER A 41 -13.34 -8.49 5.57
N GLY A 42 -13.15 -8.00 6.80
CA GLY A 42 -14.20 -8.01 7.82
C GLY A 42 -15.41 -7.10 7.52
N GLY A 43 -15.34 -6.26 6.47
CA GLY A 43 -16.49 -5.58 5.86
C GLY A 43 -17.29 -6.44 4.86
N HIS A 44 -16.96 -7.73 4.75
CA HIS A 44 -17.57 -8.71 3.84
C HIS A 44 -17.97 -9.98 4.62
N ALA A 45 -18.93 -10.74 4.10
CA ALA A 45 -19.49 -11.92 4.76
C ALA A 45 -18.62 -13.18 4.53
N VAL A 46 -17.36 -13.12 4.99
CA VAL A 46 -16.28 -14.09 4.75
C VAL A 46 -16.00 -14.96 5.98
N PRO A 47 -15.35 -16.13 5.85
CA PRO A 47 -14.95 -16.94 7.00
C PRO A 47 -14.07 -16.19 8.01
N PRO A 48 -14.14 -16.49 9.32
CA PRO A 48 -13.37 -15.77 10.34
C PRO A 48 -11.87 -15.82 10.06
N GLY A 49 -11.21 -14.65 10.12
CA GLY A 49 -9.81 -14.46 9.78
C GLY A 49 -9.45 -14.50 8.28
N SER A 50 -10.42 -14.74 7.38
CA SER A 50 -10.19 -14.74 5.93
C SER A 50 -9.86 -13.33 5.44
N GLU A 51 -8.76 -13.25 4.73
CA GLU A 51 -8.03 -12.03 4.37
C GLU A 51 -8.09 -11.83 2.85
N THR A 52 -9.25 -11.43 2.34
CA THR A 52 -9.53 -11.31 0.90
C THR A 52 -9.16 -9.92 0.36
N HIS A 53 -9.11 -8.91 1.23
CA HIS A 53 -9.35 -7.52 0.88
C HIS A 53 -8.39 -6.61 1.66
N PHE A 54 -7.69 -5.71 0.98
CA PHE A 54 -6.60 -4.93 1.60
C PHE A 54 -6.59 -3.45 1.22
N ARG A 55 -6.24 -2.56 2.18
CA ARG A 55 -6.12 -1.12 1.96
C ARG A 55 -4.83 -0.57 2.57
N VAL A 56 -4.11 0.28 1.83
CA VAL A 56 -2.80 0.81 2.26
C VAL A 56 -2.71 2.34 2.13
N ALA A 57 -1.95 2.96 3.03
CA ALA A 57 -1.34 4.27 2.83
C ALA A 57 0.20 4.13 2.90
N VAL A 58 0.89 4.49 1.81
CA VAL A 58 2.35 4.46 1.67
C VAL A 58 2.86 5.85 1.33
N VAL A 59 3.79 6.38 2.12
CA VAL A 59 4.29 7.74 1.91
C VAL A 59 5.82 7.78 1.90
N SER A 60 6.38 8.34 0.83
CA SER A 60 7.83 8.32 0.54
C SER A 60 8.28 9.61 -0.16
N SER A 61 9.55 9.98 0.02
CA SER A 61 10.15 11.12 -0.69
C SER A 61 10.20 10.91 -2.21
N ARG A 62 10.26 9.64 -2.64
CA ARG A 62 10.23 9.16 -4.04
C ARG A 62 8.96 9.51 -4.84
N PHE A 63 7.86 9.89 -4.18
CA PHE A 63 6.55 10.08 -4.82
C PHE A 63 6.26 11.54 -5.23
N GLU A 64 7.29 12.38 -5.36
CA GLU A 64 7.16 13.80 -5.72
C GLU A 64 7.06 14.08 -7.24
N GLY A 65 5.90 14.57 -7.70
CA GLY A 65 5.78 15.35 -8.95
C GLY A 65 5.43 14.54 -10.21
N LEU A 66 5.45 13.21 -10.11
CA LEU A 66 4.74 12.28 -10.98
C LEU A 66 3.21 12.45 -10.92
N SER A 67 2.49 11.84 -11.87
CA SER A 67 1.03 11.74 -11.90
C SER A 67 0.47 10.68 -10.91
N PRO A 68 -0.83 10.74 -10.53
CA PRO A 68 -1.50 9.67 -9.80
C PRO A 68 -1.52 8.32 -10.54
N LEU A 69 -1.86 8.31 -11.84
CA LEU A 69 -1.81 7.09 -12.67
C LEU A 69 -0.38 6.59 -12.83
N GLN A 70 0.58 7.51 -13.02
CA GLN A 70 2.02 7.22 -13.14
C GLN A 70 2.54 6.55 -11.87
N ARG A 71 2.30 7.14 -10.68
CA ARG A 71 2.77 6.57 -9.40
C ARG A 71 2.13 5.21 -9.08
N HIS A 72 0.81 5.09 -9.27
CA HIS A 72 0.12 3.80 -9.09
C HIS A 72 0.68 2.74 -10.06
N ARG A 73 0.69 3.01 -11.37
CA ARG A 73 1.19 2.07 -12.38
C ARG A 73 2.65 1.66 -12.17
N LEU A 74 3.52 2.59 -11.76
CA LEU A 74 4.90 2.28 -11.41
C LEU A 74 4.99 1.33 -10.20
N VAL A 75 4.35 1.66 -9.08
CA VAL A 75 4.34 0.80 -7.86
C VAL A 75 3.72 -0.58 -8.13
N HIS A 76 2.72 -0.64 -9.00
CA HIS A 76 1.99 -1.86 -9.36
C HIS A 76 2.79 -2.74 -10.32
N ALA A 77 3.42 -2.18 -11.36
CA ALA A 77 4.24 -2.94 -12.31
C ALA A 77 5.58 -3.37 -11.70
N ALA A 78 6.09 -2.61 -10.71
CA ALA A 78 7.31 -2.97 -9.96
C ALA A 78 7.05 -3.92 -8.79
N LEU A 79 6.00 -3.71 -7.97
CA LEU A 79 5.82 -4.50 -6.74
C LEU A 79 4.67 -5.52 -6.78
N ALA A 80 4.13 -5.90 -7.95
CA ALA A 80 2.85 -6.61 -8.06
C ALA A 80 2.59 -7.74 -7.05
N GLU A 81 3.46 -8.75 -7.01
CA GLU A 81 3.29 -9.92 -6.15
C GLU A 81 3.45 -9.58 -4.65
N GLU A 82 4.19 -8.51 -4.36
CA GLU A 82 4.62 -8.05 -3.06
C GLU A 82 3.56 -7.11 -2.44
N LEU A 83 2.89 -6.33 -3.28
CA LEU A 83 1.76 -5.47 -2.99
C LEU A 83 0.46 -6.26 -2.78
N GLY A 84 0.18 -7.17 -3.73
CA GLY A 84 -1.20 -7.60 -4.00
C GLY A 84 -1.34 -8.99 -4.60
N GLY A 85 -0.23 -9.74 -4.68
CA GLY A 85 -0.21 -11.14 -5.10
C GLY A 85 -1.17 -12.06 -4.32
N PRO A 86 -1.17 -12.05 -2.97
CA PRO A 86 -1.87 -13.06 -2.19
C PRO A 86 -3.38 -12.81 -1.97
N VAL A 87 -3.86 -11.57 -2.10
CA VAL A 87 -5.22 -11.13 -1.81
C VAL A 87 -6.14 -11.19 -3.02
N HIS A 88 -7.45 -11.36 -2.82
CA HIS A 88 -8.44 -11.26 -3.90
C HIS A 88 -8.56 -9.82 -4.44
N ALA A 89 -8.48 -8.81 -3.56
CA ALA A 89 -8.68 -7.40 -3.87
C ALA A 89 -7.84 -6.45 -3.00
N LEU A 90 -7.41 -5.31 -3.56
CA LEU A 90 -6.79 -4.22 -2.81
C LEU A 90 -6.81 -2.83 -3.46
N ALA A 91 -6.69 -1.78 -2.63
CA ALA A 91 -6.40 -0.40 -3.05
C ALA A 91 -5.35 0.34 -2.17
N ILE A 92 -4.49 1.15 -2.81
CA ILE A 92 -3.49 2.01 -2.15
C ILE A 92 -3.84 3.50 -2.24
N GLN A 93 -3.28 4.30 -1.34
CA GLN A 93 -2.88 5.69 -1.62
C GLN A 93 -1.36 5.85 -1.50
N ALA A 94 -0.75 6.65 -2.37
CA ALA A 94 0.70 6.86 -2.46
C ALA A 94 1.02 8.37 -2.41
N ARG A 95 1.71 8.84 -1.36
CA ARG A 95 1.83 10.28 -1.02
C ARG A 95 3.23 10.70 -0.51
N THR A 96 3.40 11.96 -0.12
CA THR A 96 4.72 12.55 0.19
C THR A 96 4.87 13.05 1.63
N PRO A 97 6.09 13.08 2.21
CA PRO A 97 6.28 13.44 3.61
C PRO A 97 5.91 14.90 3.88
N ALA A 98 6.32 15.85 3.05
CA ALA A 98 6.09 17.28 3.31
C ALA A 98 4.60 17.63 3.51
N GLN A 99 3.69 16.93 2.84
CA GLN A 99 2.24 17.00 3.05
C GLN A 99 1.70 16.06 4.15
N TRP A 100 2.29 14.87 4.38
CA TRP A 100 1.97 14.07 5.60
C TRP A 100 2.20 14.88 6.88
N ARG A 101 3.18 15.77 6.83
CA ARG A 101 3.59 16.60 7.98
C ARG A 101 2.52 17.62 8.36
N GLU A 102 1.57 17.92 7.45
CA GLU A 102 0.28 18.51 7.78
C GLU A 102 -0.83 17.44 8.00
N ASN A 103 -1.29 16.79 6.92
CA ASN A 103 -1.87 15.42 6.89
C ASN A 103 -1.79 14.86 5.45
N SER A 104 -2.16 15.73 4.50
CA SER A 104 -2.28 15.48 3.06
C SER A 104 -2.33 16.81 2.29
#